data_6AVG
#
_entry.id   6AVG
#
_cell.length_a   66.805
_cell.length_b   74.863
_cell.length_c   96.276
_cell.angle_alpha   94.22
_cell.angle_beta   97.88
_cell.angle_gamma   90.16
#
_symmetry.space_group_name_H-M   'P 1'
#
loop_
_entity.id
_entity.type
_entity.pdbx_description
1 polymer Beta-2-microglobulin
2 polymer 'T-cell receptor alpha variable 4,TCR alpha chain'
3 polymer 'T-cell receptor beta variable 9,TCR beta chain'
4 polymer 'HLA class I histocompatibility antigen, B-7 alpha chain'
5 polymer ALA-PRO-ARG-GLY-PRO-HIS-GLY-GLY-ALA-ALA-SER-GLY-LEU
6 water water
#
loop_
_entity_poly.entity_id
_entity_poly.type
_entity_poly.pdbx_seq_one_letter_code
_entity_poly.pdbx_strand_id
1 'polypeptide(L)'
;LSLSGLEAIQRTPKIQVYSRHPAENGKSNFLNCYVSGFHPSDIEVDLLKNGERIEKVEHSDLSFSKDWSFYLLYYTEFTP
TEKDEYACRVNHVTLSQPKIVKWDRDM
;
H,A
2 'polypeptide(L)'
;MLAKTTQPISMDSYEGQEVNITCSHNNIATNDYITWYQQFPSQGPRFIIQGYKTKVTNEVASLFIPADRKSSTLSLPRVS
LSDTAVYYCLVVDQKLVFGTGTRLLVSPNIQNPDPAVYQLRDSKSSDKSVCLFTDFDSQTNVSQSKDSDVYITDKCVLDM
RSMDFKSNSAVAWSNKSDFACANAFNNSIIPEDTFFPSPESS
;
C,B
3 'polypeptide(L)'
;MDSGVTQTPKHLITATGQRVTLRCSPRSGDLSVYWYQQSLDQGLQFLIQYYNGEERAKGNILERFSAQQFPDLHSELNLS
SLELGDSALYFCASSGGHTGSNEQFFGPGTRLTVLEDLKNVFPPEVAVFEPSEAEISHTQKATLVCLATGFYPDHVELSW
WVNGKEVHSGVCTDPQPLKEQPALNDSRYALSSRLRVSATFWQNPRNHFRCQVQFYGLSENDEWTQDRAKPVTQIVSAEA
WGRAD
;
D,E
4 'polypeptide(L)'
;MLVMAPRTVLLLLSAALALTETWAGSHSMRYFYTSVSRPGRGEPRFISVGYVDDTQFVRFDSDAASPREEPRAPWIEQEG
PEYWDRNTQIYKAQAQTDRESLRNLRGYYNQSEAGSHTLQSMYGCDVGPDGRLLRGHDQYAYDGKDYIALNEDLRSWTAA
DTAAQITQRKWEAAREAEQRRAYLEGECVEWLRRYLENGKDKLERADPPKTHVTHHPISDHEATLRCWALGFYPAEITLT
WQRDGEDQTQDTELVETRPAGDRTFQKWAAVVVPSGEEQRYTCHVQHEGLPKPLTLRWEPSSQSTVPIVGIVAGLAVLAV
VVIGAVVAAVMCRRKSSGGKGGSYSQAACSDSAQGSDVSLTA
;
G,F
5 'polypeptide(L)' APRGPHGGAASGL Q,P
#
# COMPACT_ATOMS: atom_id res chain seq x y z
N ILE A 9 19.11 34.12 33.64
CA ILE A 9 19.96 34.98 34.47
C ILE A 9 19.90 36.46 34.04
N GLN A 10 19.28 37.32 34.85
CA GLN A 10 18.47 36.99 36.03
C GLN A 10 17.39 38.04 36.17
N ARG A 11 16.13 37.66 36.05
CA ARG A 11 15.03 38.63 36.10
C ARG A 11 14.07 38.47 37.27
N THR A 12 13.72 39.62 37.85
CA THR A 12 12.83 39.71 39.00
C THR A 12 11.37 39.56 38.58
N PRO A 13 10.58 38.79 39.34
CA PRO A 13 9.16 38.60 39.03
C PRO A 13 8.32 39.85 39.17
N LYS A 14 7.40 40.05 38.22
CA LYS A 14 6.37 41.07 38.30
C LYS A 14 5.08 40.40 38.76
N ILE A 15 4.42 41.01 39.74
CA ILE A 15 3.34 40.35 40.46
C ILE A 15 2.01 41.08 40.39
N GLN A 16 0.95 40.37 40.02
CA GLN A 16 -0.38 40.95 40.05
C GLN A 16 -1.36 40.05 40.80
N VAL A 17 -2.01 40.60 41.82
CA VAL A 17 -3.06 39.86 42.52
C VAL A 17 -4.42 40.43 42.16
N TYR A 18 -5.35 39.55 41.81
CA TYR A 18 -6.65 40.00 41.32
C TYR A 18 -7.65 38.86 41.29
N SER A 19 -8.93 39.19 41.09
CA SER A 19 -9.97 38.18 40.95
C SER A 19 -10.34 37.96 39.48
N ARG A 20 -10.75 36.75 39.14
CA ARG A 20 -11.17 36.42 37.77
C ARG A 20 -12.36 37.28 37.37
N HIS A 21 -13.33 37.40 38.27
CA HIS A 21 -14.52 38.22 38.05
C HIS A 21 -14.51 39.36 39.05
N PRO A 22 -15.28 40.43 38.77
CA PRO A 22 -15.40 41.51 39.75
C PRO A 22 -15.93 40.99 41.10
N ALA A 23 -15.24 41.34 42.17
CA ALA A 23 -15.52 40.78 43.49
C ALA A 23 -16.86 41.21 44.09
N GLU A 24 -17.71 40.24 44.43
CA GLU A 24 -18.89 40.53 45.24
C GLU A 24 -19.01 39.54 46.39
N ASN A 25 -19.21 40.08 47.59
CA ASN A 25 -19.29 39.29 48.81
C ASN A 25 -20.41 38.27 48.80
N GLY A 26 -20.09 37.04 49.16
CA GLY A 26 -21.05 35.95 49.18
C GLY A 26 -21.06 35.13 47.90
N LYS A 27 -20.53 35.70 46.82
CA LYS A 27 -20.49 35.00 45.54
C LYS A 27 -19.08 34.46 45.23
N SER A 28 -19.02 33.20 44.82
CA SER A 28 -17.74 32.54 44.57
C SER A 28 -16.99 33.09 43.36
N ASN A 29 -15.67 33.03 43.46
CA ASN A 29 -14.76 33.60 42.48
C ASN A 29 -13.43 32.85 42.50
N PHE A 30 -12.47 33.35 41.73
CA PHE A 30 -11.14 32.79 41.71
C PHE A 30 -10.11 33.86 42.01
N LEU A 31 -9.19 33.53 42.91
CA LEU A 31 -8.11 34.43 43.27
C LEU A 31 -6.89 34.08 42.48
N ASN A 32 -6.45 35.04 41.67
CA ASN A 32 -5.29 34.91 40.79
C ASN A 32 -4.10 35.67 41.34
N CYS A 33 -2.94 35.03 41.25
CA CYS A 33 -1.67 35.70 41.40
C CYS A 33 -0.87 35.38 40.15
N TYR A 34 -0.65 36.41 39.35
CA TYR A 34 0.07 36.27 38.09
C TYR A 34 1.48 36.77 38.27
N VAL A 35 2.44 35.86 38.17
CA VAL A 35 3.84 36.23 38.23
C VAL A 35 4.41 36.11 36.83
N SER A 36 5.18 37.11 36.39
CA SER A 36 5.64 37.14 35.01
C SER A 36 6.92 37.93 34.88
N GLY A 37 7.67 37.68 33.80
CA GLY A 37 8.86 38.47 33.53
C GLY A 37 10.09 38.00 34.28
N PHE A 38 10.05 36.80 34.85
CA PHE A 38 11.15 36.35 35.67
C PHE A 38 12.00 35.26 35.01
N HIS A 39 13.24 35.14 35.49
CA HIS A 39 14.18 34.15 35.01
C HIS A 39 15.28 34.01 36.07
N PRO A 40 15.63 32.77 36.45
CA PRO A 40 15.16 31.45 35.99
C PRO A 40 13.75 31.08 36.43
N SER A 41 13.32 29.88 36.06
CA SER A 41 11.93 29.46 36.20
C SER A 41 11.53 29.08 37.63
N ASP A 42 12.47 28.54 38.41
CA ASP A 42 12.19 28.14 39.79
C ASP A 42 11.62 29.31 40.59
N ILE A 43 10.46 29.08 41.20
CA ILE A 43 9.76 30.14 41.92
C ILE A 43 8.77 29.57 42.93
N GLU A 44 8.62 30.25 44.07
CA GLU A 44 7.67 29.80 45.08
C GLU A 44 6.53 30.80 45.21
N VAL A 45 5.30 30.34 45.03
CA VAL A 45 4.15 31.23 45.12
C VAL A 45 3.05 30.65 45.99
N ASP A 46 2.69 31.37 47.04
CA ASP A 46 1.56 30.99 47.89
C ASP A 46 0.45 32.03 47.82
N LEU A 47 -0.78 31.57 47.93
CA LEU A 47 -1.88 32.49 48.18
C LEU A 47 -2.20 32.48 49.67
N LEU A 48 -2.42 33.67 50.23
CA LEU A 48 -2.65 33.82 51.65
C LEU A 48 -4.08 34.27 51.96
N LYS A 49 -4.66 33.64 52.97
CA LYS A 49 -5.90 34.10 53.57
C LYS A 49 -5.60 34.53 55.01
N ASN A 50 -5.80 35.81 55.29
CA ASN A 50 -5.48 36.39 56.59
C ASN A 50 -4.09 36.01 57.09
N GLY A 51 -3.14 35.89 56.15
CA GLY A 51 -1.74 35.70 56.48
C GLY A 51 -1.21 34.28 56.34
N GLU A 52 -2.09 33.29 56.26
CA GLU A 52 -1.66 31.90 56.14
C GLU A 52 -1.90 31.31 54.76
N ARG A 53 -1.06 30.37 54.36
CA ARG A 53 -1.10 29.83 53.01
C ARG A 53 -2.33 28.96 52.77
N ILE A 54 -2.95 29.16 51.63
CA ILE A 54 -4.10 28.37 51.20
C ILE A 54 -3.61 27.04 50.64
N GLU A 55 -4.37 25.97 50.88
CA GLU A 55 -3.98 24.63 50.48
C GLU A 55 -4.27 24.37 49.01
N LYS A 56 -5.50 24.66 48.59
CA LYS A 56 -5.94 24.33 47.25
C LYS A 56 -5.59 25.45 46.29
N VAL A 57 -4.35 25.46 45.83
CA VAL A 57 -3.89 26.44 44.89
C VAL A 57 -3.29 25.72 43.70
N GLU A 58 -3.92 25.88 42.56
CA GLU A 58 -3.43 25.28 41.33
C GLU A 58 -2.59 26.29 40.57
N HIS A 59 -1.95 25.86 39.49
CA HIS A 59 -1.24 26.81 38.65
C HIS A 59 -1.15 26.32 37.20
N SER A 60 -1.10 27.28 36.28
CA SER A 60 -0.98 26.99 34.86
C SER A 60 0.34 26.31 34.54
N ASP A 61 0.50 25.90 33.28
CA ASP A 61 1.72 25.24 32.85
C ASP A 61 2.78 26.25 32.49
N LEU A 62 4.02 25.96 32.88
CA LEU A 62 5.12 26.90 32.72
C LEU A 62 5.35 27.29 31.27
N SER A 63 5.31 28.60 31.00
CA SER A 63 5.53 29.12 29.66
C SER A 63 6.36 30.39 29.73
N PHE A 64 6.65 30.98 28.58
CA PHE A 64 7.46 32.20 28.59
C PHE A 64 7.13 33.12 27.42
N SER A 65 7.51 34.39 27.58
CA SER A 65 7.23 35.43 26.60
C SER A 65 8.31 35.47 25.53
N LYS A 66 8.16 36.41 24.60
CA LYS A 66 9.08 36.54 23.48
C LYS A 66 10.46 37.05 23.91
N ASP A 67 10.57 37.47 25.17
CA ASP A 67 11.87 37.89 25.71
C ASP A 67 12.47 36.79 26.57
N TRP A 68 11.88 35.60 26.46
CA TRP A 68 12.31 34.37 27.13
C TRP A 68 11.98 34.33 28.62
N SER A 69 11.33 35.38 29.12
CA SER A 69 10.98 35.44 30.54
C SER A 69 9.72 34.64 30.82
N PHE A 70 9.71 33.92 31.94
CA PHE A 70 8.62 33.01 32.29
C PHE A 70 7.39 33.71 32.85
N TYR A 71 6.25 33.05 32.76
CA TYR A 71 5.03 33.53 33.42
C TYR A 71 4.18 32.37 33.90
N LEU A 72 3.52 32.57 35.04
CA LEU A 72 2.68 31.58 35.68
C LEU A 72 1.49 32.23 36.34
N LEU A 73 0.37 31.52 36.30
CA LEU A 73 -0.83 31.96 37.00
C LEU A 73 -1.16 30.98 38.11
N TYR A 74 -1.11 31.45 39.35
CA TYR A 74 -1.55 30.65 40.47
C TYR A 74 -2.97 31.07 40.80
N TYR A 75 -3.83 30.13 41.15
CA TYR A 75 -5.21 30.51 41.45
C TYR A 75 -5.87 29.58 42.44
N THR A 76 -6.96 30.06 43.03
CA THR A 76 -7.72 29.25 43.97
C THR A 76 -9.18 29.69 43.97
N GLU A 77 -10.08 28.75 44.23
CA GLU A 77 -11.49 29.08 44.34
C GLU A 77 -11.80 29.56 45.73
N PHE A 78 -12.53 30.67 45.84
CA PHE A 78 -12.82 31.25 47.15
C PHE A 78 -14.10 32.07 47.06
N THR A 79 -14.69 32.43 48.19
CA THR A 79 -15.74 33.44 48.19
C THR A 79 -15.29 34.65 48.99
N PRO A 80 -15.21 35.82 48.32
CA PRO A 80 -14.73 37.03 48.99
C PRO A 80 -15.63 37.49 50.12
N THR A 81 -15.07 38.24 51.05
CA THR A 81 -15.79 38.69 52.23
C THR A 81 -15.21 40.03 52.67
N GLU A 82 -16.09 40.95 53.07
CA GLU A 82 -15.71 42.22 53.69
C GLU A 82 -14.45 42.13 54.55
N LYS A 83 -14.48 41.22 55.52
CA LYS A 83 -13.43 41.15 56.55
C LYS A 83 -12.19 40.33 56.15
N ASP A 84 -12.35 39.39 55.22
CA ASP A 84 -11.23 38.50 54.87
C ASP A 84 -10.18 39.20 54.02
N GLU A 85 -8.92 38.94 54.33
CA GLU A 85 -7.80 39.60 53.65
C GLU A 85 -6.94 38.59 52.90
N TYR A 86 -6.84 38.76 51.59
CA TYR A 86 -6.06 37.84 50.77
C TYR A 86 -4.81 38.50 50.23
N ALA A 87 -3.74 37.71 50.09
CA ALA A 87 -2.50 38.23 49.54
C ALA A 87 -1.78 37.18 48.72
N CYS A 88 -0.71 37.59 48.04
CA CYS A 88 0.15 36.66 47.33
C CYS A 88 1.56 36.79 47.87
N ARG A 89 2.21 35.65 48.11
CA ARG A 89 3.56 35.64 48.64
C ARG A 89 4.50 34.97 47.65
N VAL A 90 5.50 35.70 47.19
CA VAL A 90 6.38 35.22 46.12
C VAL A 90 7.84 35.22 46.55
N ASN A 91 8.51 34.08 46.35
CA ASN A 91 9.94 33.98 46.54
C ASN A 91 10.63 33.56 45.26
N HIS A 92 11.76 34.20 44.98
CA HIS A 92 12.53 33.95 43.77
C HIS A 92 13.99 34.27 44.05
N VAL A 93 14.88 33.68 43.26
CA VAL A 93 16.32 33.82 43.49
C VAL A 93 16.79 35.27 43.42
N THR A 94 16.00 36.14 42.78
CA THR A 94 16.35 37.55 42.67
C THR A 94 15.82 38.40 43.82
N LEU A 95 15.16 37.76 44.80
CA LEU A 95 14.56 38.50 45.89
C LEU A 95 15.29 38.30 47.22
N SER A 96 15.58 39.40 47.90
CA SER A 96 16.19 39.36 49.21
C SER A 96 15.32 38.56 50.15
N GLN A 97 14.06 38.96 50.21
CA GLN A 97 13.06 38.28 51.04
C GLN A 97 11.77 38.15 50.22
N PRO A 98 10.85 37.26 50.63
CA PRO A 98 9.56 37.13 49.95
C PRO A 98 8.80 38.43 49.80
N LYS A 99 8.26 38.67 48.61
CA LYS A 99 7.41 39.84 48.39
C LYS A 99 5.94 39.45 48.54
N ILE A 100 5.27 40.12 49.48
CA ILE A 100 3.84 39.95 49.70
C ILE A 100 3.06 41.11 49.09
N VAL A 101 2.09 40.79 48.25
CA VAL A 101 1.23 41.80 47.64
C VAL A 101 -0.22 41.55 48.01
N LYS A 102 -0.90 42.56 48.53
CA LYS A 102 -2.26 42.37 49.00
C LYS A 102 -3.25 42.47 47.85
N TRP A 103 -4.30 41.66 47.91
CA TRP A 103 -5.39 41.77 46.95
C TRP A 103 -6.21 43.02 47.24
N ASP A 104 -6.20 43.95 46.30
CA ASP A 104 -7.01 45.15 46.40
C ASP A 104 -8.11 45.02 45.34
N ARG A 105 -9.36 45.03 45.79
CA ARG A 105 -10.50 44.79 44.90
C ARG A 105 -10.60 45.74 43.72
N ASP A 106 -9.96 46.90 43.84
CA ASP A 106 -10.08 47.92 42.81
C ASP A 106 -8.91 47.91 41.85
N MET A 107 -8.05 46.90 41.98
CA MET A 107 -7.00 46.65 40.99
C MET A 107 -6.97 45.18 40.57
N ALA B 3 1.12 3.69 8.82
CA ALA B 3 0.68 3.22 7.51
C ALA B 3 1.58 2.11 6.99
N LYS B 4 1.28 1.62 5.81
CA LYS B 4 2.13 0.64 5.13
C LYS B 4 2.37 1.09 3.70
N THR B 5 3.32 0.44 3.04
CA THR B 5 3.65 0.78 1.67
C THR B 5 3.55 -0.46 0.79
N THR B 6 2.92 -0.30 -0.36
CA THR B 6 2.92 -1.35 -1.38
C THR B 6 3.65 -0.86 -2.61
N GLN B 7 4.64 -1.63 -3.05
CA GLN B 7 5.46 -1.26 -4.19
C GLN B 7 5.69 -2.51 -5.02
N PRO B 8 6.18 -2.35 -6.27
CA PRO B 8 6.41 -3.53 -7.09
C PRO B 8 7.35 -4.53 -6.43
N ILE B 9 7.10 -5.82 -6.64
CA ILE B 9 7.95 -6.84 -6.05
C ILE B 9 9.28 -6.85 -6.82
N SER B 10 9.19 -6.70 -8.13
CA SER B 10 10.39 -6.62 -8.96
C SER B 10 10.19 -5.76 -10.21
N MET B 11 11.30 -5.34 -10.79
CA MET B 11 11.29 -4.53 -12.00
C MET B 11 12.54 -4.84 -12.81
N ASP B 12 12.39 -4.89 -14.13
CA ASP B 12 13.52 -5.11 -15.02
C ASP B 12 13.88 -3.86 -15.79
N SER B 13 15.16 -3.76 -16.19
CA SER B 13 15.63 -2.60 -16.92
C SER B 13 16.97 -2.87 -17.61
N TYR B 14 17.21 -2.14 -18.69
CA TYR B 14 18.49 -2.16 -19.38
C TYR B 14 19.26 -0.91 -18.96
N GLU B 15 20.59 -0.97 -18.91
CA GLU B 15 21.36 0.21 -18.51
C GLU B 15 21.16 1.34 -19.50
N GLY B 16 21.14 2.56 -19.00
CA GLY B 16 20.92 3.73 -19.83
C GLY B 16 19.52 4.30 -19.73
N GLN B 17 18.58 3.49 -19.25
CA GLN B 17 17.19 3.92 -19.14
C GLN B 17 16.91 4.72 -17.86
N GLU B 18 15.79 5.43 -17.88
CA GLU B 18 15.18 5.98 -16.68
C GLU B 18 14.37 4.88 -16.01
N VAL B 19 14.50 4.76 -14.69
CA VAL B 19 13.71 3.77 -13.96
C VAL B 19 12.76 4.44 -12.99
N ASN B 20 11.46 4.19 -13.18
CA ASN B 20 10.47 4.79 -12.31
C ASN B 20 9.72 3.75 -11.48
N ILE B 21 9.97 3.76 -10.18
CA ILE B 21 9.33 2.85 -9.24
C ILE B 21 8.27 3.60 -8.43
N THR B 22 7.01 3.20 -8.59
CA THR B 22 5.94 3.88 -7.87
C THR B 22 5.56 3.13 -6.61
N CYS B 23 5.14 3.90 -5.61
CA CYS B 23 4.84 3.40 -4.29
C CYS B 23 3.44 3.89 -3.91
N SER B 24 2.67 3.00 -3.29
CA SER B 24 1.34 3.34 -2.83
C SER B 24 1.31 3.45 -1.31
N HIS B 25 0.70 4.52 -0.81
CA HIS B 25 0.49 4.72 0.62
C HIS B 25 -0.75 5.58 0.83
N ASN B 26 -1.92 4.95 0.70
CA ASN B 26 -3.19 5.66 0.78
C ASN B 26 -3.42 6.27 2.15
N ASN B 27 -2.90 5.61 3.19
CA ASN B 27 -3.11 6.06 4.56
C ASN B 27 -1.92 6.77 5.16
N ILE B 28 -1.14 7.44 4.31
CA ILE B 28 -0.01 8.24 4.79
C ILE B 28 -0.51 9.27 5.79
N ALA B 29 0.12 9.32 6.96
CA ALA B 29 -0.28 10.24 8.00
C ALA B 29 0.39 11.59 7.84
N THR B 30 -0.14 12.60 8.54
CA THR B 30 0.35 13.96 8.45
C THR B 30 1.85 14.09 8.76
N ASN B 31 2.32 13.29 9.71
CA ASN B 31 3.72 13.37 10.12
C ASN B 31 4.66 12.53 9.26
N ASP B 32 4.10 11.64 8.47
CA ASP B 32 4.91 10.73 7.65
C ASP B 32 5.64 11.46 6.52
N TYR B 33 6.91 11.12 6.33
CA TYR B 33 7.71 11.63 5.24
C TYR B 33 8.03 10.50 4.27
N ILE B 34 7.89 10.76 2.99
CA ILE B 34 8.13 9.73 1.97
C ILE B 34 9.62 9.55 1.79
N THR B 35 10.09 8.35 2.09
CA THR B 35 11.51 8.08 2.28
C THR B 35 11.91 6.87 1.47
N TRP B 36 13.06 6.94 0.80
CA TRP B 36 13.52 5.80 0.03
C TRP B 36 14.90 5.35 0.47
N TYR B 37 15.09 4.04 0.55
CA TYR B 37 16.39 3.47 0.89
C TYR B 37 16.84 2.46 -0.16
N GLN B 38 18.14 2.35 -0.38
CA GLN B 38 18.67 1.36 -1.30
C GLN B 38 19.46 0.32 -0.52
N GLN B 39 19.42 -0.92 -0.95
CA GLN B 39 20.20 -1.96 -0.30
C GLN B 39 20.76 -2.97 -1.29
N PHE B 40 22.09 -3.16 -1.22
CA PHE B 40 22.76 -4.26 -1.90
C PHE B 40 22.72 -5.49 -0.99
N PRO B 41 22.77 -6.70 -1.58
CA PRO B 41 22.54 -7.93 -0.82
C PRO B 41 23.47 -8.10 0.39
N SER B 42 22.87 -8.34 1.55
CA SER B 42 23.57 -8.50 2.81
C SER B 42 24.46 -7.31 3.18
N GLN B 43 24.12 -6.14 2.66
CA GLN B 43 24.81 -4.91 3.03
C GLN B 43 23.88 -3.92 3.72
N GLY B 44 24.45 -3.00 4.48
CA GLY B 44 23.69 -1.96 5.13
C GLY B 44 22.97 -1.06 4.14
N PRO B 45 21.65 -0.93 4.28
CA PRO B 45 20.86 -0.06 3.41
C PRO B 45 21.31 1.40 3.47
N ARG B 46 21.12 2.15 2.38
CA ARG B 46 21.51 3.56 2.33
C ARG B 46 20.36 4.48 1.95
N PHE B 47 20.27 5.59 2.67
CA PHE B 47 19.31 6.66 2.38
C PHE B 47 19.50 7.18 0.96
N ILE B 48 18.41 7.28 0.22
CA ILE B 48 18.45 7.83 -1.12
C ILE B 48 17.89 9.25 -1.16
N ILE B 49 16.63 9.38 -0.74
CA ILE B 49 15.92 10.64 -0.91
C ILE B 49 14.68 10.67 -0.01
N GLN B 50 14.21 11.88 0.30
CA GLN B 50 13.05 12.06 1.17
C GLN B 50 12.28 13.30 0.76
N GLY B 51 10.96 13.24 0.89
CA GLY B 51 10.12 14.37 0.52
C GLY B 51 8.81 14.38 1.27
N TYR B 52 8.11 15.52 1.23
CA TYR B 52 6.84 15.65 1.92
C TYR B 52 5.67 15.90 0.96
N LYS B 53 5.67 17.06 0.31
CA LYS B 53 4.57 17.44 -0.59
C LYS B 53 5.04 17.64 -2.02
N THR B 54 6.18 18.31 -2.16
CA THR B 54 6.64 18.75 -3.46
C THR B 54 7.71 17.82 -4.02
N LYS B 55 7.91 17.88 -5.33
CA LYS B 55 8.92 17.09 -6.01
C LYS B 55 10.32 17.39 -5.49
N VAL B 56 11.10 16.34 -5.25
CA VAL B 56 12.47 16.49 -4.78
C VAL B 56 13.47 15.87 -5.75
N THR B 57 14.52 16.62 -6.07
CA THR B 57 15.59 16.11 -6.92
C THR B 57 16.95 16.30 -6.25
N ASN B 58 17.69 15.21 -6.10
CA ASN B 58 19.06 15.31 -5.62
C ASN B 58 20.04 14.66 -6.57
N GLU B 59 21.26 14.44 -6.08
CA GLU B 59 22.36 13.94 -6.89
C GLU B 59 22.20 12.50 -7.36
N VAL B 60 21.25 11.77 -6.79
CA VAL B 60 21.14 10.34 -7.10
C VAL B 60 19.82 10.01 -7.81
N ALA B 61 18.76 10.74 -7.46
CA ALA B 61 17.44 10.39 -7.95
C ALA B 61 16.46 11.56 -7.85
N SER B 62 15.27 11.36 -8.41
CA SER B 62 14.17 12.29 -8.20
C SER B 62 13.04 11.56 -7.47
N LEU B 63 12.18 12.34 -6.82
CA LEU B 63 11.04 11.79 -6.10
C LEU B 63 9.81 12.64 -6.40
N PHE B 64 8.84 12.05 -7.10
CA PHE B 64 7.61 12.76 -7.42
C PHE B 64 6.55 12.47 -6.37
N ILE B 65 5.89 13.52 -5.90
CA ILE B 65 4.84 13.39 -4.90
C ILE B 65 3.58 14.17 -5.29
N PRO B 66 2.50 13.44 -5.62
CA PRO B 66 1.18 14.02 -5.91
C PRO B 66 0.61 14.79 -4.72
N ALA B 67 -0.36 15.68 -4.96
CA ALA B 67 -0.92 16.50 -3.90
C ALA B 67 -1.60 15.70 -2.79
N ASP B 68 -2.35 14.67 -3.16
CA ASP B 68 -2.96 13.75 -2.19
C ASP B 68 -1.94 13.15 -1.22
N ARG B 69 -0.70 12.96 -1.70
CA ARG B 69 0.36 12.24 -1.00
C ARG B 69 0.11 10.74 -0.89
N LYS B 70 -0.85 10.21 -1.64
CA LYS B 70 -1.20 8.81 -1.52
C LYS B 70 -0.25 7.91 -2.31
N SER B 71 0.53 8.52 -3.20
CA SER B 71 1.50 7.80 -4.01
C SER B 71 2.80 8.56 -4.09
N SER B 72 3.86 7.90 -4.57
CA SER B 72 5.11 8.60 -4.82
C SER B 72 5.92 7.82 -5.85
N THR B 73 6.78 8.50 -6.60
CA THR B 73 7.60 7.77 -7.57
C THR B 73 9.08 8.10 -7.48
N LEU B 74 9.89 7.08 -7.21
CA LEU B 74 11.34 7.18 -7.30
C LEU B 74 11.79 7.08 -8.76
N SER B 75 12.50 8.10 -9.22
CA SER B 75 12.93 8.16 -10.59
C SER B 75 14.45 8.21 -10.69
N LEU B 76 15.05 7.10 -11.13
CA LEU B 76 16.49 7.02 -11.33
C LEU B 76 16.81 7.42 -12.78
N PRO B 77 17.55 8.53 -12.96
CA PRO B 77 17.75 9.23 -14.23
C PRO B 77 18.38 8.39 -15.34
N ARG B 78 19.45 7.67 -15.00
N ARG B 78 19.43 7.64 -15.02
CA ARG B 78 20.17 6.83 -15.95
CA ARG B 78 20.11 6.81 -16.02
C ARG B 78 20.85 5.69 -15.23
C ARG B 78 20.87 5.67 -15.36
N VAL B 79 20.16 4.56 -15.14
CA VAL B 79 20.68 3.46 -14.34
C VAL B 79 21.83 2.74 -15.03
N SER B 80 22.68 2.11 -14.22
CA SER B 80 23.75 1.27 -14.72
C SER B 80 23.70 -0.05 -13.98
N LEU B 81 24.55 -1.00 -14.36
CA LEU B 81 24.57 -2.32 -13.73
C LEU B 81 24.77 -2.22 -12.22
N SER B 82 25.45 -1.16 -11.80
CA SER B 82 25.68 -0.87 -10.39
C SER B 82 24.40 -0.69 -9.59
N ASP B 83 23.29 -0.40 -10.29
CA ASP B 83 22.04 -0.04 -9.64
C ASP B 83 21.12 -1.24 -9.41
N THR B 84 21.60 -2.42 -9.77
CA THR B 84 20.89 -3.64 -9.42
C THR B 84 20.87 -3.78 -7.90
N ALA B 85 19.69 -3.60 -7.30
CA ALA B 85 19.57 -3.59 -5.84
C ALA B 85 18.12 -3.59 -5.39
N VAL B 86 17.88 -3.67 -4.09
CA VAL B 86 16.51 -3.56 -3.58
C VAL B 86 16.24 -2.13 -3.15
N TYR B 87 15.11 -1.58 -3.58
CA TYR B 87 14.73 -0.21 -3.24
C TYR B 87 13.48 -0.21 -2.36
N TYR B 88 13.62 0.39 -1.19
CA TYR B 88 12.56 0.43 -0.20
C TYR B 88 11.84 1.77 -0.20
N CYS B 89 10.52 1.71 -0.30
CA CYS B 89 9.66 2.85 -0.09
C CYS B 89 9.09 2.80 1.33
N LEU B 90 9.20 3.90 2.05
CA LEU B 90 8.71 3.98 3.42
C LEU B 90 7.99 5.30 3.66
N VAL B 91 7.00 5.28 4.54
CA VAL B 91 6.45 6.53 5.06
C VAL B 91 6.87 6.60 6.53
N VAL B 92 7.53 7.69 6.89
CA VAL B 92 8.31 7.66 8.13
C VAL B 92 8.04 8.82 9.08
N ASP B 93 7.80 8.48 10.34
CA ASP B 93 7.69 9.47 11.41
C ASP B 93 8.85 9.25 12.37
N GLN B 94 8.80 8.16 13.13
CA GLN B 94 9.92 7.80 14.00
C GLN B 94 10.64 6.54 13.54
N LYS B 95 9.90 5.46 13.37
CA LYS B 95 10.51 4.17 13.01
C LYS B 95 10.65 3.98 11.51
N LEU B 96 11.73 3.34 11.11
CA LEU B 96 11.85 2.83 9.75
C LEU B 96 11.22 1.44 9.69
N VAL B 97 10.05 1.35 9.06
CA VAL B 97 9.40 0.05 8.86
C VAL B 97 9.60 -0.40 7.42
N PHE B 98 10.46 -1.38 7.22
CA PHE B 98 10.81 -1.86 5.89
C PHE B 98 9.83 -2.90 5.39
N GLY B 99 9.30 -2.68 4.19
CA GLY B 99 8.53 -3.70 3.49
C GLY B 99 9.50 -4.63 2.78
N THR B 100 9.02 -5.32 1.75
CA THR B 100 9.88 -6.23 1.00
C THR B 100 10.74 -5.46 0.00
N GLY B 101 10.26 -4.29 -0.41
CA GLY B 101 10.95 -3.48 -1.38
C GLY B 101 10.86 -3.99 -2.80
N THR B 102 11.17 -3.12 -3.76
CA THR B 102 11.25 -3.50 -5.16
C THR B 102 12.66 -3.96 -5.50
N ARG B 103 12.83 -5.21 -5.92
CA ARG B 103 14.16 -5.61 -6.38
C ARG B 103 14.30 -5.26 -7.86
N LEU B 104 15.25 -4.37 -8.12
CA LEU B 104 15.54 -3.87 -9.47
C LEU B 104 16.76 -4.56 -10.05
N LEU B 105 16.55 -5.23 -11.17
CA LEU B 105 17.63 -5.84 -11.93
C LEU B 105 17.97 -5.02 -13.17
N VAL B 106 19.22 -4.60 -13.28
CA VAL B 106 19.68 -3.85 -14.44
C VAL B 106 20.51 -4.74 -15.36
N SER B 107 20.00 -4.99 -16.56
CA SER B 107 20.66 -5.88 -17.51
C SER B 107 21.43 -5.11 -18.57
N PRO B 108 22.54 -5.68 -19.06
CA PRO B 108 23.30 -5.10 -20.17
C PRO B 108 22.61 -5.29 -21.52
N ASN B 109 22.82 -4.37 -22.46
CA ASN B 109 22.38 -4.63 -23.82
C ASN B 109 23.46 -5.40 -24.56
N ILE B 110 23.25 -6.72 -24.65
CA ILE B 110 24.18 -7.56 -25.37
C ILE B 110 23.71 -7.63 -26.80
N GLN B 111 24.36 -6.90 -27.69
CA GLN B 111 23.87 -6.93 -29.06
C GLN B 111 24.93 -7.41 -30.04
N ASN B 112 26.00 -8.02 -29.51
CA ASN B 112 26.92 -8.79 -30.36
C ASN B 112 26.80 -10.26 -29.95
N PRO B 113 25.56 -10.79 -29.90
CA PRO B 113 25.36 -12.09 -29.29
C PRO B 113 26.06 -13.17 -30.07
N ASP B 114 26.67 -14.09 -29.36
CA ASP B 114 27.41 -15.17 -30.00
C ASP B 114 27.16 -16.42 -29.18
N PRO B 115 25.87 -16.81 -29.04
CA PRO B 115 25.48 -17.86 -28.09
C PRO B 115 26.22 -19.16 -28.36
N ALA B 116 26.81 -19.72 -27.33
CA ALA B 116 27.56 -20.97 -27.48
C ALA B 116 27.61 -21.76 -26.19
N VAL B 117 27.98 -23.03 -26.29
CA VAL B 117 28.19 -23.87 -25.12
C VAL B 117 29.56 -24.55 -25.21
N TYR B 118 30.39 -24.35 -24.20
CA TYR B 118 31.76 -24.86 -24.21
C TYR B 118 31.99 -25.85 -23.06
N GLN B 119 32.97 -26.73 -23.21
CA GLN B 119 33.29 -27.67 -22.15
C GLN B 119 34.66 -27.38 -21.51
N LEU B 120 34.74 -27.58 -20.20
CA LEU B 120 35.95 -27.28 -19.43
C LEU B 120 36.34 -28.48 -18.55
N ARG B 121 37.59 -28.93 -18.67
CA ARG B 121 38.00 -30.23 -18.11
C ARG B 121 39.22 -30.20 -17.18
N ASP B 122 39.01 -29.74 -15.94
CA ASP B 122 40.04 -29.79 -14.89
C ASP B 122 39.34 -29.48 -13.56
N SER B 123 39.65 -30.17 -12.45
CA SER B 123 40.80 -31.06 -12.28
C SER B 123 40.36 -32.38 -11.60
N LYS B 124 41.02 -33.52 -11.88
CA LYS B 124 42.03 -33.74 -12.91
C LYS B 124 42.21 -35.24 -13.14
N SER B 125 41.42 -35.85 -14.02
CA SER B 125 40.36 -35.23 -14.80
C SER B 125 39.34 -36.32 -15.09
N SER B 126 38.08 -35.98 -15.37
CA SER B 126 37.53 -34.64 -15.29
C SER B 126 36.16 -34.66 -14.59
N ASP B 127 36.17 -34.68 -13.26
CA ASP B 127 34.94 -34.80 -12.49
C ASP B 127 34.75 -33.66 -11.49
N LYS B 128 33.65 -32.92 -11.60
CA LYS B 128 32.72 -32.95 -12.73
C LYS B 128 33.31 -32.35 -14.01
N SER B 129 32.55 -32.40 -15.10
CA SER B 129 32.87 -31.59 -16.26
C SER B 129 31.91 -30.40 -16.35
N VAL B 130 32.48 -29.20 -16.41
CA VAL B 130 31.69 -27.97 -16.43
C VAL B 130 31.34 -27.54 -17.85
N CYS B 131 30.07 -27.21 -18.04
CA CYS B 131 29.58 -26.71 -19.32
C CYS B 131 29.24 -25.23 -19.17
N LEU B 132 29.61 -24.45 -20.17
CA LEU B 132 29.51 -23.00 -20.09
C LEU B 132 28.67 -22.44 -21.23
N PHE B 133 27.50 -21.90 -20.90
CA PHE B 133 26.61 -21.31 -21.88
C PHE B 133 26.83 -19.80 -21.88
N THR B 134 27.31 -19.26 -23.00
CA THR B 134 27.80 -17.89 -22.97
C THR B 134 27.53 -17.07 -24.22
N ASP B 135 27.65 -15.76 -24.04
CA ASP B 135 27.57 -14.77 -25.12
C ASP B 135 26.17 -14.69 -25.73
N PHE B 136 25.17 -15.04 -24.92
CA PHE B 136 23.79 -14.86 -25.33
C PHE B 136 23.27 -13.49 -24.90
N ASP B 137 22.20 -13.05 -25.54
CA ASP B 137 21.59 -11.76 -25.24
C ASP B 137 20.69 -11.80 -24.01
N SER B 138 20.45 -10.64 -23.41
CA SER B 138 19.75 -10.55 -22.12
C SER B 138 18.26 -10.87 -22.15
N GLN B 139 17.66 -11.00 -23.34
CA GLN B 139 16.26 -11.41 -23.41
C GLN B 139 16.14 -12.92 -23.25
N THR B 140 17.22 -13.63 -23.54
CA THR B 140 17.26 -15.08 -23.38
C THR B 140 17.20 -15.45 -21.90
N ASN B 141 16.33 -16.40 -21.57
CA ASN B 141 16.15 -16.85 -20.19
C ASN B 141 16.74 -18.25 -19.97
N VAL B 142 17.34 -18.47 -18.79
CA VAL B 142 17.97 -19.75 -18.47
C VAL B 142 17.22 -20.49 -17.35
N SER B 143 16.92 -21.76 -17.60
CA SER B 143 16.08 -22.54 -16.70
C SER B 143 16.85 -23.61 -15.94
N GLN B 144 16.42 -23.90 -14.71
CA GLN B 144 16.83 -25.09 -13.99
C GLN B 144 16.56 -26.37 -14.81
N SER B 145 17.49 -27.33 -14.73
CA SER B 145 17.33 -28.62 -15.38
C SER B 145 16.23 -29.50 -14.79
N LYS B 146 15.65 -30.36 -15.62
CA LYS B 146 14.60 -31.28 -15.19
C LYS B 146 15.16 -32.30 -14.21
N ASP B 147 16.45 -32.63 -14.37
CA ASP B 147 17.14 -33.44 -13.40
C ASP B 147 17.54 -32.52 -12.23
N SER B 148 17.80 -33.10 -11.07
CA SER B 148 18.41 -32.35 -9.97
C SER B 148 19.70 -33.02 -9.48
N ASP B 149 20.22 -33.97 -10.29
CA ASP B 149 21.57 -34.47 -10.11
C ASP B 149 22.44 -33.58 -10.97
N VAL B 150 21.78 -32.78 -11.80
CA VAL B 150 22.44 -31.84 -12.69
C VAL B 150 22.21 -30.43 -12.17
N TYR B 151 23.30 -29.67 -12.06
CA TYR B 151 23.25 -28.32 -11.50
C TYR B 151 23.36 -27.24 -12.56
N ILE B 152 22.39 -26.33 -12.60
CA ILE B 152 22.43 -25.20 -13.53
C ILE B 152 22.39 -23.86 -12.80
N THR B 153 23.30 -22.97 -13.21
CA THR B 153 23.41 -21.63 -12.68
C THR B 153 22.48 -20.65 -13.43
N ASP B 154 22.09 -19.56 -12.77
CA ASP B 154 21.38 -18.48 -13.43
C ASP B 154 22.36 -17.65 -14.27
N LYS B 155 21.83 -16.82 -15.17
CA LYS B 155 22.69 -15.99 -16.02
C LYS B 155 23.47 -14.97 -15.18
N CYS B 156 24.68 -14.67 -15.64
CA CYS B 156 25.63 -13.85 -14.91
C CYS B 156 26.36 -12.91 -15.85
N VAL B 157 26.34 -11.63 -15.53
CA VAL B 157 26.98 -10.61 -16.36
C VAL B 157 28.41 -10.32 -15.94
N LEU B 158 29.38 -10.63 -16.81
CA LEU B 158 30.74 -10.22 -16.54
C LEU B 158 31.15 -9.08 -17.47
N ASP B 159 31.96 -8.17 -16.96
CA ASP B 159 32.39 -7.00 -17.72
C ASP B 159 33.91 -6.99 -17.87
N MET B 160 34.37 -7.40 -19.04
CA MET B 160 35.76 -7.23 -19.44
C MET B 160 35.96 -5.75 -19.76
N ARG B 161 36.31 -4.97 -18.74
CA ARG B 161 36.39 -3.52 -18.90
C ARG B 161 37.59 -3.13 -19.73
N SER B 162 38.64 -3.95 -19.70
CA SER B 162 39.83 -3.73 -20.53
C SER B 162 39.49 -3.77 -22.02
N MET B 163 38.33 -4.35 -22.35
CA MET B 163 37.95 -4.54 -23.74
C MET B 163 36.59 -3.93 -24.04
N ASP B 164 36.06 -3.16 -23.08
CA ASP B 164 34.71 -2.61 -23.16
C ASP B 164 33.71 -3.68 -23.62
N PHE B 165 33.84 -4.88 -23.07
CA PHE B 165 33.02 -5.99 -23.52
C PHE B 165 32.24 -6.62 -22.36
N LYS B 166 30.92 -6.64 -22.48
CA LYS B 166 30.10 -7.29 -21.46
C LYS B 166 29.52 -8.58 -22.03
N SER B 167 29.39 -9.61 -21.18
CA SER B 167 28.88 -10.89 -21.65
C SER B 167 28.09 -11.65 -20.59
N ASN B 168 27.07 -12.38 -21.05
CA ASN B 168 26.25 -13.23 -20.17
C ASN B 168 26.82 -14.63 -20.08
N SER B 169 26.55 -15.31 -18.97
CA SER B 169 27.07 -16.66 -18.78
C SER B 169 26.24 -17.50 -17.82
N ALA B 170 26.15 -18.80 -18.08
CA ALA B 170 25.59 -19.73 -17.11
C ALA B 170 26.46 -20.99 -17.08
N VAL B 171 26.48 -21.65 -15.93
CA VAL B 171 27.32 -22.83 -15.75
C VAL B 171 26.46 -24.03 -15.38
N ALA B 172 26.74 -25.17 -15.99
CA ALA B 172 26.04 -26.40 -15.65
C ALA B 172 26.99 -27.56 -15.46
N TRP B 173 26.86 -28.28 -14.35
CA TRP B 173 27.73 -29.44 -14.13
C TRP B 173 27.04 -30.60 -13.42
N SER B 174 27.58 -31.80 -13.64
CA SER B 174 27.08 -33.02 -13.03
C SER B 174 28.22 -34.04 -12.96
N ASN B 175 28.16 -34.95 -11.99
CA ASN B 175 29.16 -36.00 -11.88
C ASN B 175 28.87 -37.18 -12.82
N LYS B 176 27.63 -37.26 -13.29
CA LYS B 176 27.17 -38.36 -14.13
C LYS B 176 28.04 -38.67 -15.34
N SER B 177 28.08 -39.95 -15.69
CA SER B 177 28.54 -40.39 -17.00
C SER B 177 27.57 -39.90 -18.08
N ASP B 178 26.28 -39.97 -17.77
CA ASP B 178 25.21 -39.59 -18.68
C ASP B 178 25.25 -38.13 -19.16
N PHE B 179 25.77 -37.24 -18.33
CA PHE B 179 25.73 -35.81 -18.62
C PHE B 179 26.71 -35.36 -19.71
N ALA B 180 26.21 -34.56 -20.64
CA ALA B 180 27.02 -34.00 -21.72
C ALA B 180 26.61 -32.58 -22.04
N CYS B 181 27.57 -31.78 -22.52
CA CYS B 181 27.34 -30.35 -22.75
C CYS B 181 26.27 -30.10 -23.82
N ALA B 182 26.19 -31.00 -24.79
CA ALA B 182 25.28 -30.83 -25.92
C ALA B 182 23.81 -30.82 -25.52
N ASN B 183 23.48 -31.49 -24.40
CA ASN B 183 22.11 -31.56 -23.94
C ASN B 183 21.93 -30.96 -22.54
N ALA B 184 22.96 -30.23 -22.10
CA ALA B 184 22.97 -29.64 -20.75
C ALA B 184 21.87 -28.61 -20.50
N PHE B 185 21.70 -27.68 -21.45
CA PHE B 185 20.81 -26.55 -21.27
C PHE B 185 19.53 -26.64 -22.08
N ASN B 186 19.18 -27.83 -22.52
CA ASN B 186 17.97 -27.94 -23.33
C ASN B 186 16.77 -28.23 -22.43
N ASN B 187 16.61 -27.35 -21.45
CA ASN B 187 15.40 -27.15 -20.69
C ASN B 187 15.10 -25.66 -20.71
N SER B 188 16.11 -24.91 -21.12
CA SER B 188 16.00 -23.48 -21.39
C SER B 188 15.72 -23.28 -22.87
N ILE B 189 14.96 -22.24 -23.21
CA ILE B 189 14.73 -21.95 -24.62
C ILE B 189 16.04 -21.44 -25.19
N ILE B 190 16.75 -22.33 -25.88
CA ILE B 190 18.09 -22.04 -26.35
C ILE B 190 18.01 -21.61 -27.81
N PRO B 191 18.71 -20.54 -28.17
CA PRO B 191 18.77 -20.10 -29.58
C PRO B 191 19.33 -21.19 -30.48
N GLU B 192 18.80 -21.32 -31.69
CA GLU B 192 19.29 -22.33 -32.61
C GLU B 192 20.49 -21.80 -33.39
N ASP B 193 20.89 -20.58 -33.06
CA ASP B 193 22.15 -20.02 -33.54
C ASP B 193 23.30 -20.54 -32.70
N THR B 194 22.97 -21.15 -31.55
CA THR B 194 23.95 -21.57 -30.57
C THR B 194 25.04 -22.46 -31.15
N PHE B 195 26.29 -22.06 -30.94
CA PHE B 195 27.42 -22.81 -31.45
C PHE B 195 27.82 -23.93 -30.49
N PHE B 196 27.69 -25.17 -30.96
CA PHE B 196 28.17 -26.33 -30.22
C PHE B 196 29.39 -26.89 -30.93
N PRO B 197 30.56 -26.76 -30.30
CA PRO B 197 31.82 -27.29 -30.82
C PRO B 197 31.93 -28.80 -30.66
N SER B 198 33.07 -29.36 -31.07
CA SER B 198 33.40 -30.79 -30.97
C SER B 198 32.72 -31.57 -32.10
N MET C 1 31.01 11.51 9.97
CA MET C 1 32.10 10.59 9.72
C MET C 1 33.31 11.12 10.55
N ASP C 2 34.57 10.66 10.41
CA ASP C 2 35.18 9.89 9.31
C ASP C 2 34.88 8.39 9.28
N SER C 3 34.61 7.79 10.42
CA SER C 3 34.40 6.34 10.45
C SER C 3 32.92 5.98 10.44
N GLY C 4 32.56 5.06 9.55
CA GLY C 4 31.19 4.58 9.45
C GLY C 4 30.84 3.69 10.62
N VAL C 5 29.60 3.20 10.63
CA VAL C 5 29.18 2.27 11.67
C VAL C 5 29.95 0.96 11.52
N THR C 6 30.45 0.42 12.63
CA THR C 6 31.15 -0.86 12.57
C THR C 6 30.37 -1.91 13.36
N GLN C 7 30.46 -3.16 12.92
CA GLN C 7 29.82 -4.25 13.64
C GLN C 7 30.78 -5.42 13.77
N THR C 8 30.82 -6.04 14.96
CA THR C 8 31.62 -7.23 15.18
C THR C 8 30.82 -8.30 15.93
N PRO C 9 31.07 -9.58 15.63
CA PRO C 9 31.94 -10.11 14.58
C PRO C 9 31.22 -10.12 13.24
N LYS C 10 31.94 -10.37 12.16
CA LYS C 10 31.31 -10.43 10.84
C LYS C 10 30.29 -11.58 10.77
N HIS C 11 30.58 -12.69 11.43
CA HIS C 11 29.70 -13.86 11.39
C HIS C 11 29.62 -14.59 12.72
N LEU C 12 28.62 -15.46 12.84
CA LEU C 12 28.44 -16.25 14.05
C LEU C 12 27.62 -17.52 13.81
N ILE C 13 28.21 -18.66 14.13
CA ILE C 13 27.50 -19.93 14.09
C ILE C 13 27.43 -20.52 15.49
N THR C 14 26.23 -20.84 15.95
CA THR C 14 26.03 -21.24 17.34
C THR C 14 24.80 -22.14 17.49
N ALA C 15 24.88 -23.04 18.47
CA ALA C 15 23.82 -24.02 18.71
C ALA C 15 22.58 -23.39 19.32
N THR C 16 21.41 -23.97 19.01
CA THR C 16 20.15 -23.53 19.60
C THR C 16 20.21 -23.56 21.13
N GLY C 17 19.48 -22.64 21.76
CA GLY C 17 19.42 -22.61 23.21
C GLY C 17 20.56 -21.83 23.83
N GLN C 18 21.52 -21.42 23.00
CA GLN C 18 22.69 -20.73 23.50
C GLN C 18 22.57 -19.21 23.40
N ARG C 19 23.65 -18.53 23.77
CA ARG C 19 23.66 -17.08 23.90
C ARG C 19 24.79 -16.43 23.09
N VAL C 20 24.48 -15.33 22.42
CA VAL C 20 25.50 -14.59 21.69
C VAL C 20 25.37 -13.10 21.99
N THR C 21 26.48 -12.37 21.84
CA THR C 21 26.42 -10.91 21.97
C THR C 21 27.01 -10.25 20.72
N LEU C 22 26.28 -9.30 20.16
CA LEU C 22 26.73 -8.61 18.96
C LEU C 22 27.17 -7.19 19.30
N ARG C 23 28.26 -6.74 18.69
CA ARG C 23 28.83 -5.45 19.02
C ARG C 23 28.70 -4.46 17.87
N CYS C 24 28.52 -3.19 18.23
CA CYS C 24 28.37 -2.12 17.25
C CYS C 24 28.98 -0.81 17.70
N SER C 25 29.64 -0.11 16.80
CA SER C 25 30.13 1.24 17.08
C SER C 25 29.47 2.20 16.10
N PRO C 26 28.84 3.27 16.63
CA PRO C 26 28.16 4.25 15.78
C PRO C 26 29.13 5.01 14.91
N ARG C 27 28.62 5.66 13.87
CA ARG C 27 29.46 6.47 13.01
C ARG C 27 29.92 7.67 13.83
N SER C 28 31.15 8.11 13.59
CA SER C 28 31.78 9.16 14.39
C SER C 28 30.91 10.41 14.52
N GLY C 29 30.47 10.69 15.74
CA GLY C 29 29.67 11.85 16.01
C GLY C 29 28.23 11.54 16.37
N ASP C 30 27.78 10.34 16.01
CA ASP C 30 26.40 9.93 16.25
C ASP C 30 26.21 9.44 17.68
N LEU C 31 25.13 9.87 18.32
CA LEU C 31 24.85 9.49 19.69
C LEU C 31 23.75 8.43 19.79
N SER C 32 23.07 8.18 18.68
CA SER C 32 21.96 7.23 18.66
C SER C 32 22.29 5.98 17.88
N VAL C 33 21.93 4.82 18.43
CA VAL C 33 22.20 3.53 17.81
C VAL C 33 20.91 2.72 17.63
N TYR C 34 20.77 2.11 16.45
CA TYR C 34 19.63 1.26 16.12
C TYR C 34 20.05 -0.18 15.88
N TRP C 35 19.16 -1.11 16.20
CA TRP C 35 19.33 -2.52 15.84
C TRP C 35 18.17 -3.00 14.96
N TYR C 36 18.51 -3.70 13.89
CA TYR C 36 17.53 -4.25 12.97
C TYR C 36 17.79 -5.73 12.72
N GLN C 37 16.73 -6.46 12.42
CA GLN C 37 16.84 -7.86 12.05
C GLN C 37 16.30 -8.09 10.64
N GLN C 38 17.10 -8.75 9.81
CA GLN C 38 16.67 -9.14 8.47
C GLN C 38 16.66 -10.64 8.30
N SER C 39 15.45 -11.20 8.29
CA SER C 39 15.25 -12.62 7.99
C SER C 39 15.24 -12.79 6.48
N LEU C 40 15.36 -14.04 6.03
CA LEU C 40 15.56 -14.30 4.60
C LEU C 40 14.40 -13.79 3.75
N ASP C 41 14.74 -13.03 2.71
CA ASP C 41 13.77 -12.43 1.79
C ASP C 41 12.76 -11.52 2.49
N GLN C 42 13.24 -10.72 3.43
CA GLN C 42 12.38 -9.77 4.13
C GLN C 42 13.08 -8.42 4.25
N GLY C 43 12.32 -7.38 4.54
CA GLY C 43 12.90 -6.11 4.92
C GLY C 43 13.41 -6.18 6.34
N LEU C 44 14.19 -5.18 6.74
CA LEU C 44 14.70 -5.15 8.10
C LEU C 44 13.56 -4.87 9.07
N GLN C 45 13.60 -5.54 10.21
CA GLN C 45 12.64 -5.25 11.28
C GLN C 45 13.34 -4.54 12.42
N PHE C 46 12.79 -3.39 12.81
CA PHE C 46 13.37 -2.59 13.88
C PHE C 46 13.27 -3.31 15.20
N LEU C 47 14.38 -3.35 15.93
CA LEU C 47 14.43 -4.05 17.19
C LEU C 47 14.42 -3.08 18.36
N ILE C 48 15.38 -2.16 18.38
CA ILE C 48 15.52 -1.21 19.48
C ILE C 48 16.49 -0.07 19.14
N GLN C 49 16.20 1.11 19.69
CA GLN C 49 17.00 2.30 19.48
C GLN C 49 17.35 2.98 20.80
N TYR C 50 18.64 3.29 20.94
CA TYR C 50 19.17 4.00 22.10
C TYR C 50 19.67 5.38 21.70
N TYR C 51 19.60 6.32 22.64
CA TYR C 51 20.26 7.61 22.48
C TYR C 51 21.10 7.94 23.69
N ASN C 52 22.42 7.97 23.50
CA ASN C 52 23.36 8.41 24.54
C ASN C 52 23.17 7.61 25.83
N GLY C 53 23.09 6.30 25.71
CA GLY C 53 22.97 5.42 26.86
C GLY C 53 21.55 5.02 27.18
N GLU C 54 20.60 5.88 26.81
CA GLU C 54 19.20 5.65 27.17
C GLU C 54 18.41 5.02 26.04
N GLU C 55 17.55 4.06 26.39
CA GLU C 55 16.59 3.52 25.45
C GLU C 55 15.64 4.61 24.96
N ARG C 56 15.45 4.68 23.65
CA ARG C 56 14.52 5.64 23.08
C ARG C 56 13.33 4.97 22.44
N ALA C 57 13.54 3.85 21.75
CA ALA C 57 12.42 3.20 21.07
C ALA C 57 12.53 1.68 20.99
N LYS C 58 11.40 1.00 21.09
CA LYS C 58 11.36 -0.46 20.95
C LYS C 58 10.56 -0.89 19.74
N GLY C 59 10.93 -2.02 19.15
CA GLY C 59 10.15 -2.62 18.08
C GLY C 59 9.36 -3.76 18.68
N ASN C 60 9.06 -4.78 17.88
CA ASN C 60 8.46 -5.98 18.42
C ASN C 60 9.54 -6.96 18.83
N ILE C 61 10.31 -6.55 19.83
CA ILE C 61 11.50 -7.27 20.27
C ILE C 61 11.20 -8.21 21.44
N LEU C 62 11.62 -9.46 21.32
CA LEU C 62 11.37 -10.46 22.34
C LEU C 62 12.19 -10.13 23.58
N GLU C 63 11.67 -10.45 24.76
CA GLU C 63 12.40 -10.14 25.99
C GLU C 63 13.68 -10.95 26.14
N ARG C 64 13.84 -12.01 25.35
CA ARG C 64 15.09 -12.76 25.37
C ARG C 64 16.15 -12.02 24.57
N PHE C 65 15.72 -11.06 23.75
CA PHE C 65 16.64 -10.12 23.11
C PHE C 65 16.81 -8.94 24.05
N SER C 66 18.06 -8.54 24.29
CA SER C 66 18.33 -7.45 25.22
C SER C 66 19.52 -6.60 24.77
N ALA C 67 19.40 -5.28 24.80
CA ALA C 67 20.50 -4.45 24.29
C ALA C 67 21.02 -3.43 25.31
N GLN C 68 22.08 -2.73 24.94
CA GLN C 68 22.74 -1.78 25.83
C GLN C 68 23.61 -0.80 25.05
N GLN C 69 23.67 0.45 25.51
CA GLN C 69 24.61 1.43 24.97
C GLN C 69 25.48 2.03 26.07
N PHE C 70 26.79 1.91 25.89
CA PHE C 70 27.78 2.31 26.88
C PHE C 70 28.19 3.77 26.73
N PRO C 71 28.84 4.35 27.75
CA PRO C 71 29.29 5.75 27.70
C PRO C 71 30.11 6.14 26.47
N ASP C 72 30.86 5.20 25.90
CA ASP C 72 31.65 5.50 24.70
C ASP C 72 30.80 5.35 23.45
N LEU C 73 29.50 5.13 23.67
CA LEU C 73 28.44 5.12 22.65
C LEU C 73 28.38 3.82 21.85
N HIS C 74 29.33 2.93 22.05
CA HIS C 74 29.25 1.63 21.42
C HIS C 74 28.12 0.85 22.08
N SER C 75 27.60 -0.15 21.39
CA SER C 75 26.43 -0.86 21.85
C SER C 75 26.56 -2.37 21.72
N GLU C 76 25.81 -3.08 22.55
CA GLU C 76 25.85 -4.53 22.56
C GLU C 76 24.43 -5.08 22.58
N LEU C 77 24.16 -6.02 21.69
CA LEU C 77 22.87 -6.66 21.55
C LEU C 77 23.01 -8.14 21.85
N ASN C 78 22.56 -8.60 22.99
CA ASN C 78 22.80 -9.99 23.31
C ASN C 78 21.47 -10.73 23.15
N LEU C 79 21.58 -11.79 22.36
CA LEU C 79 20.51 -12.69 21.98
C LEU C 79 20.62 -13.94 22.82
N SER C 80 19.56 -14.24 23.56
CA SER C 80 19.57 -15.32 24.55
C SER C 80 18.57 -16.40 24.20
N SER C 81 18.89 -17.63 24.59
CA SER C 81 18.04 -18.79 24.33
C SER C 81 17.78 -18.92 22.84
N LEU C 82 18.85 -18.87 22.05
CA LEU C 82 18.76 -18.85 20.60
C LEU C 82 17.99 -20.05 20.04
N GLU C 83 17.17 -19.78 19.03
CA GLU C 83 16.48 -20.83 18.29
C GLU C 83 16.71 -20.64 16.80
N LEU C 84 16.19 -21.57 16.00
CA LEU C 84 16.46 -21.60 14.57
C LEU C 84 16.02 -20.33 13.85
N GLY C 85 14.88 -19.79 14.24
CA GLY C 85 14.32 -18.62 13.58
C GLY C 85 15.08 -17.33 13.81
N ASP C 86 16.05 -17.37 14.72
CA ASP C 86 16.87 -16.20 15.02
C ASP C 86 17.95 -16.00 13.98
N SER C 87 18.10 -16.98 13.08
CA SER C 87 19.11 -16.92 12.04
C SER C 87 18.77 -15.79 11.09
N ALA C 88 19.66 -14.81 11.00
CA ALA C 88 19.37 -13.59 10.25
C ALA C 88 20.57 -12.68 10.10
N LEU C 89 20.39 -11.61 9.34
CA LEU C 89 21.36 -10.53 9.31
C LEU C 89 20.97 -9.51 10.37
N TYR C 90 21.91 -9.16 11.24
CA TYR C 90 21.62 -8.17 12.26
C TYR C 90 22.37 -6.89 11.93
N PHE C 91 21.61 -5.84 11.61
CA PHE C 91 22.21 -4.58 11.22
C PHE C 91 22.21 -3.57 12.35
N CYS C 92 23.25 -2.76 12.39
CA CYS C 92 23.30 -1.65 13.32
C CYS C 92 23.31 -0.35 12.56
N ALA C 93 22.57 0.64 13.05
CA ALA C 93 22.53 1.94 12.40
C ALA C 93 22.83 3.05 13.41
N SER C 94 23.17 4.23 12.94
CA SER C 94 23.42 5.33 13.85
C SER C 94 22.88 6.65 13.33
N SER C 95 22.60 7.57 14.26
CA SER C 95 22.18 8.92 13.90
C SER C 95 22.33 9.87 15.08
N GLY C 96 21.81 11.09 14.94
CA GLY C 96 21.82 12.07 16.02
C GLY C 96 23.09 12.86 16.17
N GLY C 97 24.03 12.64 15.26
CA GLY C 97 25.29 13.35 15.27
C GLY C 97 25.64 13.96 13.94
N HIS C 98 26.72 13.45 13.35
CA HIS C 98 27.14 13.88 12.02
C HIS C 98 26.13 13.46 10.96
N THR C 99 25.57 12.25 11.10
CA THR C 99 24.52 11.80 10.19
C THR C 99 23.32 12.74 10.28
N GLY C 100 22.71 13.04 9.13
CA GLY C 100 21.54 13.90 9.08
C GLY C 100 20.42 13.49 10.01
N SER C 101 19.61 14.47 10.39
CA SER C 101 18.53 14.28 11.35
C SER C 101 17.43 13.35 10.85
N ASN C 102 17.32 13.23 9.54
CA ASN C 102 16.27 12.43 8.92
C ASN C 102 16.80 11.15 8.32
N GLU C 103 18.03 10.79 8.68
CA GLU C 103 18.69 9.65 8.06
C GLU C 103 19.27 8.69 9.09
N GLN C 104 19.50 7.46 8.65
CA GLN C 104 20.19 6.48 9.47
C GLN C 104 21.35 5.90 8.69
N PHE C 105 22.49 5.78 9.35
CA PHE C 105 23.71 5.26 8.71
C PHE C 105 23.89 3.80 9.11
N PHE C 106 23.76 2.89 8.14
CA PHE C 106 23.79 1.47 8.46
C PHE C 106 25.18 0.85 8.35
N GLY C 107 25.49 -0.05 9.28
CA GLY C 107 26.74 -0.79 9.26
C GLY C 107 26.68 -1.98 8.32
N PRO C 108 27.76 -2.77 8.27
CA PRO C 108 27.89 -3.89 7.32
C PRO C 108 27.07 -5.11 7.73
N GLY C 109 26.67 -5.17 8.99
CA GLY C 109 25.86 -6.26 9.50
C GLY C 109 26.64 -7.43 10.06
N THR C 110 26.01 -8.14 11.00
CA THR C 110 26.54 -9.39 11.53
C THR C 110 25.64 -10.55 11.11
N ARG C 111 26.21 -11.57 10.49
CA ARG C 111 25.39 -12.71 10.10
C ARG C 111 25.34 -13.77 11.19
N LEU C 112 24.13 -14.11 11.61
CA LEU C 112 23.94 -15.13 12.63
C LEU C 112 23.26 -16.35 12.04
N THR C 113 23.93 -17.49 12.16
CA THR C 113 23.34 -18.77 11.79
C THR C 113 23.18 -19.64 13.03
N VAL C 114 21.93 -19.96 13.35
CA VAL C 114 21.64 -20.81 14.50
C VAL C 114 21.31 -22.22 14.04
N LEU C 115 22.11 -23.18 14.48
CA LEU C 115 21.94 -24.57 14.05
C LEU C 115 21.57 -25.41 15.26
N GLU C 116 20.82 -26.48 15.03
CA GLU C 116 20.45 -27.37 16.14
C GLU C 116 21.65 -28.21 16.54
N ASP C 117 22.60 -28.36 15.63
CA ASP C 117 23.89 -28.96 15.96
C ASP C 117 24.93 -28.56 14.92
N LEU C 118 26.14 -28.28 15.37
CA LEU C 118 27.22 -27.82 14.50
C LEU C 118 27.89 -28.95 13.71
N LYS C 119 27.11 -29.93 13.27
CA LYS C 119 27.71 -31.07 12.58
C LYS C 119 27.51 -31.05 11.06
N ASN C 120 26.45 -30.38 10.61
CA ASN C 120 26.22 -30.27 9.17
C ASN C 120 26.79 -28.97 8.64
N VAL C 121 27.86 -28.52 9.28
CA VAL C 121 28.66 -27.41 8.77
C VAL C 121 29.91 -27.98 8.08
N PHE C 122 30.03 -27.68 6.79
CA PHE C 122 31.12 -28.19 5.98
C PHE C 122 31.82 -27.04 5.27
N PRO C 123 33.14 -27.11 5.16
CA PRO C 123 33.88 -26.13 4.36
C PRO C 123 33.65 -26.41 2.88
N PRO C 124 34.04 -25.49 1.99
CA PRO C 124 33.79 -25.76 0.58
C PRO C 124 34.96 -26.49 -0.09
N GLU C 125 34.68 -27.11 -1.23
CA GLU C 125 35.74 -27.62 -2.09
C GLU C 125 35.88 -26.70 -3.29
N VAL C 126 37.09 -26.21 -3.51
CA VAL C 126 37.32 -25.27 -4.61
C VAL C 126 38.00 -25.97 -5.78
N ALA C 127 37.41 -25.78 -6.96
CA ALA C 127 37.93 -26.38 -8.19
C ALA C 127 37.91 -25.37 -9.32
N VAL C 128 39.05 -25.23 -9.99
CA VAL C 128 39.18 -24.30 -11.10
C VAL C 128 39.15 -25.06 -12.42
N PHE C 129 38.28 -24.62 -13.33
CA PHE C 129 38.11 -25.25 -14.63
C PHE C 129 38.70 -24.37 -15.72
N GLU C 130 39.60 -24.97 -16.50
CA GLU C 130 40.38 -24.26 -17.52
C GLU C 130 39.55 -23.97 -18.77
N PRO C 131 39.89 -22.86 -19.47
CA PRO C 131 39.13 -22.40 -20.64
C PRO C 131 39.02 -23.43 -21.74
N SER C 132 37.88 -23.41 -22.44
CA SER C 132 37.67 -24.27 -23.60
C SER C 132 38.50 -23.80 -24.80
N GLU C 133 39.19 -24.75 -25.44
CA GLU C 133 39.94 -24.46 -26.66
C GLU C 133 39.02 -23.93 -27.75
N ALA C 134 37.81 -24.48 -27.80
CA ALA C 134 36.78 -24.00 -28.72
C ALA C 134 36.47 -22.52 -28.53
N GLU C 135 36.36 -22.09 -27.27
CA GLU C 135 36.12 -20.69 -26.96
C GLU C 135 37.26 -19.80 -27.43
N ILE C 136 38.49 -20.25 -27.18
CA ILE C 136 39.68 -19.52 -27.58
C ILE C 136 39.73 -19.38 -29.11
N SER C 137 39.31 -20.43 -29.81
CA SER C 137 39.35 -20.42 -31.27
C SER C 137 38.24 -19.54 -31.84
N HIS C 138 37.06 -19.61 -31.25
CA HIS C 138 35.89 -18.90 -31.75
C HIS C 138 35.85 -17.40 -31.41
N THR C 139 36.30 -17.04 -30.22
CA THR C 139 36.10 -15.69 -29.70
C THR C 139 37.39 -14.95 -29.39
N GLN C 140 38.50 -15.69 -29.32
CA GLN C 140 39.80 -15.17 -28.91
C GLN C 140 39.78 -14.70 -27.46
N LYS C 141 38.75 -15.14 -26.72
CA LYS C 141 38.65 -14.89 -25.29
C LYS C 141 38.69 -16.23 -24.56
N ALA C 142 38.99 -16.19 -23.27
CA ALA C 142 39.13 -17.41 -22.48
C ALA C 142 38.47 -17.26 -21.10
N THR C 143 37.44 -18.07 -20.86
CA THR C 143 36.71 -18.03 -19.59
C THR C 143 37.09 -19.18 -18.66
N LEU C 144 37.69 -18.82 -17.52
CA LEU C 144 37.94 -19.78 -16.44
C LEU C 144 36.70 -19.87 -15.55
N VAL C 145 36.37 -21.07 -15.09
CA VAL C 145 35.19 -21.22 -14.23
C VAL C 145 35.53 -21.81 -12.87
N CYS C 146 35.10 -21.16 -11.79
CA CYS C 146 35.37 -21.70 -10.45
C CYS C 146 34.13 -22.31 -9.83
N LEU C 147 34.33 -23.42 -9.13
CA LEU C 147 33.26 -24.07 -8.39
C LEU C 147 33.66 -24.26 -6.93
N ALA C 148 32.81 -23.76 -6.03
CA ALA C 148 32.93 -24.02 -4.61
C ALA C 148 31.76 -24.88 -4.19
N THR C 149 32.03 -26.09 -3.72
CA THR C 149 30.97 -27.08 -3.55
C THR C 149 30.87 -27.67 -2.13
N GLY C 150 29.70 -28.22 -1.84
CA GLY C 150 29.44 -28.92 -0.59
C GLY C 150 29.81 -28.18 0.68
N PHE C 151 29.36 -26.94 0.81
CA PHE C 151 29.61 -26.18 2.03
C PHE C 151 28.32 -25.80 2.76
N TYR C 152 28.43 -25.67 4.07
CA TYR C 152 27.34 -25.19 4.91
C TYR C 152 27.95 -24.48 6.12
N PRO C 153 27.34 -23.38 6.57
CA PRO C 153 26.19 -22.73 5.94
C PRO C 153 26.57 -21.83 4.76
N ASP C 154 25.55 -21.20 4.19
CA ASP C 154 25.72 -20.32 3.04
C ASP C 154 26.42 -19.02 3.44
N HIS C 155 27.74 -19.04 3.52
CA HIS C 155 28.47 -17.85 3.95
C HIS C 155 29.89 -17.86 3.41
N VAL C 156 30.02 -17.72 2.10
CA VAL C 156 31.33 -17.72 1.45
C VAL C 156 31.60 -16.42 0.70
N GLU C 157 32.88 -16.06 0.63
CA GLU C 157 33.33 -14.93 -0.16
C GLU C 157 34.36 -15.40 -1.18
N LEU C 158 33.95 -15.45 -2.44
CA LEU C 158 34.81 -15.92 -3.51
C LEU C 158 35.50 -14.72 -4.14
N SER C 159 36.79 -14.87 -4.42
CA SER C 159 37.57 -13.83 -5.09
C SER C 159 38.54 -14.46 -6.08
N TRP C 160 38.87 -13.72 -7.13
CA TRP C 160 39.87 -14.14 -8.10
C TRP C 160 41.15 -13.36 -7.89
N TRP C 161 42.27 -14.05 -7.98
CA TRP C 161 43.58 -13.42 -7.84
C TRP C 161 44.45 -13.80 -9.04
N VAL C 162 44.99 -12.79 -9.71
CA VAL C 162 45.80 -13.04 -10.88
C VAL C 162 47.19 -12.44 -10.69
N ASN C 163 48.20 -13.28 -10.86
CA ASN C 163 49.59 -12.89 -10.64
C ASN C 163 49.77 -12.19 -9.30
N GLY C 164 49.12 -12.74 -8.27
CA GLY C 164 49.22 -12.24 -6.92
C GLY C 164 48.33 -11.07 -6.56
N LYS C 165 47.59 -10.54 -7.52
CA LYS C 165 46.74 -9.38 -7.21
C LYS C 165 45.26 -9.64 -7.54
N GLU C 166 44.40 -9.37 -6.56
CA GLU C 166 42.96 -9.60 -6.70
C GLU C 166 42.37 -8.79 -7.85
N VAL C 167 41.57 -9.45 -8.68
CA VAL C 167 40.91 -8.75 -9.78
C VAL C 167 39.39 -8.73 -9.60
N HIS C 168 38.76 -7.78 -10.27
CA HIS C 168 37.30 -7.71 -10.31
C HIS C 168 36.80 -7.62 -11.75
N SER C 169 37.61 -7.00 -12.61
CA SER C 169 37.27 -6.89 -14.01
C SER C 169 37.24 -8.29 -14.62
N GLY C 170 36.24 -8.54 -15.46
CA GLY C 170 36.12 -9.82 -16.14
C GLY C 170 35.55 -10.91 -15.24
N VAL C 171 35.14 -10.53 -14.03
CA VAL C 171 34.66 -11.49 -13.04
C VAL C 171 33.15 -11.42 -12.84
N CYS C 172 32.51 -12.60 -12.75
CA CYS C 172 31.12 -12.64 -12.33
C CYS C 172 30.88 -13.87 -11.45
N THR C 173 30.54 -13.63 -10.19
CA THR C 173 30.22 -14.70 -9.26
C THR C 173 28.72 -14.69 -9.03
N ASP C 174 28.13 -15.87 -8.87
CA ASP C 174 26.68 -15.97 -8.72
C ASP C 174 26.14 -15.20 -7.52
N PRO C 175 25.02 -14.49 -7.74
CA PRO C 175 24.27 -13.71 -6.75
C PRO C 175 23.91 -14.55 -5.53
N GLN C 176 23.25 -15.69 -5.75
CA GLN C 176 23.01 -16.64 -4.69
C GLN C 176 23.35 -18.06 -5.12
N PRO C 177 23.95 -18.84 -4.21
CA PRO C 177 24.39 -20.21 -4.45
C PRO C 177 23.22 -21.15 -4.76
N LEU C 178 23.53 -22.37 -5.18
CA LEU C 178 22.50 -23.39 -5.39
C LEU C 178 22.44 -24.32 -4.18
N LYS C 179 21.28 -24.93 -3.95
CA LYS C 179 21.19 -25.97 -2.94
C LYS C 179 21.55 -27.29 -3.61
N GLU C 180 22.55 -27.98 -3.08
CA GLU C 180 23.01 -29.23 -3.69
C GLU C 180 21.91 -30.28 -3.55
N GLN C 181 21.16 -30.20 -2.46
CA GLN C 181 19.98 -31.03 -2.29
C GLN C 181 18.75 -30.25 -1.83
N PRO C 182 17.89 -29.87 -2.79
CA PRO C 182 16.68 -29.09 -2.53
C PRO C 182 15.70 -29.87 -1.65
N ALA C 183 14.90 -29.15 -0.88
CA ALA C 183 13.93 -29.71 0.05
C ALA C 183 14.56 -30.51 1.21
N LEU C 184 15.76 -31.05 1.04
CA LEU C 184 16.42 -31.72 2.15
C LEU C 184 17.19 -30.64 2.90
N ASN C 185 16.51 -29.96 3.82
CA ASN C 185 17.11 -28.80 4.46
C ASN C 185 18.34 -29.25 5.26
N ASP C 186 19.18 -28.28 5.59
CA ASP C 186 20.55 -28.48 6.05
C ASP C 186 21.31 -29.09 4.88
N SER C 187 20.91 -28.65 3.69
CA SER C 187 21.54 -29.04 2.44
C SER C 187 22.86 -28.30 2.33
N ARG C 188 23.85 -28.89 1.67
CA ARG C 188 25.06 -28.12 1.40
C ARG C 188 24.86 -27.29 0.15
N TYR C 189 25.69 -26.26 0.00
CA TYR C 189 25.52 -25.31 -1.09
C TYR C 189 26.64 -25.39 -2.12
N ALA C 190 26.32 -24.94 -3.34
CA ALA C 190 27.31 -24.85 -4.40
C ALA C 190 27.26 -23.46 -5.03
N LEU C 191 28.42 -22.93 -5.39
CA LEU C 191 28.53 -21.58 -5.96
C LEU C 191 29.55 -21.54 -7.09
N SER C 192 29.18 -20.89 -8.20
CA SER C 192 30.09 -20.77 -9.33
C SER C 192 30.55 -19.34 -9.58
N SER C 193 31.67 -19.20 -10.26
CA SER C 193 32.18 -17.89 -10.67
C SER C 193 32.87 -17.99 -12.03
N ARG C 194 33.07 -16.85 -12.68
CA ARG C 194 33.74 -16.84 -13.98
C ARG C 194 34.75 -15.70 -14.09
N LEU C 195 35.90 -15.99 -14.69
CA LEU C 195 36.88 -14.96 -15.01
C LEU C 195 37.29 -15.05 -16.47
N ARG C 196 36.99 -14.01 -17.24
CA ARG C 196 37.29 -14.04 -18.66
C ARG C 196 38.45 -13.10 -18.99
N VAL C 197 39.50 -13.65 -19.60
CA VAL C 197 40.67 -12.88 -19.98
C VAL C 197 40.93 -13.07 -21.47
N SER C 198 41.86 -12.30 -22.02
CA SER C 198 42.22 -12.46 -23.42
C SER C 198 42.97 -13.76 -23.60
N ALA C 199 42.73 -14.44 -24.71
CA ALA C 199 43.41 -15.70 -25.02
C ALA C 199 44.92 -15.56 -24.92
N THR C 200 45.44 -14.44 -25.39
CA THR C 200 46.88 -14.20 -25.37
C THR C 200 47.38 -14.10 -23.93
N PHE C 201 46.55 -13.54 -23.05
CA PHE C 201 46.88 -13.51 -21.63
C PHE C 201 46.83 -14.91 -21.01
N TRP C 202 45.86 -15.71 -21.44
CA TRP C 202 45.71 -17.05 -20.90
C TRP C 202 46.80 -18.00 -21.40
N GLN C 203 47.20 -17.83 -22.65
CA GLN C 203 48.17 -18.73 -23.27
C GLN C 203 49.58 -18.46 -22.76
N ASN C 204 49.76 -17.34 -22.08
CA ASN C 204 51.06 -16.99 -21.53
C ASN C 204 51.32 -17.72 -20.22
N PRO C 205 52.26 -18.67 -20.22
CA PRO C 205 52.53 -19.59 -19.10
C PRO C 205 53.06 -18.94 -17.84
N ARG C 206 53.27 -17.62 -17.86
CA ARG C 206 53.80 -16.95 -16.69
C ARG C 206 52.67 -16.33 -15.87
N ASN C 207 51.44 -16.45 -16.38
CA ASN C 207 50.26 -15.95 -15.68
C ASN C 207 49.63 -16.99 -14.75
N HIS C 208 49.34 -16.57 -13.52
CA HIS C 208 48.91 -17.48 -12.47
C HIS C 208 47.52 -17.10 -11.98
N PHE C 209 46.57 -18.03 -12.11
CA PHE C 209 45.18 -17.76 -11.79
C PHE C 209 44.74 -18.53 -10.54
N ARG C 210 44.40 -17.83 -9.48
CA ARG C 210 43.93 -18.51 -8.28
C ARG C 210 42.50 -18.10 -7.92
N CYS C 211 41.65 -19.09 -7.75
CA CYS C 211 40.31 -18.89 -7.25
C CYS C 211 40.28 -19.20 -5.76
N GLN C 212 39.90 -18.21 -4.97
CA GLN C 212 39.96 -18.29 -3.52
C GLN C 212 38.60 -18.14 -2.87
N VAL C 213 38.31 -19.00 -1.90
CA VAL C 213 37.04 -18.93 -1.18
C VAL C 213 37.27 -18.80 0.31
N GLN C 214 36.96 -17.62 0.84
CA GLN C 214 36.90 -17.40 2.27
C GLN C 214 35.61 -17.99 2.82
N PHE C 215 35.73 -18.89 3.78
CA PHE C 215 34.59 -19.54 4.38
C PHE C 215 34.53 -19.23 5.87
N TYR C 216 33.34 -18.94 6.35
CA TYR C 216 33.14 -18.60 7.76
C TYR C 216 32.43 -19.74 8.47
N GLY C 217 33.17 -20.43 9.33
CA GLY C 217 32.63 -21.58 10.03
C GLY C 217 32.75 -21.44 11.53
N LEU C 218 33.08 -22.55 12.19
CA LEU C 218 33.21 -22.58 13.64
C LEU C 218 34.51 -21.92 14.07
N SER C 219 34.58 -21.55 15.35
CA SER C 219 35.82 -20.99 15.90
C SER C 219 36.63 -22.13 16.50
N GLU C 220 37.80 -21.81 17.06
CA GLU C 220 38.67 -22.83 17.63
C GLU C 220 38.20 -23.24 19.03
N ASN C 221 37.14 -22.59 19.52
CA ASN C 221 36.57 -22.91 20.81
C ASN C 221 35.34 -23.79 20.68
N ASP C 222 34.84 -23.92 19.46
CA ASP C 222 33.70 -24.79 19.19
C ASP C 222 34.06 -26.23 19.52
N GLU C 223 33.16 -26.93 20.20
CA GLU C 223 33.38 -28.33 20.47
C GLU C 223 33.17 -29.14 19.19
N TRP C 224 34.25 -29.70 18.67
CA TRP C 224 34.15 -30.57 17.51
C TRP C 224 34.48 -32.03 17.85
N THR C 225 33.47 -32.89 17.88
CA THR C 225 33.69 -34.30 18.19
C THR C 225 33.85 -35.33 17.03
N GLN C 226 33.51 -34.99 15.78
CA GLN C 226 33.42 -36.03 14.72
C GLN C 226 34.66 -36.25 13.83
N ASP C 227 34.69 -37.44 13.19
CA ASP C 227 35.59 -37.90 12.12
C ASP C 227 36.27 -36.84 11.24
N ARG C 228 35.59 -35.73 10.97
CA ARG C 228 36.13 -34.74 10.07
C ARG C 228 37.03 -33.69 10.71
N ALA C 229 37.87 -33.07 9.88
CA ALA C 229 38.61 -31.90 10.30
C ALA C 229 37.62 -30.86 10.79
N LYS C 230 38.06 -30.03 11.72
CA LYS C 230 37.16 -29.05 12.32
C LYS C 230 36.82 -27.99 11.28
N PRO C 231 35.51 -27.79 10.99
CA PRO C 231 35.16 -26.90 9.88
C PRO C 231 35.24 -25.45 10.30
N VAL C 232 36.44 -25.04 10.72
CA VAL C 232 36.73 -23.68 11.16
C VAL C 232 36.81 -22.69 10.01
N THR C 233 36.60 -21.42 10.34
CA THR C 233 36.75 -20.33 9.38
C THR C 233 38.10 -20.40 8.69
N GLN C 234 38.09 -20.53 7.37
CA GLN C 234 39.32 -20.83 6.63
C GLN C 234 39.26 -20.35 5.19
N ILE C 235 40.39 -20.46 4.49
CA ILE C 235 40.43 -20.17 3.06
C ILE C 235 40.71 -21.44 2.27
N VAL C 236 39.96 -21.65 1.19
CA VAL C 236 40.20 -22.79 0.32
C VAL C 236 40.42 -22.30 -1.11
N SER C 237 41.55 -22.67 -1.70
CA SER C 237 41.88 -22.21 -3.04
C SER C 237 42.01 -23.32 -4.06
N ALA C 238 42.02 -22.93 -5.34
CA ALA C 238 42.38 -23.83 -6.42
C ALA C 238 42.95 -22.97 -7.52
N GLU C 239 43.89 -23.48 -8.30
CA GLU C 239 44.56 -22.61 -9.25
C GLU C 239 44.85 -23.26 -10.61
N ALA C 240 45.17 -22.38 -11.56
CA ALA C 240 45.57 -22.78 -12.90
C ALA C 240 46.74 -21.91 -13.34
N TRP C 241 47.44 -22.36 -14.36
CA TRP C 241 48.56 -21.63 -14.91
C TRP C 241 48.38 -21.47 -16.42
N GLY C 242 49.04 -20.47 -16.99
CA GLY C 242 48.92 -20.22 -18.41
C GLY C 242 49.34 -21.41 -19.24
N ARG C 243 48.57 -21.67 -20.30
CA ARG C 243 48.87 -22.78 -21.20
C ARG C 243 48.92 -22.34 -22.65
N ALA C 244 50.14 -22.33 -23.19
CA ALA C 244 50.34 -22.11 -24.61
C ALA C 244 49.71 -23.24 -25.41
N ASP C 245 49.68 -24.43 -24.82
CA ASP C 245 49.09 -25.61 -25.42
C ASP C 245 49.85 -25.97 -26.70
N GLY D 25 -8.26 36.22 10.56
CA GLY D 25 -7.03 36.81 10.08
C GLY D 25 -5.88 35.84 10.10
N SER D 26 -4.72 36.31 10.53
CA SER D 26 -3.56 35.43 10.71
C SER D 26 -3.78 34.49 11.89
N HIS D 27 -3.08 33.36 11.87
CA HIS D 27 -3.07 32.44 13.00
C HIS D 27 -1.69 31.82 13.18
N SER D 28 -1.36 31.42 14.40
CA SER D 28 -0.06 30.82 14.65
C SER D 28 -0.15 29.62 15.56
N MET D 29 0.66 28.60 15.27
CA MET D 29 0.90 27.52 16.21
C MET D 29 2.33 27.65 16.73
N ARG D 30 2.49 27.52 18.04
CA ARG D 30 3.80 27.71 18.66
C ARG D 30 4.05 26.69 19.77
N TYR D 31 5.26 26.17 19.83
CA TYR D 31 5.67 25.29 20.92
C TYR D 31 6.79 25.94 21.72
N PHE D 32 6.70 25.78 23.03
CA PHE D 32 7.66 26.33 23.97
C PHE D 32 8.23 25.22 24.84
N TYR D 33 9.51 24.93 24.64
CA TYR D 33 10.24 23.97 25.45
C TYR D 33 11.07 24.68 26.52
N THR D 34 11.01 24.20 27.75
CA THR D 34 11.92 24.62 28.79
C THR D 34 12.57 23.40 29.43
N SER D 35 13.90 23.40 29.46
CA SER D 35 14.64 22.29 30.07
C SER D 35 15.59 22.84 31.12
N VAL D 36 15.49 22.33 32.34
CA VAL D 36 16.34 22.82 33.43
C VAL D 36 17.21 21.72 34.04
N SER D 37 18.52 21.90 33.97
CA SER D 37 19.47 20.98 34.59
C SER D 37 19.48 21.13 36.12
N ARG D 38 19.84 20.05 36.80
CA ARG D 38 19.95 20.03 38.26
C ARG D 38 21.35 19.58 38.69
N PRO D 39 21.85 20.13 39.81
CA PRO D 39 23.25 19.91 40.28
C PRO D 39 23.75 18.47 40.27
N GLY D 40 23.20 17.62 41.12
CA GLY D 40 23.57 16.22 41.12
C GLY D 40 22.33 15.36 41.18
N ARG D 41 21.20 15.97 40.86
CA ARG D 41 19.89 15.35 40.97
C ARG D 41 19.40 14.72 39.66
N GLY D 42 20.21 13.88 39.01
CA GLY D 42 19.68 13.12 37.88
C GLY D 42 19.50 13.85 36.56
N GLU D 43 18.29 13.72 36.03
CA GLU D 43 17.97 14.13 34.67
C GLU D 43 17.22 15.45 34.63
N PRO D 44 17.55 16.31 33.64
CA PRO D 44 16.95 17.65 33.59
C PRO D 44 15.43 17.60 33.53
N ARG D 45 14.76 18.64 34.03
CA ARG D 45 13.31 18.68 33.88
C ARG D 45 12.93 19.27 32.52
N PHE D 46 12.17 18.50 31.74
CA PHE D 46 11.67 18.97 30.46
C PHE D 46 10.18 19.26 30.53
N ILE D 47 9.80 20.47 30.15
CA ILE D 47 8.40 20.83 30.07
C ILE D 47 8.13 21.46 28.71
N SER D 48 6.99 21.10 28.10
CA SER D 48 6.59 21.70 26.85
C SER D 48 5.17 22.23 26.93
N VAL D 49 4.91 23.37 26.30
CA VAL D 49 3.54 23.83 26.15
C VAL D 49 3.28 24.25 24.72
N GLY D 50 2.11 23.89 24.20
CA GLY D 50 1.72 24.27 22.86
C GLY D 50 0.56 25.26 22.85
N TYR D 51 0.69 26.26 21.98
CA TYR D 51 -0.35 27.25 21.78
C TYR D 51 -0.83 27.33 20.32
N VAL D 52 -2.09 27.69 20.18
CA VAL D 52 -2.60 28.23 18.93
C VAL D 52 -3.12 29.61 19.28
N ASP D 53 -2.53 30.62 18.67
CA ASP D 53 -2.78 32.01 19.05
C ASP D 53 -2.55 32.17 20.55
N ASP D 54 -3.49 32.79 21.24
CA ASP D 54 -3.33 33.01 22.68
C ASP D 54 -3.93 31.88 23.51
N THR D 55 -4.31 30.79 22.84
CA THR D 55 -4.90 29.65 23.53
C THR D 55 -3.96 28.45 23.65
N GLN D 56 -3.63 28.05 24.87
CA GLN D 56 -2.84 26.85 25.07
C GLN D 56 -3.72 25.62 24.88
N PHE D 57 -3.18 24.57 24.28
CA PHE D 57 -3.98 23.37 24.04
C PHE D 57 -3.29 22.05 24.41
N VAL D 58 -1.97 22.05 24.55
CA VAL D 58 -1.26 20.87 25.05
C VAL D 58 -0.14 21.19 26.04
N ARG D 59 0.15 20.20 26.88
CA ARG D 59 1.27 20.30 27.81
C ARG D 59 2.03 18.97 27.85
N PHE D 60 3.29 19.02 28.25
CA PHE D 60 4.03 17.84 28.64
C PHE D 60 5.02 18.19 29.76
N ASP D 61 5.11 17.33 30.76
CA ASP D 61 6.00 17.56 31.89
C ASP D 61 6.68 16.24 32.24
N SER D 62 8.01 16.22 32.16
CA SER D 62 8.79 15.02 32.42
C SER D 62 8.78 14.65 33.89
N ASP D 63 8.46 15.62 34.74
CA ASP D 63 8.42 15.38 36.17
C ASP D 63 7.05 14.92 36.67
N ALA D 64 6.13 14.70 35.73
CA ALA D 64 4.80 14.25 36.11
C ALA D 64 4.87 12.77 36.52
N ALA D 65 3.81 12.28 37.13
CA ALA D 65 3.75 10.88 37.58
C ALA D 65 4.05 9.94 36.42
N SER D 66 3.30 10.09 35.33
CA SER D 66 3.71 9.49 34.07
C SER D 66 3.73 10.59 33.03
N PRO D 67 4.91 10.79 32.42
CA PRO D 67 5.15 11.84 31.43
C PRO D 67 4.34 11.58 30.17
N ARG D 68 3.38 12.47 29.91
CA ARG D 68 2.34 12.24 28.91
C ARG D 68 1.87 13.57 28.35
N GLU D 69 1.68 13.65 27.04
CA GLU D 69 1.06 14.85 26.48
C GLU D 69 -0.42 14.86 26.88
N GLU D 70 -0.86 15.95 27.48
CA GLU D 70 -2.26 16.08 27.86
C GLU D 70 -2.90 17.28 27.18
N PRO D 71 -4.22 17.22 26.96
CA PRO D 71 -4.97 18.32 26.36
C PRO D 71 -5.20 19.47 27.34
N ARG D 72 -5.26 20.70 26.83
CA ARG D 72 -5.49 21.87 27.66
C ARG D 72 -6.56 22.77 27.03
N ALA D 73 -7.08 22.34 25.89
CA ALA D 73 -8.18 23.03 25.22
C ALA D 73 -9.19 22.02 24.74
N PRO D 74 -10.49 22.38 24.73
CA PRO D 74 -11.55 21.43 24.38
C PRO D 74 -11.45 20.89 22.95
N TRP D 75 -10.94 21.69 22.02
CA TRP D 75 -10.95 21.30 20.62
C TRP D 75 -9.83 20.35 20.22
N ILE D 76 -8.96 20.01 21.16
CA ILE D 76 -7.89 19.06 20.88
C ILE D 76 -8.21 17.68 21.48
N GLU D 77 -9.24 17.64 22.33
CA GLU D 77 -9.59 16.40 23.02
C GLU D 77 -10.01 15.27 22.09
N GLN D 78 -10.59 15.61 20.94
CA GLN D 78 -11.04 14.61 19.97
C GLN D 78 -9.90 13.75 19.39
N GLU D 79 -8.66 14.16 19.62
CA GLU D 79 -7.52 13.42 19.08
C GLU D 79 -7.41 12.03 19.70
N GLY D 80 -7.24 11.03 18.84
CA GLY D 80 -7.18 9.65 19.28
C GLY D 80 -5.88 9.28 19.95
N PRO D 81 -5.84 8.10 20.58
CA PRO D 81 -4.69 7.57 21.35
C PRO D 81 -3.35 7.68 20.62
N GLU D 82 -3.33 7.42 19.32
CA GLU D 82 -2.08 7.42 18.56
C GLU D 82 -1.42 8.80 18.57
N TYR D 83 -2.25 9.83 18.63
CA TYR D 83 -1.79 11.23 18.66
C TYR D 83 -0.99 11.50 19.93
N TRP D 84 -1.58 11.22 21.07
CA TRP D 84 -0.94 11.45 22.35
C TRP D 84 0.25 10.53 22.55
N ASP D 85 0.15 9.29 22.08
CA ASP D 85 1.24 8.32 22.20
C ASP D 85 2.46 8.86 21.47
N ARG D 86 2.25 9.20 20.20
CA ARG D 86 3.32 9.64 19.32
C ARG D 86 3.95 10.93 19.83
N ASN D 87 3.10 11.92 20.11
CA ASN D 87 3.60 13.20 20.59
C ASN D 87 4.37 13.03 21.89
N THR D 88 3.93 12.08 22.73
CA THR D 88 4.61 11.80 23.98
C THR D 88 6.01 11.25 23.73
N GLN D 89 6.13 10.34 22.76
CA GLN D 89 7.44 9.81 22.43
C GLN D 89 8.36 10.90 21.88
N ILE D 90 7.78 11.82 21.13
CA ILE D 90 8.51 12.96 20.62
C ILE D 90 9.08 13.81 21.76
N TYR D 91 8.23 14.13 22.73
CA TYR D 91 8.64 14.88 23.91
C TYR D 91 9.75 14.18 24.70
N LYS D 92 9.63 12.86 24.85
CA LYS D 92 10.64 12.10 25.59
C LYS D 92 12.01 12.17 24.90
N ALA D 93 12.00 11.96 23.58
CA ALA D 93 13.24 11.98 22.83
C ALA D 93 13.86 13.37 22.89
N GLN D 94 13.00 14.38 22.73
CA GLN D 94 13.43 15.77 22.80
C GLN D 94 14.04 16.08 24.16
N ALA D 95 13.48 15.51 25.22
CA ALA D 95 14.03 15.68 26.57
C ALA D 95 15.45 15.13 26.63
N GLN D 96 15.65 13.93 26.07
CA GLN D 96 16.99 13.33 26.05
C GLN D 96 17.99 14.25 25.31
N THR D 97 17.51 14.78 24.18
CA THR D 97 18.31 15.63 23.32
C THR D 97 18.68 16.93 24.04
N ASP D 98 17.71 17.52 24.72
CA ASP D 98 17.94 18.72 25.54
C ASP D 98 18.96 18.46 26.63
N ARG D 99 18.95 17.24 27.19
CA ARG D 99 19.96 16.91 28.20
C ARG D 99 21.35 16.93 27.62
N GLU D 100 21.51 16.29 26.47
CA GLU D 100 22.83 16.25 25.87
C GLU D 100 23.26 17.66 25.46
N SER D 101 22.29 18.45 25.03
CA SER D 101 22.52 19.82 24.63
C SER D 101 23.00 20.65 25.81
N LEU D 102 22.35 20.50 26.96
CA LEU D 102 22.77 21.19 28.18
C LEU D 102 24.19 20.80 28.55
N ARG D 103 24.52 19.52 28.36
CA ARG D 103 25.89 19.07 28.56
C ARG D 103 26.88 19.85 27.67
N ASN D 104 26.60 19.87 26.36
CA ASN D 104 27.47 20.57 25.43
C ASN D 104 27.60 22.06 25.75
N LEU D 105 26.47 22.68 26.09
CA LEU D 105 26.43 24.10 26.42
C LEU D 105 27.28 24.38 27.65
N ARG D 106 27.16 23.53 28.67
CA ARG D 106 28.02 23.64 29.85
C ARG D 106 29.48 23.63 29.40
N GLY D 107 29.79 22.73 28.46
CA GLY D 107 31.14 22.68 27.90
C GLY D 107 31.61 23.94 27.18
N TYR D 108 30.74 24.49 26.33
CA TYR D 108 31.10 25.66 25.53
C TYR D 108 31.45 26.90 26.36
N TYR D 109 30.78 27.06 27.49
CA TYR D 109 30.92 28.27 28.29
C TYR D 109 31.84 28.08 29.49
N ASN D 110 32.44 26.89 29.59
CA ASN D 110 33.31 26.56 30.72
C ASN D 110 32.62 26.72 32.07
N GLN D 111 31.35 26.37 32.11
CA GLN D 111 30.60 26.42 33.35
C GLN D 111 30.85 25.15 34.15
N SER D 112 30.71 25.24 35.47
CA SER D 112 31.04 24.11 36.33
C SER D 112 29.96 23.04 36.25
N GLU D 113 30.35 21.80 36.54
CA GLU D 113 29.46 20.66 36.42
C GLU D 113 28.34 20.68 37.47
N ALA D 114 28.40 21.63 38.38
CA ALA D 114 27.46 21.67 39.50
C ALA D 114 26.34 22.67 39.27
N GLY D 115 26.58 23.67 38.43
CA GLY D 115 25.57 24.68 38.15
C GLY D 115 24.27 24.16 37.57
N SER D 116 23.20 24.93 37.76
CA SER D 116 21.90 24.62 37.17
C SER D 116 21.59 25.64 36.08
N HIS D 117 21.31 25.15 34.88
CA HIS D 117 21.09 26.02 33.73
C HIS D 117 19.81 25.72 32.97
N THR D 118 19.38 26.67 32.15
CA THR D 118 18.14 26.57 31.41
C THR D 118 18.36 26.61 29.90
N LEU D 119 17.74 25.67 29.19
CA LEU D 119 17.69 25.72 27.74
C LEU D 119 16.24 25.88 27.28
N GLN D 120 15.97 26.94 26.52
CA GLN D 120 14.63 27.20 26.04
C GLN D 120 14.56 27.11 24.52
N SER D 121 13.49 26.49 24.04
CA SER D 121 13.22 26.39 22.60
C SER D 121 11.87 26.99 22.27
N MET D 122 11.78 27.63 21.11
CA MET D 122 10.59 28.35 20.71
C MET D 122 10.40 28.19 19.22
N TYR D 123 9.39 27.46 18.78
CA TYR D 123 9.24 27.28 17.33
C TYR D 123 7.78 27.22 16.89
N GLY D 124 7.54 27.38 15.59
CA GLY D 124 6.18 27.25 15.09
C GLY D 124 5.89 27.99 13.79
N CYS D 125 4.64 27.93 13.35
CA CYS D 125 4.30 28.56 12.07
C CYS D 125 3.18 29.60 12.20
N ASP D 126 3.32 30.66 11.43
CA ASP D 126 2.26 31.64 11.21
C ASP D 126 1.73 31.49 9.79
N VAL D 127 0.39 31.40 9.69
CA VAL D 127 -0.29 31.34 8.40
C VAL D 127 -1.33 32.45 8.28
N GLY D 128 -1.72 32.76 7.04
CA GLY D 128 -2.74 33.76 6.78
C GLY D 128 -4.12 33.15 6.73
N PRO D 129 -5.12 33.94 6.29
CA PRO D 129 -6.51 33.49 6.20
C PRO D 129 -6.71 32.37 5.19
N ASP D 130 -5.84 32.29 4.18
CA ASP D 130 -5.89 31.17 3.23
C ASP D 130 -5.30 29.90 3.83
N GLY D 131 -4.65 30.04 4.98
CA GLY D 131 -4.06 28.90 5.67
C GLY D 131 -2.69 28.48 5.17
N ARG D 132 -2.07 29.31 4.34
CA ARG D 132 -0.74 29.00 3.80
C ARG D 132 0.33 29.72 4.61
N LEU D 133 1.54 29.17 4.59
CA LEU D 133 2.63 29.68 5.42
C LEU D 133 2.90 31.17 5.20
N LEU D 134 3.00 31.90 6.30
CA LEU D 134 3.39 33.30 6.26
C LEU D 134 4.80 33.43 6.81
N ARG D 135 5.02 32.87 7.99
CA ARG D 135 6.35 32.96 8.61
C ARG D 135 6.64 31.74 9.46
N GLY D 136 7.91 31.37 9.57
CA GLY D 136 8.29 30.26 10.43
C GLY D 136 9.22 30.73 11.53
N HIS D 137 9.25 29.99 12.63
CA HIS D 137 10.10 30.31 13.75
C HIS D 137 10.75 29.06 14.33
N ASP D 138 11.96 29.22 14.82
CA ASP D 138 12.71 28.14 15.48
C ASP D 138 13.96 28.73 16.12
N GLN D 139 13.91 28.99 17.42
CA GLN D 139 15.03 29.65 18.09
C GLN D 139 15.23 29.18 19.52
N TYR D 140 16.44 29.41 20.02
CA TYR D 140 16.90 28.88 21.30
C TYR D 140 17.55 29.95 22.15
N ALA D 141 17.36 29.82 23.46
CA ALA D 141 17.99 30.69 24.43
C ALA D 141 18.64 29.87 25.53
N TYR D 142 19.81 30.31 25.96
CA TYR D 142 20.51 29.63 27.04
C TYR D 142 20.63 30.57 28.22
N ASP D 143 20.15 30.10 29.37
CA ASP D 143 20.09 30.90 30.60
C ASP D 143 19.42 32.26 30.37
N GLY D 144 18.42 32.28 29.50
CA GLY D 144 17.62 33.47 29.31
C GLY D 144 18.08 34.44 28.23
N LYS D 145 19.21 34.15 27.60
CA LYS D 145 19.70 35.01 26.53
C LYS D 145 19.65 34.31 25.18
N ASP D 146 19.35 35.08 24.14
CA ASP D 146 19.33 34.57 22.77
C ASP D 146 20.58 33.76 22.50
N TYR D 147 20.40 32.53 22.03
CA TYR D 147 21.54 31.69 21.72
C TYR D 147 21.63 31.45 20.22
N ILE D 148 20.54 30.99 19.61
CA ILE D 148 20.62 30.76 18.16
C ILE D 148 19.25 30.74 17.51
N ALA D 149 19.11 31.42 16.38
CA ALA D 149 17.80 31.53 15.76
C ALA D 149 17.81 31.16 14.28
N LEU D 150 16.75 30.49 13.83
CA LEU D 150 16.59 30.23 12.40
C LEU D 150 16.17 31.53 11.73
N ASN D 151 16.86 31.88 10.64
CA ASN D 151 16.59 33.15 9.96
C ASN D 151 15.26 33.11 9.22
N GLU D 152 14.79 34.30 8.85
CA GLU D 152 13.52 34.44 8.14
C GLU D 152 13.43 33.60 6.87
N ASP D 153 14.55 33.48 6.16
CA ASP D 153 14.60 32.65 4.95
C ASP D 153 14.45 31.16 5.24
N LEU D 154 14.63 30.80 6.52
CA LEU D 154 14.49 29.43 7.00
C LEU D 154 15.56 28.51 6.42
N ARG D 155 16.74 29.07 6.15
CA ARG D 155 17.80 28.31 5.48
C ARG D 155 19.13 28.42 6.22
N SER D 156 19.26 29.44 7.06
CA SER D 156 20.49 29.66 7.80
C SER D 156 20.19 30.05 9.24
N TRP D 157 21.24 30.09 10.05
CA TRP D 157 21.09 30.42 11.46
C TRP D 157 21.84 31.71 11.79
N THR D 158 21.27 32.46 12.74
CA THR D 158 21.99 33.57 13.35
C THR D 158 22.44 33.11 14.72
N ALA D 159 23.75 33.00 14.88
CA ALA D 159 24.36 32.64 16.15
C ALA D 159 24.70 33.90 16.91
N ALA D 160 24.20 34.00 18.14
CA ALA D 160 24.44 35.18 18.96
C ALA D 160 25.82 35.15 19.57
N ASP D 161 26.43 33.97 19.60
CA ASP D 161 27.55 33.72 20.51
C ASP D 161 28.72 33.01 19.85
N THR D 162 29.86 33.02 20.51
CA THR D 162 31.01 32.22 20.08
C THR D 162 30.70 30.72 20.21
N ALA D 163 29.89 30.37 21.22
CA ALA D 163 29.45 28.99 21.42
C ALA D 163 28.39 28.61 20.38
N ALA D 164 27.46 29.53 20.20
CA ALA D 164 26.39 29.35 19.23
C ALA D 164 26.97 29.19 17.84
N GLN D 165 28.19 29.71 17.63
CA GLN D 165 28.90 29.47 16.38
C GLN D 165 29.29 28.00 16.23
N ILE D 166 29.71 27.37 17.32
CA ILE D 166 29.98 25.93 17.31
C ILE D 166 28.71 25.18 16.91
N THR D 167 27.60 25.56 17.55
CA THR D 167 26.34 24.91 17.20
C THR D 167 26.01 25.15 15.73
N GLN D 168 26.27 26.37 15.27
CA GLN D 168 25.98 26.78 13.90
C GLN D 168 26.76 25.96 12.87
N ARG D 169 28.05 25.74 13.13
CA ARG D 169 28.88 24.92 12.25
C ARG D 169 28.36 23.49 12.23
N LYS D 170 28.03 22.99 13.41
CA LYS D 170 27.56 21.62 13.56
C LYS D 170 26.27 21.39 12.76
N TRP D 171 25.33 22.32 12.88
CA TRP D 171 24.07 22.24 12.14
C TRP D 171 24.22 22.50 10.63
N GLU D 172 25.16 23.37 10.27
CA GLU D 172 25.39 23.67 8.86
C GLU D 172 25.97 22.46 8.14
N ALA D 173 26.83 21.73 8.84
CA ALA D 173 27.38 20.50 8.27
C ALA D 173 26.28 19.47 8.10
N ALA D 174 25.42 19.33 9.10
CA ALA D 174 24.36 18.33 9.09
C ALA D 174 23.09 18.81 8.38
N ARG D 175 23.12 20.03 7.85
CA ARG D 175 21.99 20.58 7.09
C ARG D 175 20.65 20.53 7.84
N GLU D 176 20.69 20.85 9.12
CA GLU D 176 19.51 20.76 9.99
C GLU D 176 18.41 21.75 9.63
N ALA D 177 18.82 22.91 9.14
CA ALA D 177 17.90 23.97 8.74
C ALA D 177 16.89 23.48 7.71
N GLU D 178 17.33 22.57 6.84
CA GLU D 178 16.46 22.01 5.82
C GLU D 178 15.32 21.22 6.46
N GLN D 179 15.64 20.54 7.55
CA GLN D 179 14.66 19.71 8.25
C GLN D 179 13.70 20.58 9.04
N ARG D 180 14.23 21.66 9.62
CA ARG D 180 13.36 22.61 10.33
C ARG D 180 12.39 23.27 9.35
N ARG D 181 12.89 23.59 8.16
CA ARG D 181 12.06 24.15 7.09
C ARG D 181 11.02 23.15 6.66
N ALA D 182 11.42 21.88 6.59
CA ALA D 182 10.52 20.80 6.23
C ALA D 182 9.35 20.74 7.21
N TYR D 183 9.65 20.79 8.51
CA TYR D 183 8.59 20.84 9.52
C TYR D 183 7.70 22.07 9.37
N LEU D 184 8.32 23.25 9.29
CA LEU D 184 7.58 24.50 9.33
C LEU D 184 6.71 24.70 8.09
N GLU D 185 7.13 24.13 6.97
CA GLU D 185 6.35 24.22 5.73
C GLU D 185 5.41 23.02 5.59
N GLY D 186 5.73 21.93 6.29
CA GLY D 186 4.96 20.71 6.18
C GLY D 186 3.93 20.48 7.27
N GLU D 187 4.27 19.62 8.24
CA GLU D 187 3.32 19.21 9.26
C GLU D 187 2.77 20.38 10.07
N CYS D 188 3.58 21.41 10.25
CA CYS D 188 3.20 22.53 11.11
C CYS D 188 1.95 23.21 10.56
N VAL D 189 1.99 23.52 9.26
CA VAL D 189 0.89 24.16 8.58
C VAL D 189 -0.36 23.26 8.57
N GLU D 190 -0.16 21.97 8.33
CA GLU D 190 -1.25 21.01 8.26
C GLU D 190 -1.99 20.86 9.60
N TRP D 191 -1.22 20.65 10.66
CA TRP D 191 -1.79 20.54 11.99
C TRP D 191 -2.47 21.83 12.42
N LEU D 192 -1.82 22.97 12.15
CA LEU D 192 -2.44 24.24 12.48
C LEU D 192 -3.79 24.38 11.76
N ARG D 193 -3.82 23.93 10.51
CA ARG D 193 -5.04 23.93 9.71
C ARG D 193 -6.14 23.11 10.38
N ARG D 194 -5.76 21.91 10.83
CA ARG D 194 -6.72 21.00 11.43
C ARG D 194 -7.24 21.54 12.76
N TYR D 195 -6.37 22.22 13.50
CA TYR D 195 -6.75 22.78 14.79
C TYR D 195 -7.67 23.97 14.61
N LEU D 196 -7.38 24.80 13.62
CA LEU D 196 -8.24 25.94 13.30
C LEU D 196 -9.60 25.48 12.80
N GLU D 197 -9.64 24.36 12.09
CA GLU D 197 -10.91 23.80 11.64
C GLU D 197 -11.71 23.27 12.83
N ASN D 198 -11.05 22.46 13.67
CA ASN D 198 -11.72 21.80 14.76
C ASN D 198 -12.12 22.75 15.90
N GLY D 199 -11.31 23.78 16.10
CA GLY D 199 -11.58 24.75 17.15
C GLY D 199 -12.06 26.09 16.64
N LYS D 200 -12.59 26.09 15.42
CA LYS D 200 -13.02 27.29 14.73
C LYS D 200 -13.79 28.29 15.58
N ASP D 201 -14.81 27.81 16.28
CA ASP D 201 -15.73 28.70 16.98
C ASP D 201 -15.10 29.36 18.21
N LYS D 202 -13.95 28.85 18.64
CA LYS D 202 -13.22 29.48 19.75
C LYS D 202 -11.89 30.08 19.32
N LEU D 203 -11.35 29.64 18.18
CA LEU D 203 -10.08 30.20 17.70
C LEU D 203 -10.31 31.37 16.75
N GLU D 204 -11.41 31.34 16.01
CA GLU D 204 -11.80 32.49 15.20
C GLU D 204 -12.74 33.35 16.05
N ARG D 205 -12.68 33.13 17.36
CA ARG D 205 -13.44 33.91 18.33
C ARG D 205 -12.79 35.27 18.49
N ALA D 206 -13.62 36.29 18.63
CA ALA D 206 -13.14 37.59 19.04
C ALA D 206 -14.08 38.16 20.08
N ASP D 207 -13.69 38.03 21.35
CA ASP D 207 -14.51 38.50 22.45
C ASP D 207 -14.18 39.95 22.77
N PRO D 208 -15.11 40.87 22.47
CA PRO D 208 -14.88 42.28 22.80
C PRO D 208 -14.79 42.43 24.31
N PRO D 209 -14.03 43.42 24.79
CA PRO D 209 -13.89 43.57 26.24
C PRO D 209 -15.16 44.11 26.90
N LYS D 210 -15.37 43.69 28.13
CA LYS D 210 -16.38 44.31 28.98
C LYS D 210 -15.65 45.43 29.70
N THR D 211 -16.13 46.65 29.54
CA THR D 211 -15.36 47.81 29.99
C THR D 211 -16.12 48.66 30.99
N HIS D 212 -15.37 49.30 31.89
CA HIS D 212 -15.99 50.25 32.83
C HIS D 212 -14.93 51.10 33.52
N VAL D 213 -15.35 52.22 34.11
CA VAL D 213 -14.40 53.12 34.75
C VAL D 213 -14.67 53.28 36.25
N THR D 214 -13.60 53.27 37.05
CA THR D 214 -13.71 53.42 38.50
C THR D 214 -12.86 54.60 38.99
N HIS D 215 -13.20 55.14 40.15
CA HIS D 215 -12.51 56.31 40.67
C HIS D 215 -12.22 56.27 42.16
N HIS D 216 -11.00 56.64 42.55
CA HIS D 216 -10.65 56.65 43.97
C HIS D 216 -10.00 57.97 44.39
N PRO D 217 -10.71 58.74 45.23
CA PRO D 217 -10.10 59.93 45.83
C PRO D 217 -8.94 59.53 46.73
N ILE D 218 -7.98 60.42 46.96
CA ILE D 218 -6.88 60.12 47.88
C ILE D 218 -6.63 61.05 49.10
N SER D 219 -6.87 62.37 49.05
CA SER D 219 -7.27 63.18 47.91
C SER D 219 -6.59 64.54 47.98
N GLU D 222 -5.35 65.51 44.38
CA GLU D 222 -5.06 64.39 43.49
C GLU D 222 -6.15 63.32 43.58
N ALA D 223 -6.65 62.87 42.44
CA ALA D 223 -7.66 61.80 42.39
C ALA D 223 -7.30 60.72 41.36
N THR D 224 -7.88 59.52 41.47
CA THR D 224 -7.54 58.45 40.52
C THR D 224 -8.69 57.95 39.62
N LEU D 225 -8.42 57.86 38.32
CA LEU D 225 -9.31 57.27 37.33
C LEU D 225 -8.76 55.97 36.76
N ARG D 226 -9.60 54.94 36.71
CA ARG D 226 -9.20 53.62 36.25
C ARG D 226 -10.09 53.12 35.11
N CYS D 227 -9.48 52.84 33.96
CA CYS D 227 -10.17 52.26 32.81
C CYS D 227 -9.97 50.75 32.79
N TRP D 228 -11.08 50.03 32.97
CA TRP D 228 -11.09 48.57 33.06
C TRP D 228 -11.57 47.89 31.78
N ALA D 229 -10.82 46.89 31.33
CA ALA D 229 -11.20 46.00 30.24
C ALA D 229 -11.04 44.54 30.65
N LEU D 230 -12.15 43.80 30.68
CA LEU D 230 -12.15 42.42 31.17
C LEU D 230 -12.75 41.42 30.17
N GLY D 231 -12.38 40.16 30.29
CA GLY D 231 -13.00 39.08 29.55
C GLY D 231 -12.84 39.07 28.04
N PHE D 232 -11.79 39.69 27.53
CA PHE D 232 -11.58 39.80 26.09
C PHE D 232 -10.60 38.75 25.52
N TYR D 233 -10.73 38.45 24.22
CA TYR D 233 -9.83 37.56 23.48
C TYR D 233 -9.77 37.97 21.99
N PRO D 234 -8.56 37.94 21.37
CA PRO D 234 -7.27 37.58 21.99
C PRO D 234 -6.70 38.67 22.92
N ALA D 235 -5.45 38.48 23.33
CA ALA D 235 -4.86 39.29 24.39
C ALA D 235 -4.54 40.69 23.88
N GLU D 236 -4.40 40.82 22.57
CA GLU D 236 -4.06 42.11 21.98
C GLU D 236 -5.15 43.15 22.22
N ILE D 237 -4.77 44.26 22.83
CA ILE D 237 -5.70 45.34 23.13
C ILE D 237 -4.93 46.65 23.34
N THR D 238 -5.61 47.77 23.10
CA THR D 238 -5.02 49.08 23.41
C THR D 238 -5.94 49.91 24.30
N LEU D 239 -5.38 50.38 25.41
CA LEU D 239 -6.09 51.24 26.35
C LEU D 239 -5.35 52.55 26.53
N THR D 240 -5.98 53.66 26.13
CA THR D 240 -5.30 54.95 26.26
C THR D 240 -6.13 55.97 27.05
N TRP D 241 -5.45 56.79 27.85
CA TRP D 241 -6.09 57.91 28.52
C TRP D 241 -5.75 59.19 27.78
N GLN D 242 -6.74 59.90 27.26
CA GLN D 242 -6.49 61.16 26.58
C GLN D 242 -7.04 62.40 27.27
N ARG D 243 -6.29 63.46 27.02
CA ARG D 243 -6.54 64.83 27.43
C ARG D 243 -7.09 65.63 26.24
N ASP D 244 -8.41 65.84 26.24
CA ASP D 244 -9.07 66.61 25.19
C ASP D 244 -8.76 66.08 23.79
N GLY D 245 -8.18 64.87 23.73
CA GLY D 245 -7.76 64.25 22.49
C GLY D 245 -6.25 64.09 22.30
N GLU D 246 -5.45 64.57 23.24
CA GLU D 246 -4.02 64.26 23.19
C GLU D 246 -3.66 63.38 24.39
N ASP D 247 -2.94 62.30 24.12
CA ASP D 247 -2.76 61.19 25.06
C ASP D 247 -1.80 61.46 26.21
N GLN D 248 -2.21 61.01 27.40
CA GLN D 248 -1.43 61.17 28.62
C GLN D 248 -0.69 59.88 28.94
N THR D 249 0.19 59.43 28.04
CA THR D 249 0.92 58.20 28.27
C THR D 249 1.77 58.44 29.52
N GLN D 250 2.47 59.58 29.50
CA GLN D 250 3.07 60.22 30.69
C GLN D 250 2.78 59.60 32.07
N ASP D 251 1.61 59.87 32.63
CA ASP D 251 1.22 59.37 33.95
C ASP D 251 0.06 58.37 33.92
N THR D 252 -0.29 57.87 32.73
CA THR D 252 -1.13 56.67 32.69
C THR D 252 -0.28 55.54 33.22
N GLU D 253 -0.81 54.86 34.23
CA GLU D 253 -0.17 53.71 34.85
C GLU D 253 -0.78 52.48 34.18
N LEU D 254 0.01 51.78 33.39
CA LEU D 254 -0.56 50.71 32.59
C LEU D 254 0.04 49.34 32.90
N VAL D 255 -0.76 48.50 33.54
CA VAL D 255 -0.33 47.15 33.93
C VAL D 255 -0.37 46.19 32.74
N GLU D 256 0.40 45.11 32.83
CA GLU D 256 0.42 44.09 31.80
C GLU D 256 -0.93 43.41 31.60
N THR D 257 -1.21 43.02 30.36
CA THR D 257 -2.35 42.17 30.08
C THR D 257 -2.19 40.87 30.84
N ARG D 258 -3.25 40.45 31.54
CA ARG D 258 -3.16 39.29 32.41
C ARG D 258 -4.24 38.27 32.10
N PRO D 259 -3.95 36.98 32.33
CA PRO D 259 -4.94 35.92 32.15
C PRO D 259 -5.98 35.89 33.28
N ALA D 260 -7.25 35.80 32.91
CA ALA D 260 -8.31 35.75 33.90
C ALA D 260 -8.43 34.36 34.48
N GLY D 261 -7.85 33.39 33.79
CA GLY D 261 -7.93 31.99 34.21
C GLY D 261 -9.00 31.20 33.50
N ASP D 262 -9.79 31.89 32.67
CA ASP D 262 -10.85 31.25 31.90
C ASP D 262 -10.62 31.43 30.41
N ARG D 263 -9.35 31.63 30.04
CA ARG D 263 -8.89 31.78 28.66
C ARG D 263 -9.28 33.14 28.07
N THR D 264 -9.67 34.06 28.94
CA THR D 264 -9.84 35.45 28.55
C THR D 264 -8.75 36.29 29.21
N PHE D 265 -8.64 37.55 28.83
CA PHE D 265 -7.60 38.40 29.38
C PHE D 265 -8.16 39.66 30.01
N GLN D 266 -7.35 40.32 30.84
CA GLN D 266 -7.75 41.55 31.51
C GLN D 266 -6.65 42.61 31.40
N LYS D 267 -7.07 43.87 31.39
CA LYS D 267 -6.11 44.98 31.42
C LYS D 267 -6.78 46.24 31.97
N TRP D 268 -6.02 47.06 32.69
CA TRP D 268 -6.52 48.37 33.08
C TRP D 268 -5.46 49.46 33.02
N ALA D 269 -5.91 50.69 32.80
CA ALA D 269 -5.01 51.85 32.78
C ALA D 269 -5.46 52.86 33.83
N ALA D 270 -4.52 53.62 34.40
CA ALA D 270 -4.88 54.53 35.50
C ALA D 270 -4.19 55.90 35.43
N VAL D 271 -4.95 56.96 35.67
CA VAL D 271 -4.38 58.30 35.75
C VAL D 271 -4.72 58.95 37.10
N VAL D 272 -3.74 59.53 37.79
CA VAL D 272 -4.08 60.25 39.01
C VAL D 272 -4.04 61.75 38.72
N VAL D 273 -5.21 62.34 38.91
CA VAL D 273 -5.45 63.69 38.51
C VAL D 273 -5.99 64.52 39.65
N PRO D 274 -6.05 65.87 39.51
CA PRO D 274 -6.76 66.37 40.68
C PRO D 274 -8.27 66.35 40.38
N SER D 275 -9.08 66.67 41.36
CA SER D 275 -10.52 66.72 41.18
C SER D 275 -11.05 67.82 40.23
N GLY D 276 -10.20 68.31 39.34
CA GLY D 276 -10.56 69.38 38.46
C GLY D 276 -10.59 69.04 36.98
N GLU D 277 -11.71 69.39 36.35
CA GLU D 277 -11.91 69.26 34.90
C GLU D 277 -11.90 67.82 34.40
N GLU D 278 -12.63 66.96 35.08
CA GLU D 278 -12.64 65.55 34.74
C GLU D 278 -13.44 65.08 33.52
N GLN D 279 -14.32 65.92 32.99
CA GLN D 279 -15.16 65.52 31.84
C GLN D 279 -14.47 65.68 30.48
N ARG D 280 -13.14 65.69 30.50
CA ARG D 280 -12.31 65.58 29.29
C ARG D 280 -11.23 64.51 29.41
N TYR D 281 -11.28 63.71 30.47
CA TYR D 281 -10.40 62.57 30.55
C TYR D 281 -11.16 61.48 29.84
N THR D 282 -10.60 60.99 28.75
CA THR D 282 -11.29 59.99 27.97
C THR D 282 -10.50 58.71 27.92
N CYS D 283 -11.18 57.57 28.01
CA CYS D 283 -10.46 56.32 27.83
C CYS D 283 -10.84 55.73 26.49
N HIS D 284 -9.85 55.23 25.77
CA HIS D 284 -10.11 54.68 24.46
C HIS D 284 -9.63 53.25 24.41
N VAL D 285 -10.58 52.38 24.06
CA VAL D 285 -10.33 50.95 24.00
C VAL D 285 -10.40 50.45 22.56
N GLN D 286 -9.31 49.87 22.09
CA GLN D 286 -9.31 49.21 20.79
C GLN D 286 -9.01 47.73 20.93
N HIS D 287 -9.91 46.93 20.37
CA HIS D 287 -9.81 45.48 20.40
C HIS D 287 -10.57 44.94 19.19
N GLU D 288 -10.04 43.90 18.57
CA GLU D 288 -10.57 43.43 17.29
C GLU D 288 -11.99 42.87 17.40
N GLY D 289 -12.48 42.73 18.63
CA GLY D 289 -13.85 42.28 18.86
C GLY D 289 -14.81 43.46 18.90
N LEU D 290 -14.26 44.67 18.97
CA LEU D 290 -15.06 45.89 18.95
C LEU D 290 -15.33 46.31 17.51
N PRO D 291 -16.60 46.52 17.16
CA PRO D 291 -16.96 46.99 15.81
C PRO D 291 -16.31 48.34 15.51
N LYS D 292 -16.33 49.21 16.51
CA LYS D 292 -15.68 50.51 16.44
C LYS D 292 -14.97 50.73 17.76
N PRO D 293 -13.85 51.48 17.76
CA PRO D 293 -13.16 51.82 19.01
C PRO D 293 -14.08 52.45 20.06
N LEU D 294 -13.89 52.07 21.32
CA LEU D 294 -14.73 52.59 22.40
C LEU D 294 -14.17 53.84 23.05
N THR D 295 -15.06 54.73 23.45
CA THR D 295 -14.75 55.93 24.21
C THR D 295 -15.50 55.91 25.54
N LEU D 296 -14.76 55.94 26.64
CA LEU D 296 -15.33 55.81 27.97
C LEU D 296 -15.05 57.02 28.85
N ARG D 297 -16.01 57.32 29.71
CA ARG D 297 -15.88 58.38 30.70
C ARG D 297 -16.72 58.01 31.93
N TRP D 298 -16.27 58.44 33.10
CA TRP D 298 -17.12 58.37 34.30
C TRP D 298 -17.91 59.65 34.53
N ILE E 9 7.78 -15.47 -35.59
CA ILE E 9 8.67 -15.01 -36.65
C ILE E 9 10.12 -15.47 -36.40
N GLN E 10 10.63 -16.37 -37.22
CA GLN E 10 9.88 -17.10 -38.25
C GLN E 10 10.52 -18.48 -38.33
N ARG E 11 9.77 -19.53 -37.99
CA ARG E 11 10.39 -20.85 -37.91
C ARG E 11 9.80 -21.79 -38.96
N THR E 12 10.67 -22.56 -39.60
CA THR E 12 10.28 -23.46 -40.67
C THR E 12 9.63 -24.72 -40.10
N PRO E 13 8.53 -25.17 -40.71
CA PRO E 13 7.87 -26.38 -40.22
C PRO E 13 8.70 -27.64 -40.40
N LYS E 14 8.64 -28.50 -39.39
CA LYS E 14 9.19 -29.85 -39.47
C LYS E 14 8.03 -30.78 -39.79
N ILE E 15 8.24 -31.64 -40.77
CA ILE E 15 7.13 -32.40 -41.36
C ILE E 15 7.33 -33.90 -41.25
N GLN E 16 6.31 -34.60 -40.76
CA GLN E 16 6.38 -36.05 -40.70
C GLN E 16 5.13 -36.69 -41.30
N VAL E 17 5.32 -37.57 -42.28
CA VAL E 17 4.21 -38.32 -42.84
C VAL E 17 4.31 -39.77 -42.38
N TYR E 18 3.22 -40.33 -41.86
CA TYR E 18 3.27 -41.67 -41.29
C TYR E 18 1.88 -42.23 -41.06
N SER E 19 1.80 -43.52 -40.80
CA SER E 19 0.51 -44.15 -40.47
C SER E 19 0.38 -44.32 -38.97
N ARG E 20 -0.84 -44.26 -38.46
CA ARG E 20 -1.07 -44.46 -37.03
C ARG E 20 -0.59 -45.84 -36.60
N HIS E 21 -0.95 -46.85 -37.39
CA HIS E 21 -0.52 -48.21 -37.14
C HIS E 21 0.36 -48.68 -38.29
N PRO E 22 1.15 -49.74 -38.07
CA PRO E 22 1.99 -50.29 -39.14
C PRO E 22 1.22 -50.66 -40.40
N ALA E 23 1.74 -50.24 -41.55
CA ALA E 23 1.03 -50.35 -42.82
C ALA E 23 0.82 -51.80 -43.24
N GLU E 24 -0.43 -52.17 -43.44
CA GLU E 24 -0.81 -53.46 -43.97
C GLU E 24 -1.83 -53.29 -45.09
N ASN E 25 -1.56 -53.86 -46.26
CA ASN E 25 -2.47 -53.72 -47.39
C ASN E 25 -3.81 -54.40 -47.13
N GLY E 26 -4.90 -53.67 -47.37
CA GLY E 26 -6.24 -54.20 -47.15
C GLY E 26 -6.80 -53.86 -45.79
N LYS E 27 -5.94 -53.48 -44.86
CA LYS E 27 -6.35 -53.15 -43.50
C LYS E 27 -6.40 -51.63 -43.30
N SER E 28 -7.50 -51.14 -42.74
CA SER E 28 -7.71 -49.71 -42.57
C SER E 28 -6.76 -49.12 -41.53
N ASN E 29 -6.40 -47.87 -41.76
CA ASN E 29 -5.42 -47.16 -40.96
C ASN E 29 -5.68 -45.66 -41.03
N PHE E 30 -4.78 -44.88 -40.42
CA PHE E 30 -4.88 -43.44 -40.48
C PHE E 30 -3.60 -42.83 -41.01
N LEU E 31 -3.74 -41.89 -41.93
CA LEU E 31 -2.61 -41.19 -42.51
C LEU E 31 -2.43 -39.87 -41.79
N ASN E 32 -1.29 -39.73 -41.13
CA ASN E 32 -0.92 -38.56 -40.36
C ASN E 32 0.13 -37.73 -41.09
N CYS E 33 -0.06 -36.42 -41.05
CA CYS E 33 0.99 -35.48 -41.36
C CYS E 33 1.10 -34.55 -40.17
N TYR E 34 2.22 -34.65 -39.47
CA TYR E 34 2.46 -33.85 -38.28
C TYR E 34 3.44 -32.74 -38.63
N VAL E 35 2.96 -31.51 -38.54
CA VAL E 35 3.84 -30.37 -38.74
C VAL E 35 4.09 -29.73 -37.37
N SER E 36 5.34 -29.39 -37.09
CA SER E 36 5.68 -28.89 -35.76
C SER E 36 6.89 -27.99 -35.82
N GLY E 37 7.04 -27.14 -34.81
CA GLY E 37 8.23 -26.31 -34.72
C GLY E 37 8.17 -25.05 -35.56
N PHE E 38 6.97 -24.72 -36.04
CA PHE E 38 6.83 -23.60 -36.96
C PHE E 38 6.20 -22.37 -36.30
N HIS E 39 6.46 -21.21 -36.89
CA HIS E 39 5.92 -19.94 -36.42
C HIS E 39 6.04 -18.94 -37.57
N PRO E 40 4.98 -18.18 -37.86
CA PRO E 40 3.64 -18.09 -37.25
C PRO E 40 2.71 -19.29 -37.51
N SER E 41 1.49 -19.21 -36.99
CA SER E 41 0.58 -20.35 -36.96
C SER E 41 -0.09 -20.67 -38.29
N ASP E 42 -0.37 -19.67 -39.11
CA ASP E 42 -0.99 -19.91 -40.41
C ASP E 42 -0.18 -20.87 -41.25
N ILE E 43 -0.83 -21.94 -41.71
CA ILE E 43 -0.13 -22.98 -42.44
C ILE E 43 -1.11 -23.78 -43.30
N GLU E 44 -0.67 -24.22 -44.46
CA GLU E 44 -1.51 -25.00 -45.36
C GLU E 44 -1.00 -26.43 -45.47
N VAL E 45 -1.86 -27.40 -45.14
CA VAL E 45 -1.46 -28.80 -45.19
C VAL E 45 -2.50 -29.64 -45.93
N ASP E 46 -2.06 -30.31 -46.98
CA ASP E 46 -2.91 -31.26 -47.69
C ASP E 46 -2.32 -32.66 -47.58
N LEU E 47 -3.18 -33.66 -47.52
CA LEU E 47 -2.76 -35.03 -47.74
C LEU E 47 -3.06 -35.41 -49.18
N LEU E 48 -2.10 -36.07 -49.82
CA LEU E 48 -2.20 -36.41 -51.23
C LEU E 48 -2.31 -37.91 -51.46
N LYS E 49 -3.20 -38.29 -52.36
CA LYS E 49 -3.24 -39.65 -52.86
C LYS E 49 -2.88 -39.61 -54.35
N ASN E 50 -1.79 -40.28 -54.68
CA ASN E 50 -1.26 -40.27 -56.05
C ASN E 50 -1.13 -38.87 -56.63
N GLY E 51 -0.81 -37.90 -55.77
CA GLY E 51 -0.49 -36.56 -56.23
C GLY E 51 -1.61 -35.55 -56.05
N GLU E 52 -2.82 -36.04 -55.82
CA GLU E 52 -3.98 -35.17 -55.66
C GLU E 52 -4.47 -35.13 -54.21
N ARG E 53 -5.02 -33.98 -53.81
CA ARG E 53 -5.39 -33.77 -52.40
C ARG E 53 -6.61 -34.59 -52.00
N ILE E 54 -6.52 -35.18 -50.81
CA ILE E 54 -7.63 -35.94 -50.24
C ILE E 54 -8.64 -34.99 -49.60
N GLU E 55 -9.93 -35.33 -49.70
CA GLU E 55 -11.00 -34.46 -49.24
C GLU E 55 -11.21 -34.52 -47.73
N LYS E 56 -11.32 -35.74 -47.22
CA LYS E 56 -11.65 -35.91 -45.81
C LYS E 56 -10.39 -35.91 -44.97
N VAL E 57 -9.94 -34.70 -44.62
CA VAL E 57 -8.77 -34.54 -43.79
C VAL E 57 -9.11 -33.65 -42.61
N GLU E 58 -9.05 -34.23 -41.42
CA GLU E 58 -9.31 -33.46 -40.21
C GLU E 58 -7.96 -32.99 -39.65
N HIS E 59 -8.01 -32.14 -38.62
CA HIS E 59 -6.77 -31.75 -37.97
C HIS E 59 -7.00 -31.37 -36.52
N SER E 60 -5.96 -31.59 -35.71
CA SER E 60 -6.01 -31.27 -34.29
C SER E 60 -6.18 -29.78 -34.03
N ASP E 61 -6.31 -29.43 -32.77
CA ASP E 61 -6.48 -28.04 -32.36
C ASP E 61 -5.14 -27.36 -32.22
N LEU E 62 -5.06 -26.11 -32.67
CA LEU E 62 -3.80 -25.38 -32.69
C LEU E 62 -3.19 -25.27 -31.29
N SER E 63 -1.97 -25.76 -31.17
CA SER E 63 -1.25 -25.71 -29.90
C SER E 63 0.23 -25.41 -30.15
N PHE E 64 1.00 -25.30 -29.08
CA PHE E 64 2.42 -24.98 -29.21
C PHE E 64 3.28 -25.56 -28.09
N SER E 65 4.58 -25.67 -28.37
CA SER E 65 5.54 -26.26 -27.44
C SER E 65 6.07 -25.21 -26.48
N LYS E 66 6.96 -25.61 -25.58
CA LYS E 66 7.49 -24.70 -24.57
C LYS E 66 8.41 -23.64 -25.18
N ASP E 67 8.76 -23.81 -26.45
CA ASP E 67 9.57 -22.81 -27.15
C ASP E 67 8.68 -21.93 -28.02
N TRP E 68 7.37 -22.06 -27.78
CA TRP E 68 6.32 -21.25 -28.41
C TRP E 68 6.02 -21.64 -29.87
N SER E 69 6.67 -22.68 -30.36
CA SER E 69 6.45 -23.10 -31.75
C SER E 69 5.18 -23.93 -31.87
N PHE E 70 4.41 -23.69 -32.92
CA PHE E 70 3.13 -24.36 -33.11
C PHE E 70 3.30 -25.79 -33.61
N TYR E 71 2.30 -26.61 -33.38
CA TYR E 71 2.25 -27.94 -33.95
C TYR E 71 0.81 -28.35 -34.24
N LEU E 72 0.64 -29.10 -35.33
CA LEU E 72 -0.67 -29.56 -35.78
C LEU E 72 -0.55 -30.95 -36.38
N LEU E 73 -1.59 -31.75 -36.14
CA LEU E 73 -1.68 -33.07 -36.74
C LEU E 73 -2.85 -33.15 -37.71
N TYR E 74 -2.54 -33.37 -38.98
CA TYR E 74 -3.58 -33.62 -39.97
C TYR E 74 -3.71 -35.12 -40.15
N TYR E 75 -4.92 -35.61 -40.33
CA TYR E 75 -5.09 -37.04 -40.51
C TYR E 75 -6.28 -37.39 -41.39
N THR E 76 -6.27 -38.63 -41.89
CA THR E 76 -7.37 -39.10 -42.70
C THR E 76 -7.47 -40.62 -42.59
N GLU E 77 -8.68 -41.14 -42.72
CA GLU E 77 -8.88 -42.58 -42.69
C GLU E 77 -8.66 -43.18 -44.07
N PHE E 78 -7.87 -44.25 -44.17
CA PHE E 78 -7.58 -44.83 -45.49
C PHE E 78 -7.22 -46.30 -45.37
N THR E 79 -7.25 -47.03 -46.48
CA THR E 79 -6.66 -48.36 -46.50
C THR E 79 -5.50 -48.40 -47.49
N PRO E 80 -4.29 -48.69 -46.99
CA PRO E 80 -3.08 -48.69 -47.81
C PRO E 80 -3.09 -49.78 -48.87
N THR E 81 -2.32 -49.58 -49.93
CA THR E 81 -2.29 -50.49 -51.06
C THR E 81 -0.90 -50.49 -51.68
N GLU E 82 -0.45 -51.68 -52.10
CA GLU E 82 0.80 -51.86 -52.84
C GLU E 82 1.12 -50.70 -53.79
N LYS E 83 0.19 -50.40 -54.69
CA LYS E 83 0.44 -49.45 -55.78
C LYS E 83 0.21 -47.97 -55.41
N ASP E 84 -0.63 -47.72 -54.41
CA ASP E 84 -1.01 -46.36 -54.09
C ASP E 84 0.08 -45.58 -53.35
N GLU E 85 0.26 -44.33 -53.76
CA GLU E 85 1.29 -43.46 -53.18
C GLU E 85 0.68 -42.24 -52.50
N TYR E 86 0.97 -42.09 -51.22
CA TYR E 86 0.47 -40.97 -50.44
C TYR E 86 1.58 -40.00 -50.07
N ALA E 87 1.24 -38.72 -49.98
CA ALA E 87 2.22 -37.72 -49.60
C ALA E 87 1.59 -36.61 -48.76
N CYS E 88 2.40 -35.73 -48.22
CA CYS E 88 1.91 -34.55 -47.52
C CYS E 88 2.47 -33.30 -48.20
N ARG E 89 1.61 -32.30 -48.41
CA ARG E 89 2.04 -31.06 -49.04
C ARG E 89 1.82 -29.89 -48.12
N VAL E 90 2.90 -29.20 -47.79
CA VAL E 90 2.85 -28.13 -46.80
C VAL E 90 3.33 -26.80 -47.36
N ASN E 91 2.52 -25.77 -47.19
CA ASN E 91 2.96 -24.41 -47.52
C ASN E 91 2.92 -23.52 -46.30
N HIS E 92 3.96 -22.71 -46.15
CA HIS E 92 4.12 -21.82 -45.01
C HIS E 92 4.94 -20.61 -45.46
N VAL E 93 4.80 -19.50 -44.75
CA VAL E 93 5.44 -18.26 -45.16
C VAL E 93 6.97 -18.37 -45.20
N THR E 94 7.51 -19.38 -44.51
CA THR E 94 8.95 -19.60 -44.49
C THR E 94 9.42 -20.52 -45.61
N LEU E 95 8.52 -20.93 -46.48
CA LEU E 95 8.85 -21.85 -47.56
C LEU E 95 8.79 -21.16 -48.92
N SER E 96 9.83 -21.36 -49.72
CA SER E 96 9.91 -20.83 -51.07
C SER E 96 8.73 -21.32 -51.90
N GLN E 97 8.57 -22.63 -51.90
CA GLN E 97 7.49 -23.30 -52.62
C GLN E 97 6.90 -24.36 -51.70
N PRO E 98 5.70 -24.85 -52.02
CA PRO E 98 5.15 -25.95 -51.22
C PRO E 98 6.12 -27.13 -51.11
N LYS E 99 6.31 -27.63 -49.90
CA LYS E 99 7.15 -28.80 -49.69
C LYS E 99 6.33 -30.08 -49.66
N ILE E 100 6.66 -31.00 -50.57
CA ILE E 100 6.02 -32.31 -50.63
C ILE E 100 6.89 -33.40 -50.00
N VAL E 101 6.34 -34.14 -49.04
CA VAL E 101 7.05 -35.23 -48.41
C VAL E 101 6.28 -36.53 -48.62
N LYS E 102 6.92 -37.55 -49.18
CA LYS E 102 6.22 -38.78 -49.50
C LYS E 102 6.16 -39.74 -48.31
N TRP E 103 5.04 -40.43 -48.17
CA TRP E 103 4.89 -41.45 -47.14
C TRP E 103 5.73 -42.66 -47.46
N ASP E 104 6.71 -42.93 -46.59
CA ASP E 104 7.54 -44.12 -46.70
C ASP E 104 7.16 -45.03 -45.54
N ARG E 105 6.71 -46.24 -45.87
CA ARG E 105 6.17 -47.18 -44.87
C ARG E 105 7.18 -47.49 -43.77
N ASP E 106 8.46 -47.26 -44.07
CA ASP E 106 9.53 -47.55 -43.12
C ASP E 106 9.99 -46.30 -42.37
N MET E 107 9.28 -45.19 -42.57
CA MET E 107 9.46 -43.99 -41.74
C MET E 107 8.12 -43.48 -41.22
N ALA F 3 -24.12 -20.01 -6.58
CA ALA F 3 -24.72 -20.03 -5.26
C ALA F 3 -25.41 -18.72 -4.92
N LYS F 4 -25.99 -18.66 -3.73
CA LYS F 4 -26.54 -17.41 -3.21
C LYS F 4 -25.99 -17.26 -1.81
N THR F 5 -26.16 -16.09 -1.22
CA THR F 5 -25.63 -15.86 0.11
C THR F 5 -26.72 -15.43 1.07
N THR F 6 -26.73 -16.02 2.25
CA THR F 6 -27.61 -15.57 3.32
C THR F 6 -26.77 -15.03 4.47
N GLN F 7 -27.10 -13.80 4.87
CA GLN F 7 -26.35 -13.10 5.91
C GLN F 7 -27.36 -12.38 6.80
N PRO F 8 -26.91 -11.87 7.97
CA PRO F 8 -27.86 -11.19 8.85
C PRO F 8 -28.56 -10.02 8.17
N ILE F 9 -29.83 -9.82 8.49
CA ILE F 9 -30.57 -8.72 7.89
C ILE F 9 -30.08 -7.40 8.49
N SER F 10 -29.85 -7.42 9.80
CA SER F 10 -29.31 -6.25 10.48
C SER F 10 -28.47 -6.62 11.69
N MET F 11 -27.66 -5.67 12.15
CA MET F 11 -26.79 -5.87 13.30
C MET F 11 -26.60 -4.56 14.04
N ASP F 12 -26.54 -4.62 15.36
CA ASP F 12 -26.28 -3.46 16.18
C ASP F 12 -24.87 -3.57 16.75
N SER F 13 -24.26 -2.42 17.05
CA SER F 13 -22.92 -2.39 17.60
C SER F 13 -22.61 -1.03 18.20
N TYR F 14 -21.72 -1.03 19.19
CA TYR F 14 -21.20 0.21 19.75
C TYR F 14 -19.81 0.48 19.18
N GLU F 15 -19.46 1.75 19.03
CA GLU F 15 -18.14 2.09 18.49
C GLU F 15 -17.05 1.58 19.42
N GLY F 16 -15.96 1.10 18.84
CA GLY F 16 -14.87 0.53 19.60
C GLY F 16 -14.86 -1.00 19.60
N GLN F 17 -16.00 -1.61 19.30
CA GLN F 17 -16.09 -3.08 19.30
C GLN F 17 -15.62 -3.70 18.00
N GLU F 18 -15.35 -5.00 18.07
CA GLU F 18 -15.17 -5.82 16.90
C GLU F 18 -16.55 -6.21 16.37
N VAL F 19 -16.73 -6.11 15.06
CA VAL F 19 -18.00 -6.50 14.44
C VAL F 19 -17.79 -7.68 13.50
N ASN F 20 -18.45 -8.79 13.80
CA ASN F 20 -18.32 -9.98 12.96
C ASN F 20 -19.63 -10.32 12.28
N ILE F 21 -19.67 -10.14 10.97
CA ILE F 21 -20.84 -10.47 10.18
C ILE F 21 -20.57 -11.77 9.44
N THR F 22 -21.33 -12.80 9.77
CA THR F 22 -21.12 -14.11 9.16
C THR F 22 -22.08 -14.34 8.00
N CYS F 23 -21.59 -15.09 7.02
CA CYS F 23 -22.28 -15.32 5.77
C CYS F 23 -22.34 -16.82 5.51
N SER F 24 -23.49 -17.27 5.03
CA SER F 24 -23.67 -18.66 4.68
C SER F 24 -23.74 -18.84 3.16
N HIS F 25 -22.98 -19.80 2.64
CA HIS F 25 -23.01 -20.13 1.22
C HIS F 25 -22.61 -21.58 1.00
N ASN F 26 -23.55 -22.49 1.26
CA ASN F 26 -23.32 -23.93 1.18
C ASN F 26 -23.02 -24.42 -0.23
N ASN F 27 -23.58 -23.76 -1.23
CA ASN F 27 -23.44 -24.21 -2.61
C ASN F 27 -22.41 -23.42 -3.39
N ILE F 28 -21.41 -22.91 -2.68
CA ILE F 28 -20.31 -22.19 -3.31
C ILE F 28 -19.63 -23.07 -4.36
N ALA F 29 -19.48 -22.53 -5.56
CA ALA F 29 -18.85 -23.30 -6.64
C ALA F 29 -17.33 -23.15 -6.60
N THR F 30 -16.64 -24.04 -7.31
CA THR F 30 -15.19 -24.05 -7.33
C THR F 30 -14.59 -22.72 -7.76
N ASN F 31 -15.26 -22.04 -8.69
CA ASN F 31 -14.73 -20.79 -9.22
C ASN F 31 -15.09 -19.58 -8.37
N ASP F 32 -16.03 -19.74 -7.45
CA ASP F 32 -16.49 -18.62 -6.62
C ASP F 32 -15.42 -18.16 -5.63
N TYR F 33 -15.29 -16.84 -5.53
CA TYR F 33 -14.41 -16.21 -4.56
C TYR F 33 -15.28 -15.44 -3.60
N ILE F 34 -15.00 -15.56 -2.30
CA ILE F 34 -15.81 -14.89 -1.28
C ILE F 34 -15.45 -13.41 -1.21
N THR F 35 -16.43 -12.58 -1.50
CA THR F 35 -16.20 -11.17 -1.76
C THR F 35 -17.14 -10.30 -0.93
N TRP F 36 -16.64 -9.24 -0.33
CA TRP F 36 -17.49 -8.33 0.42
C TRP F 36 -17.43 -6.90 -0.10
N TYR F 37 -18.59 -6.25 -0.14
CA TYR F 37 -18.67 -4.85 -0.56
C TYR F 37 -19.38 -4.02 0.50
N GLN F 38 -19.01 -2.75 0.62
CA GLN F 38 -19.69 -1.84 1.54
C GLN F 38 -20.46 -0.78 0.76
N GLN F 39 -21.60 -0.36 1.28
CA GLN F 39 -22.38 0.69 0.66
C GLN F 39 -23.01 1.64 1.67
N PHE F 40 -22.72 2.92 1.51
CA PHE F 40 -23.42 3.99 2.23
C PHE F 40 -24.67 4.34 1.42
N PRO F 41 -25.72 4.84 2.07
CA PRO F 41 -27.02 5.01 1.40
C PRO F 41 -26.96 5.83 0.11
N SER F 42 -27.49 5.25 -0.96
CA SER F 42 -27.52 5.86 -2.28
C SER F 42 -26.15 6.24 -2.83
N GLN F 43 -25.10 5.58 -2.36
CA GLN F 43 -23.76 5.81 -2.90
C GLN F 43 -23.21 4.56 -3.57
N GLY F 44 -22.24 4.75 -4.46
CA GLY F 44 -21.59 3.64 -5.11
C GLY F 44 -20.90 2.72 -4.13
N PRO F 45 -21.23 1.43 -4.18
CA PRO F 45 -20.62 0.44 -3.29
C PRO F 45 -19.10 0.36 -3.47
N ARG F 46 -18.39 0.01 -2.40
CA ARG F 46 -16.94 -0.10 -2.47
C ARG F 46 -16.45 -1.48 -2.07
N PHE F 47 -15.51 -2.01 -2.85
CA PHE F 47 -14.86 -3.28 -2.54
C PHE F 47 -14.18 -3.22 -1.17
N ILE F 48 -14.43 -4.23 -0.35
CA ILE F 48 -13.79 -4.31 0.96
C ILE F 48 -12.65 -5.33 0.96
N ILE F 49 -12.99 -6.58 0.66
CA ILE F 49 -12.06 -7.68 0.80
C ILE F 49 -12.53 -8.92 0.04
N GLN F 50 -11.59 -9.80 -0.31
CA GLN F 50 -11.90 -11.00 -1.07
C GLN F 50 -10.95 -12.14 -0.70
N GLY F 51 -11.46 -13.36 -0.67
CA GLY F 51 -10.65 -14.51 -0.31
C GLY F 51 -11.15 -15.79 -0.95
N TYR F 52 -10.35 -16.84 -0.91
CA TYR F 52 -10.74 -18.12 -1.50
C TYR F 52 -10.86 -19.25 -0.47
N LYS F 53 -9.74 -19.63 0.13
CA LYS F 53 -9.69 -20.74 1.09
C LYS F 53 -9.24 -20.27 2.46
N THR F 54 -8.23 -19.41 2.47
CA THR F 54 -7.53 -19.04 3.68
C THR F 54 -7.97 -17.69 4.23
N LYS F 55 -7.70 -17.47 5.51
CA LYS F 55 -8.02 -16.21 6.15
C LYS F 55 -7.30 -15.06 5.46
N VAL F 56 -8.01 -13.96 5.25
CA VAL F 56 -7.46 -12.77 4.60
C VAL F 56 -7.53 -11.56 5.51
N THR F 57 -6.42 -10.81 5.61
CA THR F 57 -6.40 -9.58 6.36
C THR F 57 -5.84 -8.43 5.52
N ASN F 58 -6.61 -7.35 5.38
CA ASN F 58 -6.10 -6.14 4.75
C ASN F 58 -6.27 -4.93 5.65
N GLU F 59 -6.11 -3.74 5.08
CA GLU F 59 -6.13 -2.49 5.85
C GLU F 59 -7.49 -2.17 6.46
N VAL F 60 -8.53 -2.85 5.99
CA VAL F 60 -9.89 -2.46 6.36
C VAL F 60 -10.59 -3.52 7.22
N ALA F 61 -10.29 -4.79 6.97
CA ALA F 61 -11.04 -5.86 7.62
C ALA F 61 -10.26 -7.17 7.59
N SER F 62 -10.78 -8.17 8.28
CA SER F 62 -10.30 -9.53 8.14
C SER F 62 -11.43 -10.38 7.58
N LEU F 63 -11.07 -11.51 6.98
CA LEU F 63 -12.07 -12.40 6.40
C LEU F 63 -11.74 -13.84 6.75
N PHE F 64 -12.58 -14.46 7.58
CA PHE F 64 -12.35 -15.83 7.96
C PHE F 64 -13.09 -16.78 7.04
N ILE F 65 -12.38 -17.78 6.55
CA ILE F 65 -12.97 -18.79 5.66
C ILE F 65 -12.60 -20.18 6.13
N PRO F 66 -13.60 -20.93 6.64
CA PRO F 66 -13.42 -22.32 7.03
C PRO F 66 -13.03 -23.19 5.84
N ALA F 67 -12.51 -24.38 6.11
CA ALA F 67 -12.10 -25.31 5.06
C ALA F 67 -13.31 -25.67 4.19
N ASP F 68 -14.47 -25.77 4.83
CA ASP F 68 -15.73 -26.01 4.13
C ASP F 68 -15.97 -25.06 2.95
N ARG F 69 -15.59 -23.80 3.13
CA ARG F 69 -15.94 -22.70 2.22
C ARG F 69 -17.46 -22.45 2.20
N LYS F 70 -18.17 -23.09 3.13
CA LYS F 70 -19.63 -22.99 3.17
C LYS F 70 -20.05 -21.75 3.94
N SER F 71 -19.09 -21.18 4.67
CA SER F 71 -19.33 -20.00 5.47
C SER F 71 -18.18 -19.01 5.33
N SER F 72 -18.40 -17.79 5.79
CA SER F 72 -17.32 -16.80 5.86
C SER F 72 -17.67 -15.75 6.89
N THR F 73 -16.68 -15.10 7.47
CA THR F 73 -16.96 -14.01 8.41
C THR F 73 -16.16 -12.75 8.08
N LEU F 74 -16.87 -11.67 7.81
CA LEU F 74 -16.26 -10.36 7.72
C LEU F 74 -16.05 -9.84 9.14
N SER F 75 -14.80 -9.54 9.47
CA SER F 75 -14.46 -9.10 10.82
C SER F 75 -13.86 -7.69 10.78
N LEU F 76 -14.64 -6.73 11.24
CA LEU F 76 -14.19 -5.34 11.34
C LEU F 76 -13.59 -5.12 12.73
N PRO F 77 -12.28 -4.84 12.76
CA PRO F 77 -11.46 -4.83 13.98
C PRO F 77 -11.94 -3.86 15.07
N ARG F 78 -12.24 -2.61 14.70
CA ARG F 78 -12.64 -1.65 15.73
C ARG F 78 -13.49 -0.54 15.13
N VAL F 79 -14.82 -0.73 15.15
CA VAL F 79 -15.72 0.14 14.41
C VAL F 79 -15.95 1.53 15.00
N SER F 80 -16.31 2.45 14.12
CA SER F 80 -16.71 3.80 14.50
C SER F 80 -18.05 4.12 13.82
N LEU F 81 -18.60 5.28 14.13
CA LEU F 81 -19.88 5.69 13.56
C LEU F 81 -19.83 5.70 12.04
N SER F 82 -18.64 5.95 11.50
CA SER F 82 -18.42 5.94 10.05
C SER F 82 -18.73 4.61 9.39
N ASP F 83 -18.80 3.55 10.18
CA ASP F 83 -18.94 2.20 9.65
C ASP F 83 -20.40 1.77 9.57
N THR F 84 -21.30 2.68 9.93
CA THR F 84 -22.72 2.46 9.73
C THR F 84 -23.01 2.39 8.24
N ALA F 85 -23.32 1.19 7.75
CA ALA F 85 -23.49 0.99 6.32
C ALA F 85 -24.05 -0.40 6.02
N VAL F 86 -24.33 -0.66 4.76
CA VAL F 86 -24.78 -1.98 4.35
C VAL F 86 -23.59 -2.79 3.86
N TYR F 87 -23.48 -4.03 4.32
CA TYR F 87 -22.39 -4.90 3.91
C TYR F 87 -22.91 -6.09 3.11
N TYR F 88 -22.41 -6.23 1.89
CA TYR F 88 -22.84 -7.29 1.01
C TYR F 88 -21.82 -8.42 1.00
N CYS F 89 -22.32 -9.62 1.24
CA CYS F 89 -21.55 -10.84 1.06
C CYS F 89 -21.93 -11.47 -0.28
N LEU F 90 -20.91 -11.80 -1.07
CA LEU F 90 -21.11 -12.37 -2.39
C LEU F 90 -20.17 -13.55 -2.63
N VAL F 91 -20.61 -14.50 -3.42
CA VAL F 91 -19.73 -15.53 -3.94
C VAL F 91 -19.62 -15.25 -5.45
N VAL F 92 -18.39 -15.08 -5.94
CA VAL F 92 -18.21 -14.42 -7.22
C VAL F 92 -17.34 -15.17 -8.22
N ASP F 93 -17.86 -15.33 -9.44
CA ASP F 93 -17.11 -15.88 -10.54
C ASP F 93 -16.95 -14.79 -11.59
N GLN F 94 -18.03 -14.47 -12.29
CA GLN F 94 -18.02 -13.36 -13.23
C GLN F 94 -18.88 -12.20 -12.74
N LYS F 95 -20.13 -12.51 -12.43
CA LYS F 95 -21.11 -11.50 -12.05
C LYS F 95 -21.13 -11.20 -10.56
N LEU F 96 -21.34 -9.93 -10.23
CA LEU F 96 -21.68 -9.54 -8.86
C LEU F 96 -23.18 -9.66 -8.66
N VAL F 97 -23.60 -10.65 -7.88
CA VAL F 97 -25.01 -10.79 -7.56
C VAL F 97 -25.26 -10.34 -6.11
N PHE F 98 -25.89 -9.18 -5.97
CA PHE F 98 -26.11 -8.58 -4.66
C PHE F 98 -27.37 -9.11 -3.99
N GLY F 99 -27.21 -9.58 -2.75
CA GLY F 99 -28.36 -9.89 -1.92
C GLY F 99 -28.84 -8.61 -1.25
N THR F 100 -29.57 -8.75 -0.14
CA THR F 100 -30.07 -7.59 0.58
C THR F 100 -28.98 -6.96 1.45
N GLY F 101 -28.01 -7.79 1.84
CA GLY F 101 -26.91 -7.33 2.68
C GLY F 101 -27.29 -7.12 4.12
N THR F 102 -26.28 -7.07 4.99
CA THR F 102 -26.46 -6.75 6.40
C THR F 102 -26.37 -5.25 6.65
N ARG F 103 -27.44 -4.64 7.14
CA ARG F 103 -27.33 -3.23 7.50
C ARG F 103 -26.79 -3.10 8.94
N LEU F 104 -25.62 -2.49 9.04
CA LEU F 104 -24.93 -2.29 10.30
C LEU F 104 -25.10 -0.88 10.83
N LEU F 105 -25.68 -0.78 12.02
CA LEU F 105 -25.79 0.48 12.73
C LEU F 105 -24.78 0.53 13.89
N VAL F 106 -23.92 1.55 13.87
CA VAL F 106 -22.94 1.74 14.93
C VAL F 106 -23.32 2.88 15.86
N SER F 107 -23.56 2.54 17.13
CA SER F 107 -24.00 3.52 18.11
C SER F 107 -22.86 4.03 18.97
N PRO F 108 -22.93 5.29 19.42
CA PRO F 108 -21.98 5.87 20.36
C PRO F 108 -22.17 5.34 21.78
N ASN F 109 -21.09 5.29 22.54
CA ASN F 109 -21.22 4.99 23.96
C ASN F 109 -21.53 6.26 24.73
N ILE F 110 -22.79 6.44 25.07
CA ILE F 110 -23.20 7.60 25.83
C ILE F 110 -23.08 7.26 27.31
N GLN F 111 -22.07 7.81 27.97
CA GLN F 111 -21.80 7.46 29.36
C GLN F 111 -22.03 8.65 30.28
N ASN F 112 -22.53 9.73 29.70
CA ASN F 112 -23.01 10.87 30.47
C ASN F 112 -24.51 11.15 30.23
N PRO F 113 -25.37 10.13 30.39
CA PRO F 113 -26.75 10.31 29.95
C PRO F 113 -27.49 11.39 30.73
N ASP F 114 -28.25 12.21 30.03
CA ASP F 114 -28.97 13.31 30.63
C ASP F 114 -30.32 13.49 29.94
N PRO F 115 -31.16 12.44 29.97
CA PRO F 115 -32.39 12.44 29.16
C PRO F 115 -33.27 13.65 29.45
N ALA F 116 -33.71 14.33 28.40
CA ALA F 116 -34.57 15.49 28.57
C ALA F 116 -35.45 15.71 27.36
N VAL F 117 -36.49 16.53 27.53
CA VAL F 117 -37.34 16.92 26.42
C VAL F 117 -37.50 18.43 26.43
N TYR F 118 -37.16 19.07 25.31
CA TYR F 118 -37.18 20.52 25.24
C TYR F 118 -38.18 21.00 24.19
N GLN F 119 -38.67 22.23 24.35
CA GLN F 119 -39.59 22.80 23.36
C GLN F 119 -38.92 23.93 22.59
N LEU F 120 -39.22 24.01 21.30
CA LEU F 120 -38.63 25.02 20.43
C LEU F 120 -39.74 25.74 19.67
N ARG F 121 -39.78 27.06 19.79
CA ARG F 121 -40.96 27.78 19.32
C ARG F 121 -40.70 28.96 18.37
N ASP F 122 -40.29 28.67 17.15
CA ASP F 122 -40.28 29.63 16.05
C ASP F 122 -40.00 28.82 14.77
N SER F 123 -40.62 29.21 13.67
CA SER F 123 -41.24 30.51 13.54
C SER F 123 -42.67 30.45 12.99
N LYS F 124 -43.56 31.40 13.32
CA LYS F 124 -43.42 32.50 14.31
C LYS F 124 -44.77 33.17 14.54
N SER F 125 -45.57 32.71 15.51
CA SER F 125 -45.29 31.59 16.40
C SER F 125 -46.63 31.01 16.84
N SER F 126 -46.66 29.75 17.25
CA SER F 126 -45.52 28.85 17.16
C SER F 126 -46.00 27.54 16.56
N ASP F 127 -46.21 27.57 15.25
CA ASP F 127 -46.76 26.47 14.46
C ASP F 127 -45.86 26.17 13.25
N LYS F 128 -45.34 24.95 13.10
CA LYS F 128 -45.44 23.85 14.07
C LYS F 128 -44.74 24.16 15.40
N SER F 129 -44.98 23.32 16.40
CA SER F 129 -44.16 23.34 17.61
C SER F 129 -43.26 22.11 17.66
N VAL F 130 -41.95 22.33 17.71
CA VAL F 130 -40.99 21.23 17.71
C VAL F 130 -40.57 20.81 19.12
N CYS F 131 -40.61 19.50 19.36
CA CYS F 131 -40.17 18.90 20.61
C CYS F 131 -38.91 18.08 20.40
N LEU F 132 -37.97 18.18 21.33
CA LEU F 132 -36.66 17.56 21.20
C LEU F 132 -36.34 16.62 22.36
N PHE F 133 -36.28 15.32 22.07
CA PHE F 133 -35.93 14.34 23.09
C PHE F 133 -34.45 14.03 22.95
N THR F 134 -33.65 14.38 23.95
CA THR F 134 -32.21 14.38 23.75
C THR F 134 -31.42 13.92 24.98
N ASP F 135 -30.16 13.56 24.71
CA ASP F 135 -29.18 13.18 25.73
C ASP F 135 -29.53 11.88 26.43
N PHE F 136 -30.26 11.00 25.73
CA PHE F 136 -30.51 9.65 26.22
C PHE F 136 -29.42 8.72 25.72
N ASP F 137 -29.26 7.57 26.37
CA ASP F 137 -28.24 6.59 25.97
C ASP F 137 -28.74 5.72 24.82
N SER F 138 -27.81 5.07 24.13
CA SER F 138 -28.13 4.31 22.92
C SER F 138 -28.92 3.02 23.21
N GLN F 139 -29.09 2.65 24.47
CA GLN F 139 -29.95 1.51 24.80
C GLN F 139 -31.43 1.92 24.77
N THR F 140 -31.71 3.20 24.93
CA THR F 140 -33.07 3.72 24.83
C THR F 140 -33.58 3.69 23.38
N ASN F 141 -34.81 3.22 23.19
CA ASN F 141 -35.42 3.19 21.87
C ASN F 141 -36.49 4.26 21.71
N VAL F 142 -36.55 4.87 20.53
CA VAL F 142 -37.51 5.94 20.26
C VAL F 142 -38.53 5.43 19.27
N SER F 143 -39.80 5.64 19.58
CA SER F 143 -40.88 4.99 18.85
C SER F 143 -41.70 5.87 17.91
N GLN F 144 -42.23 5.20 16.91
CA GLN F 144 -43.30 5.67 16.04
C GLN F 144 -44.44 6.24 16.87
N SER F 145 -45.02 7.36 16.44
CA SER F 145 -46.18 7.87 17.15
C SER F 145 -47.37 6.95 16.95
N LYS F 146 -48.16 6.80 18.02
CA LYS F 146 -49.39 6.00 17.98
C LYS F 146 -50.43 6.75 17.17
N ASP F 147 -50.28 8.07 17.22
CA ASP F 147 -51.07 9.03 16.47
C ASP F 147 -50.65 9.09 15.01
N SER F 148 -51.51 9.65 14.17
CA SER F 148 -51.12 9.94 12.80
C SER F 148 -51.25 11.44 12.52
N ASP F 149 -51.46 12.18 13.60
CA ASP F 149 -51.34 13.62 13.61
C ASP F 149 -49.96 14.09 14.09
N VAL F 150 -49.21 13.17 14.71
CA VAL F 150 -47.87 13.50 15.23
C VAL F 150 -46.73 12.83 14.47
N TYR F 151 -45.71 13.61 14.13
CA TYR F 151 -44.55 13.10 13.40
C TYR F 151 -43.35 12.95 14.33
N ILE F 152 -42.82 11.74 14.43
CA ILE F 152 -41.65 11.47 15.28
C ILE F 152 -40.48 10.85 14.52
N THR F 153 -39.30 11.40 14.76
CA THR F 153 -38.06 10.92 14.15
C THR F 153 -37.43 9.79 14.97
N ASP F 154 -36.66 8.92 14.33
CA ASP F 154 -35.85 7.92 15.03
C ASP F 154 -34.61 8.60 15.62
N LYS F 155 -33.90 7.90 16.50
CA LYS F 155 -32.73 8.50 17.15
C LYS F 155 -31.64 8.85 16.15
N CYS F 156 -30.92 9.93 16.46
CA CYS F 156 -29.94 10.51 15.56
C CYS F 156 -28.72 10.95 16.39
N VAL F 157 -27.55 10.47 16.00
CA VAL F 157 -26.30 10.77 16.70
C VAL F 157 -25.54 11.95 16.12
N LEU F 158 -25.40 13.03 16.91
CA LEU F 158 -24.56 14.15 16.48
C LEU F 158 -23.26 14.20 17.28
N ASP F 159 -22.19 14.63 16.62
CA ASP F 159 -20.87 14.67 17.22
C ASP F 159 -20.31 16.09 17.27
N MET F 160 -20.41 16.71 18.45
CA MET F 160 -19.74 17.97 18.73
C MET F 160 -18.26 17.69 18.93
N ARG F 161 -17.49 17.68 17.84
CA ARG F 161 -16.09 17.31 17.90
C ARG F 161 -15.24 18.39 18.57
N SER F 162 -15.68 19.64 18.47
CA SER F 162 -15.00 20.74 19.15
C SER F 162 -15.00 20.54 20.67
N MET F 163 -15.86 19.65 21.15
CA MET F 163 -16.00 19.40 22.58
C MET F 163 -15.84 17.93 22.93
N ASP F 164 -15.43 17.12 21.94
CA ASP F 164 -15.38 15.66 22.08
C ASP F 164 -16.64 15.11 22.74
N PHE F 165 -17.80 15.60 22.29
CA PHE F 165 -19.08 15.26 22.89
C PHE F 165 -20.06 14.68 21.87
N LYS F 166 -20.53 13.45 22.11
CA LYS F 166 -21.53 12.85 21.22
C LYS F 166 -22.88 12.77 21.93
N SER F 167 -23.96 12.95 21.17
CA SER F 167 -25.30 12.93 21.76
C SER F 167 -26.39 12.38 20.84
N ASN F 168 -27.37 11.71 21.46
CA ASN F 168 -28.54 11.18 20.77
C ASN F 168 -29.70 12.18 20.74
N SER F 169 -30.56 12.07 19.72
CA SER F 169 -31.70 12.98 19.62
C SER F 169 -32.85 12.44 18.77
N ALA F 170 -34.07 12.82 19.15
CA ALA F 170 -35.24 12.60 18.30
C ALA F 170 -36.10 13.85 18.29
N VAL F 171 -36.81 14.05 17.20
CA VAL F 171 -37.63 15.25 17.02
C VAL F 171 -39.07 14.84 16.81
N ALA F 172 -39.99 15.54 17.46
CA ALA F 172 -41.41 15.29 17.29
C ALA F 172 -42.16 16.59 17.05
N TRP F 173 -43.01 16.63 16.03
CA TRP F 173 -43.77 17.85 15.79
C TRP F 173 -45.18 17.53 15.30
N SER F 174 -46.07 18.49 15.49
CA SER F 174 -47.47 18.33 15.10
C SER F 174 -48.09 19.70 14.79
N ASN F 175 -49.12 19.69 13.96
CA ASN F 175 -49.84 20.92 13.59
C ASN F 175 -50.83 21.36 14.66
N LYS F 176 -51.16 20.43 15.56
CA LYS F 176 -52.14 20.66 16.62
C LYS F 176 -51.96 21.88 17.50
N SER F 177 -53.09 22.46 17.88
CA SER F 177 -53.15 23.29 19.07
C SER F 177 -53.00 22.38 20.29
N ASP F 178 -53.64 21.21 20.21
CA ASP F 178 -53.65 20.20 21.28
C ASP F 178 -52.28 19.66 21.70
N PHE F 179 -51.32 19.68 20.77
CA PHE F 179 -50.02 19.04 20.98
C PHE F 179 -49.11 19.78 21.95
N ALA F 180 -48.50 19.03 22.87
CA ALA F 180 -47.58 19.58 23.84
C ALA F 180 -46.42 18.61 24.08
N CYS F 181 -45.25 19.15 24.40
CA CYS F 181 -44.03 18.36 24.52
C CYS F 181 -44.09 17.29 25.62
N ALA F 182 -44.86 17.56 26.67
CA ALA F 182 -44.91 16.67 27.82
C ALA F 182 -45.45 15.28 27.48
N ASN F 183 -46.28 15.21 26.44
CA ASN F 183 -46.87 13.95 26.01
C ASN F 183 -46.51 13.59 24.57
N ALA F 184 -45.51 14.29 24.04
CA ALA F 184 -45.05 14.06 22.67
C ALA F 184 -44.54 12.63 22.50
N PHE F 185 -43.76 12.16 23.47
CA PHE F 185 -43.07 10.87 23.34
C PHE F 185 -43.52 9.66 24.17
N ASN F 186 -44.71 9.66 24.75
CA ASN F 186 -45.05 8.44 25.49
C ASN F 186 -45.78 7.41 24.65
N ASN F 187 -45.05 6.97 23.63
CA ASN F 187 -45.26 5.70 22.95
C ASN F 187 -43.89 5.05 22.96
N SER F 188 -42.87 5.85 23.31
CA SER F 188 -41.52 5.35 23.56
C SER F 188 -41.34 5.15 25.06
N ILE F 189 -40.59 4.12 25.42
CA ILE F 189 -40.26 3.86 26.82
C ILE F 189 -39.24 4.89 27.27
N ILE F 190 -39.72 5.89 28.00
CA ILE F 190 -38.89 7.04 28.36
C ILE F 190 -38.31 6.90 29.77
N PRO F 191 -37.03 7.24 29.93
CA PRO F 191 -36.42 7.23 31.27
C PRO F 191 -37.20 8.15 32.21
N GLU F 192 -37.38 7.74 33.46
CA GLU F 192 -38.08 8.58 34.41
C GLU F 192 -37.11 9.53 35.12
N ASP F 193 -35.85 9.49 34.70
CA ASP F 193 -34.87 10.51 35.07
C ASP F 193 -35.05 11.72 34.16
N THR F 194 -35.84 11.54 33.10
CA THR F 194 -36.00 12.55 32.07
C THR F 194 -36.44 13.89 32.62
N PHE F 195 -35.69 14.93 32.27
CA PHE F 195 -35.97 16.29 32.71
C PHE F 195 -37.02 16.94 31.81
N PHE F 196 -38.17 17.26 32.38
CA PHE F 196 -39.20 18.01 31.68
C PHE F 196 -39.27 19.43 32.26
N PRO F 197 -38.82 20.42 31.50
CA PRO F 197 -38.93 21.81 31.99
C PRO F 197 -40.35 22.34 31.87
N SER F 198 -40.55 23.60 32.26
CA SER F 198 -41.84 24.31 32.19
C SER F 198 -42.77 23.85 33.32
N MET G 1 -7.15 5.33 -11.64
CA MET G 1 -7.49 6.74 -11.45
C MET G 1 -6.56 7.58 -12.37
N ASP G 2 -6.47 8.92 -12.29
CA ASP G 2 -6.83 9.82 -11.19
C ASP G 2 -8.32 10.12 -10.98
N SER G 3 -9.14 10.04 -12.03
CA SER G 3 -10.55 10.37 -11.86
C SER G 3 -11.41 9.12 -11.66
N GLY G 4 -12.28 9.16 -10.66
CA GLY G 4 -13.20 8.07 -10.39
C GLY G 4 -14.28 7.98 -11.44
N VAL G 5 -15.15 7.00 -11.30
CA VAL G 5 -16.27 6.85 -12.23
C VAL G 5 -17.23 8.02 -12.08
N THR G 6 -17.66 8.59 -13.20
CA THR G 6 -18.62 9.69 -13.16
C THR G 6 -19.93 9.29 -13.81
N GLN G 7 -21.02 9.85 -13.31
CA GLN G 7 -22.34 9.63 -13.91
C GLN G 7 -23.12 10.92 -14.01
N THR G 8 -23.79 11.11 -15.14
CA THR G 8 -24.68 12.26 -15.29
C THR G 8 -26.01 11.81 -15.86
N PRO G 9 -27.12 12.44 -15.44
CA PRO G 9 -27.24 13.48 -14.40
C PRO G 9 -27.34 12.87 -13.01
N LYS G 10 -27.22 13.70 -11.97
CA LYS G 10 -27.36 13.16 -10.62
C LYS G 10 -28.75 12.60 -10.39
N HIS G 11 -29.75 13.26 -10.97
CA HIS G 11 -31.13 12.85 -10.78
C HIS G 11 -31.94 13.05 -12.05
N LEU G 12 -33.11 12.44 -12.10
CA LEU G 12 -33.98 12.57 -13.24
C LEU G 12 -35.40 12.25 -12.83
N ILE G 13 -36.31 13.20 -13.05
CA ILE G 13 -37.72 12.97 -12.84
C ILE G 13 -38.44 13.03 -14.18
N THR G 14 -39.21 12.00 -14.50
CA THR G 14 -39.78 11.87 -15.83
C THR G 14 -41.09 11.08 -15.81
N ALA G 15 -42.01 11.46 -16.69
CA ALA G 15 -43.34 10.86 -16.74
C ALA G 15 -43.29 9.44 -17.31
N THR G 16 -44.20 8.59 -16.86
CA THR G 16 -44.33 7.25 -17.40
C THR G 16 -44.53 7.28 -18.90
N GLY G 17 -44.03 6.27 -19.59
CA GLY G 17 -44.19 6.18 -21.03
C GLY G 17 -43.12 6.91 -21.83
N GLN G 18 -42.27 7.68 -21.14
CA GLN G 18 -41.23 8.45 -21.83
C GLN G 18 -39.88 7.74 -21.83
N ARG G 19 -38.86 8.40 -22.38
CA ARG G 19 -37.55 7.80 -22.58
C ARG G 19 -36.45 8.68 -21.99
N VAL G 20 -35.47 8.06 -21.35
CA VAL G 20 -34.32 8.78 -20.80
C VAL G 20 -33.00 8.12 -21.19
N THR G 21 -31.92 8.89 -21.20
CA THR G 21 -30.60 8.30 -21.39
C THR G 21 -29.67 8.71 -20.25
N LEU G 22 -28.98 7.73 -19.68
CA LEU G 22 -28.07 7.98 -18.57
C LEU G 22 -26.64 7.86 -19.05
N ARG G 23 -25.78 8.77 -18.59
CA ARG G 23 -24.41 8.81 -19.09
C ARG G 23 -23.43 8.41 -18.00
N CYS G 24 -22.36 7.73 -18.40
CA CYS G 24 -21.34 7.31 -17.46
C CYS G 24 -19.95 7.32 -18.08
N SER G 25 -18.96 7.78 -17.32
CA SER G 25 -17.58 7.69 -17.75
C SER G 25 -16.80 6.83 -16.77
N PRO G 26 -16.09 5.81 -17.30
CA PRO G 26 -15.33 4.90 -16.45
C PRO G 26 -14.17 5.62 -15.78
N ARG G 27 -13.64 5.04 -14.70
CA ARG G 27 -12.50 5.65 -14.03
C ARG G 27 -11.29 5.56 -14.95
N SER G 28 -10.42 6.57 -14.88
CA SER G 28 -9.30 6.70 -15.80
C SER G 28 -8.47 5.42 -15.89
N GLY G 29 -8.48 4.82 -17.07
CA GLY G 29 -7.71 3.62 -17.33
C GLY G 29 -8.58 2.39 -17.51
N ASP G 30 -9.80 2.44 -17.02
CA ASP G 30 -10.70 1.29 -17.10
C ASP G 30 -11.37 1.21 -18.46
N LEU G 31 -11.39 0.02 -19.03
CA LEU G 31 -11.99 -0.19 -20.36
C LEU G 31 -13.35 -0.85 -20.28
N SER G 32 -13.70 -1.37 -19.11
CA SER G 32 -14.95 -2.10 -18.96
C SER G 32 -15.94 -1.34 -18.10
N VAL G 33 -17.19 -1.30 -18.56
CA VAL G 33 -18.25 -0.56 -17.88
C VAL G 33 -19.40 -1.50 -17.53
N TYR G 34 -19.90 -1.37 -16.31
CA TYR G 34 -21.04 -2.15 -15.82
C TYR G 34 -22.21 -1.22 -15.53
N TRP G 35 -23.42 -1.72 -15.72
CA TRP G 35 -24.64 -1.01 -15.32
C TRP G 35 -25.43 -1.85 -14.32
N TYR G 36 -25.87 -1.19 -13.24
CA TYR G 36 -26.64 -1.84 -12.19
C TYR G 36 -27.89 -1.06 -11.87
N GLN G 37 -28.91 -1.77 -11.42
CA GLN G 37 -30.14 -1.15 -10.96
C GLN G 37 -30.39 -1.51 -9.50
N GLN G 38 -30.61 -0.50 -8.66
CA GLN G 38 -30.99 -0.69 -7.27
C GLN G 38 -32.37 -0.11 -6.98
N SER G 39 -33.34 -1.00 -6.82
CA SER G 39 -34.68 -0.61 -6.41
C SER G 39 -34.72 -0.50 -4.88
N LEU G 40 -35.76 0.13 -4.36
CA LEU G 40 -35.82 0.47 -2.94
C LEU G 40 -35.74 -0.76 -2.03
N ASP G 41 -34.85 -0.66 -1.04
CA ASP G 41 -34.60 -1.73 -0.07
C ASP G 41 -34.16 -3.02 -0.75
N GLN G 42 -33.30 -2.90 -1.76
CA GLN G 42 -32.75 -4.06 -2.44
C GLN G 42 -31.26 -3.91 -2.70
N GLY G 43 -30.61 -5.03 -3.01
CA GLY G 43 -29.26 -4.98 -3.55
C GLY G 43 -29.32 -4.56 -5.00
N LEU G 44 -28.17 -4.24 -5.56
CA LEU G 44 -28.11 -3.86 -6.96
C LEU G 44 -28.32 -5.07 -7.87
N GLN G 45 -29.04 -4.88 -8.96
CA GLN G 45 -29.19 -5.93 -9.96
C GLN G 45 -28.37 -5.59 -11.19
N PHE G 46 -27.54 -6.54 -11.62
CA PHE G 46 -26.68 -6.34 -12.78
C PHE G 46 -27.51 -6.24 -14.05
N LEU G 47 -27.22 -5.25 -14.88
CA LEU G 47 -27.96 -5.04 -16.10
C LEU G 47 -27.16 -5.48 -17.32
N ILE G 48 -25.96 -4.90 -17.49
CA ILE G 48 -25.15 -5.19 -18.66
C ILE G 48 -23.70 -4.69 -18.50
N GLN G 49 -22.76 -5.40 -19.10
CA GLN G 49 -21.35 -5.06 -19.05
C GLN G 49 -20.73 -5.04 -20.43
N TYR G 50 -20.01 -3.96 -20.70
CA TYR G 50 -19.27 -3.76 -21.95
C TYR G 50 -17.77 -3.76 -21.67
N TYR G 51 -17.00 -4.21 -22.64
CA TYR G 51 -15.54 -4.06 -22.60
C TYR G 51 -15.01 -3.48 -23.90
N ASN G 52 -14.48 -2.27 -23.83
CA ASN G 52 -13.81 -1.62 -24.95
C ASN G 52 -14.71 -1.56 -26.20
N GLY G 53 -15.96 -1.15 -25.98
CA GLY G 53 -16.90 -1.01 -27.08
C GLY G 53 -17.82 -2.19 -27.26
N GLU G 54 -17.35 -3.39 -26.89
CA GLU G 54 -18.11 -4.60 -27.11
C GLU G 54 -18.86 -5.07 -25.87
N GLU G 55 -20.09 -5.52 -26.07
CA GLU G 55 -20.87 -6.15 -25.01
C GLU G 55 -20.18 -7.41 -24.51
N ARG G 56 -20.05 -7.53 -23.19
CA ARG G 56 -19.43 -8.71 -22.60
C ARG G 56 -20.41 -9.58 -21.82
N ALA G 57 -21.32 -8.96 -21.06
CA ALA G 57 -22.25 -9.76 -20.26
C ALA G 57 -23.61 -9.11 -20.10
N LYS G 58 -24.67 -9.92 -20.07
CA LYS G 58 -26.01 -9.38 -19.81
C LYS G 58 -26.60 -9.97 -18.54
N GLY G 59 -27.46 -9.17 -17.90
CA GLY G 59 -28.19 -9.63 -16.72
C GLY G 59 -29.61 -9.98 -17.12
N ASN G 60 -30.56 -9.75 -16.21
CA ASN G 60 -31.97 -9.91 -16.52
C ASN G 60 -32.53 -8.59 -17.04
N ILE G 61 -32.00 -8.14 -18.18
CA ILE G 61 -32.30 -6.82 -18.70
C ILE G 61 -33.40 -6.84 -19.75
N LEU G 62 -34.40 -5.98 -19.56
CA LEU G 62 -35.57 -5.89 -20.44
C LEU G 62 -35.23 -5.33 -21.80
N GLU G 63 -36.01 -5.72 -22.81
CA GLU G 63 -35.77 -5.32 -24.19
C GLU G 63 -35.92 -3.82 -24.41
N ARG G 64 -36.60 -3.14 -23.49
CA ARG G 64 -36.73 -1.70 -23.55
C ARG G 64 -35.52 -0.96 -22.96
N PHE G 65 -34.67 -1.70 -22.24
CA PHE G 65 -33.39 -1.17 -21.81
C PHE G 65 -32.33 -1.43 -22.89
N SER G 66 -31.54 -0.42 -23.23
CA SER G 66 -30.52 -0.57 -24.26
C SER G 66 -29.28 0.25 -23.95
N ALA G 67 -28.09 -0.34 -24.07
CA ALA G 67 -26.88 0.40 -23.70
C ALA G 67 -25.84 0.45 -24.81
N GLN G 68 -24.77 1.20 -24.57
CA GLN G 68 -23.74 1.39 -25.58
C GLN G 68 -22.44 1.89 -24.95
N GLN G 69 -21.31 1.47 -25.51
CA GLN G 69 -20.02 2.02 -25.10
C GLN G 69 -19.25 2.58 -26.30
N PHE G 70 -18.92 3.86 -26.21
CA PHE G 70 -18.30 4.60 -27.32
C PHE G 70 -16.77 4.48 -27.31
N PRO G 71 -16.12 4.84 -28.42
CA PRO G 71 -14.66 4.75 -28.54
C PRO G 71 -13.87 5.43 -27.41
N ASP G 72 -14.40 6.51 -26.84
CA ASP G 72 -13.70 7.19 -25.76
C ASP G 72 -13.99 6.51 -24.41
N LEU G 73 -14.69 5.38 -24.50
CA LEU G 73 -14.96 4.45 -23.40
C LEU G 73 -16.12 4.88 -22.50
N HIS G 74 -16.65 6.08 -22.71
CA HIS G 74 -17.84 6.48 -21.99
C HIS G 74 -19.01 5.63 -22.48
N SER G 75 -20.05 5.54 -21.67
CA SER G 75 -21.17 4.65 -21.97
C SER G 75 -22.51 5.32 -21.71
N GLU G 76 -23.53 4.83 -22.41
CA GLU G 76 -24.87 5.40 -22.29
C GLU G 76 -25.92 4.31 -22.16
N LEU G 77 -26.81 4.50 -21.18
CA LEU G 77 -27.87 3.54 -20.91
C LEU G 77 -29.23 4.19 -21.13
N ASN G 78 -29.89 3.77 -22.19
CA ASN G 78 -31.19 4.32 -22.57
C ASN G 78 -32.32 3.45 -22.04
N LEU G 79 -33.18 4.09 -21.27
CA LEU G 79 -34.36 3.47 -20.69
C LEU G 79 -35.58 3.96 -21.47
N SER G 80 -36.33 3.04 -22.07
CA SER G 80 -37.41 3.44 -22.96
C SER G 80 -38.77 2.96 -22.46
N SER G 81 -39.80 3.74 -22.76
CA SER G 81 -41.17 3.42 -22.34
C SER G 81 -41.22 3.28 -20.82
N LEU G 82 -40.69 4.28 -20.13
CA LEU G 82 -40.57 4.25 -18.68
C LEU G 82 -41.90 4.01 -18.00
N GLU G 83 -41.88 3.17 -16.97
CA GLU G 83 -43.06 2.99 -16.14
C GLU G 83 -42.66 3.15 -14.68
N LEU G 84 -43.63 3.03 -13.77
CA LEU G 84 -43.41 3.32 -12.36
C LEU G 84 -42.30 2.47 -11.75
N GLY G 85 -42.25 1.20 -12.14
CA GLY G 85 -41.30 0.26 -11.57
C GLY G 85 -39.85 0.50 -11.96
N ASP G 86 -39.62 1.41 -12.90
CA ASP G 86 -38.26 1.74 -13.33
C ASP G 86 -37.59 2.73 -12.37
N SER G 87 -38.37 3.24 -11.42
CA SER G 87 -37.85 4.20 -10.45
C SER G 87 -36.85 3.53 -9.53
N ALA G 88 -35.61 3.99 -9.59
CA ALA G 88 -34.51 3.34 -8.87
C ALA G 88 -33.23 4.15 -8.94
N LEU G 89 -32.20 3.65 -8.25
CA LEU G 89 -30.85 4.16 -8.44
C LEU G 89 -30.16 3.37 -9.54
N TYR G 90 -29.59 4.07 -10.51
CA TYR G 90 -28.87 3.40 -11.58
C TYR G 90 -27.38 3.68 -11.43
N PHE G 91 -26.64 2.62 -11.12
CA PHE G 91 -25.21 2.75 -10.88
C PHE G 91 -24.38 2.31 -12.08
N CYS G 92 -23.25 2.98 -12.27
CA CYS G 92 -22.28 2.55 -13.26
C CYS G 92 -20.99 2.17 -12.54
N ALA G 93 -20.36 1.09 -12.97
CA ALA G 93 -19.09 0.68 -12.38
C ALA G 93 -18.07 0.46 -13.48
N SER G 94 -16.79 0.42 -13.13
CA SER G 94 -15.78 0.17 -14.15
C SER G 94 -14.67 -0.75 -13.66
N SER G 95 -14.00 -1.40 -14.62
CA SER G 95 -12.86 -2.25 -14.31
C SER G 95 -12.04 -2.54 -15.56
N GLY G 96 -11.07 -3.42 -15.44
CA GLY G 96 -10.26 -3.84 -16.58
C GLY G 96 -9.10 -2.93 -16.93
N GLY G 97 -8.87 -1.91 -16.11
CA GLY G 97 -7.79 -0.99 -16.33
C GLY G 97 -6.92 -0.81 -15.10
N HIS G 98 -6.90 0.41 -14.57
CA HIS G 98 -6.18 0.69 -13.34
C HIS G 98 -6.83 -0.02 -12.15
N THR G 99 -8.15 -0.08 -12.14
CA THR G 99 -8.89 -0.82 -11.12
C THR G 99 -8.47 -2.28 -11.16
N GLY G 100 -8.31 -2.90 -9.99
CA GLY G 100 -7.93 -4.30 -9.91
C GLY G 100 -8.79 -5.24 -10.72
N SER G 101 -8.19 -6.36 -11.12
CA SER G 101 -8.84 -7.34 -11.97
C SER G 101 -10.03 -8.00 -11.29
N ASN G 102 -10.02 -7.99 -9.96
CA ASN G 102 -11.06 -8.68 -9.19
C ASN G 102 -12.02 -7.70 -8.53
N GLU G 103 -11.97 -6.44 -8.94
CA GLU G 103 -12.75 -5.40 -8.29
C GLU G 103 -13.53 -4.58 -9.29
N GLN G 104 -14.56 -3.90 -8.81
CA GLN G 104 -15.30 -2.96 -9.63
C GLN G 104 -15.38 -1.60 -8.92
N PHE G 105 -15.16 -0.54 -9.68
CA PHE G 105 -15.22 0.82 -9.14
C PHE G 105 -16.57 1.43 -9.47
N PHE G 106 -17.39 1.67 -8.45
CA PHE G 106 -18.75 2.14 -8.67
C PHE G 106 -18.82 3.67 -8.65
N GLY G 107 -19.64 4.21 -9.55
CA GLY G 107 -19.86 5.64 -9.61
C GLY G 107 -20.89 6.10 -8.59
N PRO G 108 -21.22 7.39 -8.60
CA PRO G 108 -22.12 7.96 -7.59
C PRO G 108 -23.58 7.61 -7.83
N GLY G 109 -23.91 7.20 -9.05
CA GLY G 109 -25.28 6.79 -9.37
C GLY G 109 -26.15 7.92 -9.89
N THR G 110 -27.15 7.54 -10.69
CA THR G 110 -28.19 8.46 -11.13
C THR G 110 -29.51 8.06 -10.51
N ARG G 111 -30.18 8.98 -9.83
CA ARG G 111 -31.46 8.64 -9.25
C ARG G 111 -32.60 8.95 -10.20
N LEU G 112 -33.39 7.93 -10.49
CA LEU G 112 -34.52 8.07 -11.39
C LEU G 112 -35.84 7.88 -10.65
N THR G 113 -36.68 8.91 -10.71
CA THR G 113 -38.04 8.79 -10.19
C THR G 113 -38.99 8.92 -11.37
N VAL G 114 -39.74 7.87 -11.63
CA VAL G 114 -40.70 7.87 -12.73
C VAL G 114 -42.11 8.06 -12.19
N LEU G 115 -42.75 9.13 -12.63
CA LEU G 115 -44.08 9.49 -12.14
C LEU G 115 -45.08 9.39 -13.27
N GLU G 116 -46.34 9.12 -12.95
CA GLU G 116 -47.35 9.08 -14.00
C GLU G 116 -47.68 10.50 -14.46
N ASP G 117 -47.44 11.46 -13.58
CA ASP G 117 -47.57 12.87 -13.97
C ASP G 117 -46.80 13.79 -13.04
N LEU G 118 -46.22 14.85 -13.62
CA LEU G 118 -45.40 15.78 -12.86
C LEU G 118 -46.23 16.74 -12.03
N LYS G 119 -47.32 16.27 -11.43
CA LYS G 119 -48.20 17.15 -10.67
C LYS G 119 -48.01 17.01 -9.17
N ASN G 120 -47.63 15.83 -8.71
CA ASN G 120 -47.42 15.66 -7.28
C ASN G 120 -45.94 15.75 -6.88
N VAL G 121 -45.18 16.53 -7.64
CA VAL G 121 -43.81 16.88 -7.27
C VAL G 121 -43.75 18.29 -6.65
N PHE G 122 -43.35 18.37 -5.39
CA PHE G 122 -43.31 19.66 -4.70
C PHE G 122 -41.97 19.90 -4.01
N PRO G 123 -41.53 21.18 -3.95
CA PRO G 123 -40.30 21.54 -3.24
C PRO G 123 -40.52 21.46 -1.73
N PRO G 124 -39.44 21.52 -0.93
CA PRO G 124 -39.63 21.43 0.52
C PRO G 124 -39.85 22.77 1.18
N GLU G 125 -40.39 22.74 2.39
CA GLU G 125 -40.46 23.93 3.24
C GLU G 125 -39.45 23.80 4.35
N VAL G 126 -38.56 24.79 4.45
CA VAL G 126 -37.53 24.74 5.47
C VAL G 126 -37.90 25.68 6.61
N ALA G 127 -37.87 25.17 7.82
CA ALA G 127 -38.18 25.95 8.99
C ALA G 127 -37.15 25.65 10.08
N VAL G 128 -36.54 26.70 10.62
CA VAL G 128 -35.55 26.54 11.65
C VAL G 128 -36.12 26.90 13.02
N PHE G 129 -35.97 25.97 13.95
CA PHE G 129 -36.47 26.12 15.30
C PHE G 129 -35.31 26.35 16.25
N GLU G 130 -35.44 27.43 17.00
CA GLU G 130 -34.40 27.94 17.89
C GLU G 130 -34.28 27.17 19.20
N PRO G 131 -33.06 27.15 19.76
CA PRO G 131 -32.76 26.36 20.97
C PRO G 131 -33.65 26.71 22.16
N SER G 132 -33.95 25.68 22.95
CA SER G 132 -34.68 25.87 24.19
C SER G 132 -33.76 26.52 25.20
N GLU G 133 -34.24 27.56 25.87
CA GLU G 133 -33.49 28.17 26.96
C GLU G 133 -33.27 27.17 28.09
N ALA G 134 -34.23 26.27 28.29
CA ALA G 134 -34.06 25.17 29.24
C ALA G 134 -32.83 24.34 28.91
N GLU G 135 -32.64 24.06 27.63
CA GLU G 135 -31.47 23.32 27.16
C GLU G 135 -30.19 24.11 27.41
N ILE G 136 -30.24 25.41 27.12
CA ILE G 136 -29.10 26.30 27.33
C ILE G 136 -28.69 26.37 28.79
N SER G 137 -29.66 26.40 29.69
CA SER G 137 -29.39 26.51 31.12
C SER G 137 -28.93 25.19 31.71
N HIS G 138 -29.56 24.10 31.28
CA HIS G 138 -29.29 22.78 31.84
C HIS G 138 -27.99 22.16 31.31
N THR G 139 -27.67 22.41 30.04
CA THR G 139 -26.58 21.69 29.39
C THR G 139 -25.46 22.60 28.94
N GLN G 140 -25.74 23.90 28.89
CA GLN G 140 -24.82 24.90 28.36
C GLN G 140 -24.53 24.62 26.88
N LYS G 141 -25.38 23.79 26.28
CA LYS G 141 -25.35 23.52 24.85
C LYS G 141 -26.67 24.00 24.24
N ALA G 142 -26.68 24.19 22.94
CA ALA G 142 -27.85 24.72 22.26
C ALA G 142 -28.10 23.98 20.94
N THR G 143 -29.26 23.32 20.85
CA THR G 143 -29.61 22.58 19.64
C THR G 143 -30.61 23.33 18.79
N LEU G 144 -30.19 23.69 17.58
CA LEU G 144 -31.10 24.20 16.56
C LEU G 144 -31.70 23.01 15.83
N VAL G 145 -32.98 23.08 15.50
CA VAL G 145 -33.61 21.97 14.80
C VAL G 145 -34.17 22.43 13.45
N CYS G 146 -33.85 21.71 12.39
CA CYS G 146 -34.36 22.07 11.08
C CYS G 146 -35.44 21.10 10.63
N LEU G 147 -36.48 21.63 9.98
CA LEU G 147 -37.54 20.82 9.40
C LEU G 147 -37.71 21.13 7.92
N ALA G 148 -37.65 20.08 7.11
CA ALA G 148 -37.98 20.18 5.70
C ALA G 148 -39.24 19.37 5.45
N THR G 149 -40.30 20.06 5.03
CA THR G 149 -41.62 19.44 5.00
C THR G 149 -42.28 19.51 3.63
N GLY G 150 -43.24 18.62 3.41
CA GLY G 150 -44.04 18.61 2.20
C GLY G 150 -43.29 18.66 0.88
N PHE G 151 -42.31 17.79 0.70
CA PHE G 151 -41.61 17.73 -0.58
C PHE G 151 -41.79 16.38 -1.26
N TYR G 152 -41.74 16.41 -2.60
CA TYR G 152 -41.80 15.20 -3.40
C TYR G 152 -41.02 15.42 -4.70
N PRO G 153 -40.29 14.41 -5.16
CA PRO G 153 -40.12 13.11 -4.49
C PRO G 153 -39.03 13.13 -3.43
N ASP G 154 -38.77 11.97 -2.83
CA ASP G 154 -37.80 11.83 -1.75
C ASP G 154 -36.37 11.98 -2.28
N HIS G 155 -35.92 13.22 -2.44
CA HIS G 155 -34.59 13.48 -3.00
C HIS G 155 -34.03 14.84 -2.57
N VAL G 156 -33.73 14.98 -1.30
CA VAL G 156 -33.20 16.24 -0.77
C VAL G 156 -31.83 16.06 -0.13
N GLU G 157 -31.01 17.11 -0.20
CA GLU G 157 -29.71 17.14 0.45
C GLU G 157 -29.64 18.33 1.42
N LEU G 158 -29.69 18.04 2.71
CA LEU G 158 -29.70 19.08 3.73
C LEU G 158 -28.29 19.37 4.25
N SER G 159 -27.99 20.66 4.41
CA SER G 159 -26.71 21.09 4.94
C SER G 159 -26.86 22.28 5.88
N TRP G 160 -25.96 22.40 6.85
CA TRP G 160 -25.93 23.55 7.75
C TRP G 160 -24.78 24.48 7.40
N TRP G 161 -25.06 25.77 7.44
CA TRP G 161 -24.05 26.79 7.16
C TRP G 161 -24.01 27.80 8.31
N VAL G 162 -22.82 28.03 8.85
CA VAL G 162 -22.67 28.95 9.96
C VAL G 162 -21.71 30.06 9.56
N ASN G 163 -22.15 31.29 9.73
CA ASN G 163 -21.42 32.48 9.30
C ASN G 163 -20.95 32.36 7.85
N GLY G 164 -21.83 31.81 7.02
CA GLY G 164 -21.56 31.69 5.60
C GLY G 164 -20.73 30.49 5.20
N LYS G 165 -20.25 29.71 6.17
CA LYS G 165 -19.40 28.56 5.86
C LYS G 165 -20.04 27.26 6.36
N GLU G 166 -20.13 26.29 5.46
CA GLU G 166 -20.76 25.00 5.75
C GLU G 166 -20.06 24.27 6.88
N VAL G 167 -20.86 23.72 7.81
CA VAL G 167 -20.32 22.94 8.91
C VAL G 167 -20.74 21.48 8.77
N HIS G 168 -20.01 20.58 9.43
CA HIS G 168 -20.36 19.17 9.46
C HIS G 168 -20.42 18.68 10.90
N SER G 169 -19.53 19.25 11.72
CA SER G 169 -19.48 18.95 13.14
C SER G 169 -20.73 19.40 13.89
N GLY G 170 -21.20 18.55 14.81
CA GLY G 170 -22.34 18.89 15.64
C GLY G 170 -23.67 18.73 14.93
N VAL G 171 -23.61 18.19 13.72
CA VAL G 171 -24.79 18.07 12.86
C VAL G 171 -25.29 16.63 12.79
N CYS G 172 -26.60 16.47 12.84
CA CYS G 172 -27.21 15.17 12.59
C CYS G 172 -28.51 15.27 11.79
N THR G 173 -28.50 14.70 10.59
CA THR G 173 -29.67 14.68 9.74
C THR G 173 -30.26 13.26 9.73
N ASP G 174 -31.58 13.17 9.68
CA ASP G 174 -32.28 11.88 9.70
C ASP G 174 -31.79 11.03 8.54
N PRO G 175 -31.63 9.72 8.76
CA PRO G 175 -31.18 8.83 7.68
C PRO G 175 -32.02 8.99 6.40
N GLN G 176 -33.29 8.66 6.50
CA GLN G 176 -34.24 8.97 5.44
C GLN G 176 -35.60 9.39 6.03
N PRO G 177 -36.31 10.30 5.35
CA PRO G 177 -37.53 10.94 5.84
C PRO G 177 -38.73 10.06 6.23
N LEU G 178 -39.73 10.73 6.80
CA LEU G 178 -41.02 10.16 7.19
C LEU G 178 -42.03 10.43 6.09
N LYS G 179 -43.05 9.59 5.96
CA LYS G 179 -44.15 9.92 5.06
C LYS G 179 -45.19 10.73 5.80
N GLU G 180 -45.49 11.91 5.26
CA GLU G 180 -46.40 12.86 5.88
C GLU G 180 -47.81 12.30 5.89
N GLN G 181 -48.14 11.51 4.87
CA GLN G 181 -49.38 10.76 4.83
C GLN G 181 -49.00 9.33 4.42
N PRO G 182 -48.83 8.44 5.39
CA PRO G 182 -48.30 7.08 5.15
C PRO G 182 -49.14 6.24 4.20
N ALA G 183 -50.46 6.39 4.26
CA ALA G 183 -51.36 5.57 3.45
C ALA G 183 -51.57 6.04 2.01
N LEU G 184 -51.33 7.32 1.71
CA LEU G 184 -51.53 7.76 0.34
C LEU G 184 -50.26 7.44 -0.47
N ASN G 185 -50.45 6.92 -1.68
CA ASN G 185 -49.36 6.33 -2.47
C ASN G 185 -48.23 7.29 -2.78
N ASP G 186 -48.58 8.57 -2.95
CA ASP G 186 -47.66 9.57 -3.46
C ASP G 186 -47.41 10.60 -2.37
N SER G 187 -47.16 10.13 -1.16
CA SER G 187 -47.03 11.02 -0.01
C SER G 187 -45.85 11.95 -0.09
N ARG G 188 -46.01 13.10 0.55
CA ARG G 188 -44.92 14.04 0.69
C ARG G 188 -44.06 13.56 1.85
N TYR G 189 -42.81 13.99 1.87
CA TYR G 189 -41.87 13.50 2.86
C TYR G 189 -41.47 14.62 3.82
N ALA G 190 -41.07 14.22 5.04
CA ALA G 190 -40.59 15.18 6.02
C ALA G 190 -39.24 14.73 6.58
N LEU G 191 -38.34 15.69 6.81
CA LEU G 191 -36.99 15.39 7.24
C LEU G 191 -36.52 16.38 8.30
N SER G 192 -35.92 15.88 9.38
CA SER G 192 -35.41 16.77 10.41
C SER G 192 -33.89 16.74 10.49
N SER G 193 -33.33 17.79 11.07
CA SER G 193 -31.90 17.85 11.31
C SER G 193 -31.61 18.59 12.61
N ARG G 194 -30.39 18.44 13.13
CA ARG G 194 -29.99 19.14 14.35
C ARG G 194 -28.59 19.71 14.21
N LEU G 195 -28.41 20.91 14.75
CA LEU G 195 -27.09 21.53 14.85
C LEU G 195 -26.86 21.97 16.29
N ARG G 196 -25.90 21.36 16.96
CA ARG G 196 -25.66 21.68 18.36
C ARG G 196 -24.38 22.46 18.54
N VAL G 197 -24.50 23.64 19.16
CA VAL G 197 -23.35 24.50 19.40
C VAL G 197 -23.25 24.84 20.87
N SER G 198 -22.15 25.48 21.27
CA SER G 198 -22.01 25.91 22.66
C SER G 198 -22.96 27.06 22.92
N ALA G 199 -23.53 27.10 24.12
CA ALA G 199 -24.47 28.15 24.50
C ALA G 199 -23.88 29.55 24.24
N THR G 200 -22.60 29.72 24.53
CA THR G 200 -21.93 31.00 24.32
C THR G 200 -21.83 31.35 22.82
N PHE G 201 -21.66 30.33 21.98
CA PHE G 201 -21.65 30.54 20.54
C PHE G 201 -23.04 30.95 20.04
N TRP G 202 -24.06 30.37 20.64
CA TRP G 202 -25.44 30.65 20.25
C TRP G 202 -25.89 32.04 20.69
N GLN G 203 -25.45 32.44 21.89
CA GLN G 203 -25.87 33.70 22.49
C GLN G 203 -25.17 34.92 21.88
N ASN G 204 -24.16 34.68 21.05
CA ASN G 204 -23.47 35.76 20.37
C ASN G 204 -24.27 36.20 19.15
N PRO G 205 -24.87 37.41 19.21
CA PRO G 205 -25.82 37.88 18.20
C PRO G 205 -25.27 38.11 16.80
N ARG G 206 -23.95 37.96 16.61
CA ARG G 206 -23.34 38.11 15.29
C ARG G 206 -23.05 36.78 14.61
N ASN G 207 -23.41 35.69 15.28
CA ASN G 207 -23.32 34.36 14.68
C ASN G 207 -24.60 34.08 13.91
N HIS G 208 -24.44 33.59 12.69
CA HIS G 208 -25.55 33.44 11.75
C HIS G 208 -25.75 32.00 11.31
N PHE G 209 -26.94 31.46 11.56
CA PHE G 209 -27.21 30.05 11.27
C PHE G 209 -28.19 29.85 10.13
N ARG G 210 -27.74 29.19 9.06
CA ARG G 210 -28.65 28.89 7.95
C ARG G 210 -28.79 27.39 7.71
N CYS G 211 -30.04 26.93 7.67
CA CYS G 211 -30.33 25.56 7.26
C CYS G 211 -30.74 25.58 5.80
N GLN G 212 -30.00 24.84 4.98
CA GLN G 212 -30.15 24.85 3.55
C GLN G 212 -30.53 23.48 3.00
N VAL G 213 -31.51 23.44 2.11
CA VAL G 213 -31.93 22.19 1.51
C VAL G 213 -31.87 22.25 -0.01
N GLN G 214 -30.94 21.49 -0.56
CA GLN G 214 -30.87 21.28 -2.00
C GLN G 214 -31.96 20.30 -2.42
N PHE G 215 -32.80 20.72 -3.35
CA PHE G 215 -33.89 19.89 -3.81
C PHE G 215 -33.75 19.65 -5.30
N TYR G 216 -33.94 18.40 -5.70
CA TYR G 216 -33.83 18.01 -7.09
C TYR G 216 -35.21 17.76 -7.65
N GLY G 217 -35.66 18.67 -8.50
CA GLY G 217 -36.98 18.62 -9.07
C GLY G 217 -36.92 18.69 -10.58
N LEU G 218 -37.84 19.43 -11.17
CA LEU G 218 -37.92 19.56 -12.61
C LEU G 218 -36.82 20.47 -13.14
N SER G 219 -36.50 20.34 -14.43
CA SER G 219 -35.52 21.22 -15.06
C SER G 219 -36.23 22.37 -15.77
N GLU G 220 -35.46 23.21 -16.42
CA GLU G 220 -36.02 24.38 -17.09
C GLU G 220 -36.70 24.07 -18.43
N ASN G 221 -36.63 22.83 -18.90
CA ASN G 221 -37.33 22.53 -20.14
C ASN G 221 -38.67 21.79 -19.98
N ASP G 222 -38.89 21.21 -18.80
CA ASP G 222 -40.14 20.51 -18.54
C ASP G 222 -41.29 21.48 -18.67
N GLU G 223 -42.31 21.07 -19.41
CA GLU G 223 -43.48 21.91 -19.58
C GLU G 223 -44.18 21.92 -18.26
N TRP G 224 -44.33 23.10 -17.72
CA TRP G 224 -45.13 23.12 -16.53
C TRP G 224 -46.56 23.49 -16.81
N THR G 225 -47.50 22.58 -16.57
CA THR G 225 -48.93 22.90 -16.65
C THR G 225 -49.35 23.49 -15.29
N GLN G 226 -49.94 24.70 -15.28
CA GLN G 226 -49.85 25.54 -14.07
C GLN G 226 -51.00 25.40 -13.02
N ASP G 227 -50.57 25.41 -11.75
CA ASP G 227 -51.41 25.38 -10.53
C ASP G 227 -50.79 26.08 -9.29
N ARG G 228 -49.64 26.75 -9.44
CA ARG G 228 -48.92 27.52 -8.39
C ARG G 228 -47.52 27.89 -8.94
N ALA G 229 -46.59 28.44 -8.18
CA ALA G 229 -45.22 28.56 -8.73
C ALA G 229 -44.38 27.28 -8.47
N LYS G 230 -43.64 26.88 -9.49
CA LYS G 230 -43.29 25.47 -9.68
C LYS G 230 -41.88 24.90 -9.55
N PRO G 231 -41.74 23.62 -9.07
CA PRO G 231 -40.55 23.15 -8.35
C PRO G 231 -39.31 22.81 -9.17
N VAL G 232 -38.71 23.82 -9.77
CA VAL G 232 -37.51 23.58 -10.52
C VAL G 232 -36.48 23.18 -9.47
N THR G 233 -35.46 22.43 -9.88
CA THR G 233 -34.39 22.06 -8.98
C THR G 233 -33.86 23.32 -8.33
N GLN G 234 -33.92 23.37 -7.00
CA GLN G 234 -33.69 24.63 -6.31
C GLN G 234 -33.13 24.45 -4.91
N ILE G 235 -32.79 25.57 -4.29
CA ILE G 235 -32.34 25.57 -2.91
C ILE G 235 -33.37 26.28 -2.04
N VAL G 236 -33.68 25.69 -0.88
CA VAL G 236 -34.59 26.33 0.06
C VAL G 236 -33.91 26.50 1.41
N SER G 237 -33.86 27.74 1.89
CA SER G 237 -33.16 28.02 3.14
C SER G 237 -34.08 28.54 4.22
N ALA G 238 -33.57 28.54 5.44
CA ALA G 238 -34.22 29.21 6.58
C ALA G 238 -33.11 29.64 7.52
N GLU G 239 -33.33 30.69 8.28
CA GLU G 239 -32.23 31.24 9.06
C GLU G 239 -32.57 31.63 10.49
N ALA G 240 -31.52 31.74 11.29
CA ALA G 240 -31.60 32.22 12.66
C ALA G 240 -30.38 33.08 12.94
N TRP G 241 -30.47 33.90 13.98
CA TRP G 241 -29.36 34.74 14.39
C TRP G 241 -29.12 34.54 15.87
N GLY G 242 -27.89 34.80 16.31
CA GLY G 242 -27.55 34.65 17.71
C GLY G 242 -28.41 35.54 18.61
N ARG G 243 -28.82 35.00 19.74
CA ARG G 243 -29.59 35.77 20.73
C ARG G 243 -29.01 35.65 22.12
N ALA G 244 -28.43 36.73 22.63
CA ALA G 244 -28.07 36.78 24.03
C ALA G 244 -29.37 36.67 24.82
N ASP G 245 -30.44 37.23 24.25
CA ASP G 245 -31.78 37.19 24.80
C ASP G 245 -31.83 37.87 26.16
N GLY H 25 3.56 -39.61 -10.02
CA GLY H 25 4.44 -38.46 -9.85
C GLY H 25 3.70 -37.15 -9.96
N SER H 26 4.31 -36.19 -10.67
CA SER H 26 3.66 -34.92 -10.92
C SER H 26 2.49 -35.07 -11.89
N HIS H 27 1.57 -34.12 -11.81
CA HIS H 27 0.50 -33.99 -12.78
C HIS H 27 0.34 -32.50 -13.02
N SER H 28 -0.07 -32.12 -14.21
CA SER H 28 -0.21 -30.69 -14.50
C SER H 28 -1.46 -30.38 -15.28
N MET H 29 -2.08 -29.25 -14.97
CA MET H 29 -3.08 -28.70 -15.87
C MET H 29 -2.51 -27.46 -16.53
N ARG H 30 -2.69 -27.36 -17.84
CA ARG H 30 -2.13 -26.27 -18.63
C ARG H 30 -3.10 -25.75 -19.68
N TYR H 31 -3.15 -24.44 -19.85
CA TYR H 31 -3.92 -23.83 -20.90
C TYR H 31 -3.00 -23.08 -21.86
N PHE H 32 -3.31 -23.21 -23.14
CA PHE H 32 -2.55 -22.57 -24.21
C PHE H 32 -3.50 -21.72 -25.04
N TYR H 33 -3.30 -20.41 -24.94
CA TYR H 33 -4.04 -19.44 -25.74
C TYR H 33 -3.20 -18.97 -26.93
N THR H 34 -3.82 -18.92 -28.11
CA THR H 34 -3.22 -18.30 -29.28
C THR H 34 -4.18 -17.27 -29.86
N SER H 35 -3.70 -16.04 -30.03
CA SER H 35 -4.51 -14.97 -30.60
C SER H 35 -3.77 -14.38 -31.79
N VAL H 36 -4.44 -14.33 -32.94
CA VAL H 36 -3.79 -13.81 -34.13
C VAL H 36 -4.56 -12.59 -34.63
N SER H 37 -3.90 -11.44 -34.63
CA SER H 37 -4.50 -10.22 -35.14
C SER H 37 -4.55 -10.26 -36.65
N ARG H 38 -5.52 -9.56 -37.21
CA ARG H 38 -5.63 -9.49 -38.65
C ARG H 38 -5.67 -8.03 -39.11
N PRO H 39 -5.02 -7.73 -40.24
CA PRO H 39 -4.93 -6.36 -40.78
C PRO H 39 -6.27 -5.65 -40.88
N GLY H 40 -7.10 -6.14 -41.79
CA GLY H 40 -8.44 -5.63 -41.96
C GLY H 40 -9.37 -6.83 -42.09
N ARG H 41 -8.86 -7.99 -41.64
CA ARG H 41 -9.57 -9.25 -41.76
C ARG H 41 -10.37 -9.44 -40.48
N GLY H 42 -10.98 -8.35 -40.04
CA GLY H 42 -11.83 -8.29 -38.87
C GLY H 42 -11.00 -8.31 -37.61
N GLU H 43 -11.48 -9.02 -36.59
CA GLU H 43 -10.88 -8.99 -35.26
C GLU H 43 -10.27 -10.35 -34.92
N PRO H 44 -9.20 -10.36 -34.09
CA PRO H 44 -8.31 -11.52 -33.96
C PRO H 44 -8.98 -12.88 -33.73
N ARG H 45 -8.31 -13.91 -34.23
CA ARG H 45 -8.74 -15.29 -34.01
C ARG H 45 -8.19 -15.77 -32.68
N PHE H 46 -9.09 -16.17 -31.78
CA PHE H 46 -8.70 -16.72 -30.50
C PHE H 46 -8.90 -18.23 -30.48
N ILE H 47 -7.87 -18.95 -30.10
CA ILE H 47 -7.96 -20.39 -29.92
C ILE H 47 -7.41 -20.75 -28.54
N SER H 48 -8.11 -21.62 -27.83
CA SER H 48 -7.61 -22.10 -26.56
C SER H 48 -7.64 -23.61 -26.53
N VAL H 49 -6.61 -24.20 -25.94
CA VAL H 49 -6.64 -25.63 -25.68
C VAL H 49 -6.19 -25.91 -24.25
N GLY H 50 -6.89 -26.85 -23.61
CA GLY H 50 -6.50 -27.26 -22.27
C GLY H 50 -5.97 -28.69 -22.27
N TYR H 51 -4.88 -28.87 -21.54
CA TYR H 51 -4.28 -30.18 -21.35
C TYR H 51 -4.22 -30.53 -19.87
N VAL H 52 -4.29 -31.82 -19.59
CA VAL H 52 -3.84 -32.38 -18.34
C VAL H 52 -2.76 -33.37 -18.72
N ASP H 53 -1.54 -33.13 -18.24
CA ASP H 53 -0.38 -33.87 -18.69
C ASP H 53 -0.32 -33.80 -20.22
N ASP H 54 -0.14 -34.94 -20.87
CA ASP H 54 -0.05 -34.96 -22.32
C ASP H 54 -1.40 -35.18 -23.01
N THR H 55 -2.48 -35.11 -22.23
CA THR H 55 -3.82 -35.34 -22.77
C THR H 55 -4.63 -34.05 -22.91
N GLN H 56 -5.04 -33.72 -24.12
CA GLN H 56 -5.91 -32.57 -24.33
C GLN H 56 -7.32 -32.95 -23.89
N PHE H 57 -8.04 -32.04 -23.27
CA PHE H 57 -9.40 -32.37 -22.82
C PHE H 57 -10.44 -31.30 -23.15
N VAL H 58 -10.00 -30.08 -23.46
CA VAL H 58 -10.93 -29.04 -23.91
C VAL H 58 -10.38 -28.24 -25.08
N ARG H 59 -11.29 -27.65 -25.85
CA ARG H 59 -10.97 -26.79 -26.99
C ARG H 59 -11.86 -25.55 -26.96
N PHE H 60 -11.38 -24.46 -27.54
CA PHE H 60 -12.25 -23.35 -27.88
C PHE H 60 -11.70 -22.62 -29.10
N ASP H 61 -12.57 -22.28 -30.05
CA ASP H 61 -12.16 -21.58 -31.26
C ASP H 61 -13.19 -20.51 -31.58
N SER H 62 -12.77 -19.26 -31.59
CA SER H 62 -13.67 -18.13 -31.84
C SER H 62 -14.14 -18.07 -33.30
N ASP H 63 -13.40 -18.75 -34.19
CA ASP H 63 -13.75 -18.77 -35.61
C ASP H 63 -14.68 -19.91 -36.00
N ALA H 64 -15.12 -20.68 -35.02
CA ALA H 64 -16.00 -21.82 -35.28
C ALA H 64 -17.42 -21.36 -35.61
N ALA H 65 -18.23 -22.30 -36.09
CA ALA H 65 -19.62 -22.03 -36.42
C ALA H 65 -20.34 -21.38 -35.25
N SER H 66 -20.27 -22.04 -34.09
CA SER H 66 -20.61 -21.39 -32.84
C SER H 66 -19.46 -21.52 -31.86
N PRO H 67 -18.90 -20.39 -31.43
CA PRO H 67 -17.74 -20.38 -30.54
C PRO H 67 -18.12 -20.92 -29.16
N ARG H 68 -17.61 -22.10 -28.83
CA ARG H 68 -18.08 -22.83 -27.68
C ARG H 68 -16.99 -23.75 -27.16
N GLU H 69 -16.82 -23.83 -25.84
CA GLU H 69 -15.89 -24.81 -25.31
C GLU H 69 -16.46 -26.20 -25.53
N GLU H 70 -15.66 -27.07 -26.15
CA GLU H 70 -16.06 -28.44 -26.40
C GLU H 70 -15.10 -29.42 -25.73
N PRO H 71 -15.59 -30.62 -25.39
CA PRO H 71 -14.76 -31.67 -24.81
C PRO H 71 -13.86 -32.36 -25.83
N ARG H 72 -12.70 -32.83 -25.38
CA ARG H 72 -11.75 -33.53 -26.24
C ARG H 72 -11.24 -34.79 -25.55
N ALA H 73 -11.73 -35.03 -24.33
CA ALA H 73 -11.41 -36.24 -23.60
C ALA H 73 -12.66 -36.81 -22.94
N PRO H 74 -12.74 -38.14 -22.83
CA PRO H 74 -13.95 -38.79 -22.31
C PRO H 74 -14.27 -38.42 -20.86
N TRP H 75 -13.25 -38.15 -20.06
CA TRP H 75 -13.45 -37.90 -18.62
C TRP H 75 -13.89 -36.48 -18.29
N ILE H 76 -14.02 -35.62 -19.30
CA ILE H 76 -14.50 -34.26 -19.07
C ILE H 76 -15.95 -34.11 -19.50
N GLU H 77 -16.47 -35.13 -20.19
CA GLU H 77 -17.84 -35.09 -20.71
C GLU H 77 -18.91 -35.01 -19.63
N GLN H 78 -18.64 -35.59 -18.46
CA GLN H 78 -19.60 -35.58 -17.36
C GLN H 78 -19.92 -34.18 -16.84
N GLU H 79 -19.14 -33.19 -17.26
CA GLU H 79 -19.37 -31.82 -16.83
C GLU H 79 -20.70 -31.29 -17.34
N GLY H 80 -21.48 -30.68 -16.45
CA GLY H 80 -22.79 -30.18 -16.81
C GLY H 80 -22.74 -28.92 -17.62
N PRO H 81 -23.89 -28.52 -18.20
CA PRO H 81 -24.06 -27.36 -19.07
C PRO H 81 -23.43 -26.08 -18.53
N GLU H 82 -23.56 -25.84 -17.22
CA GLU H 82 -23.07 -24.61 -16.60
C GLU H 82 -21.55 -24.48 -16.78
N TYR H 83 -20.87 -25.63 -16.83
CA TYR H 83 -19.43 -25.67 -17.01
C TYR H 83 -19.03 -25.12 -18.37
N TRP H 84 -19.62 -25.67 -19.43
CA TRP H 84 -19.31 -25.25 -20.79
C TRP H 84 -19.76 -23.83 -21.06
N ASP H 85 -20.92 -23.46 -20.52
CA ASP H 85 -21.43 -22.10 -20.71
C ASP H 85 -20.48 -21.08 -20.08
N ARG H 86 -20.13 -21.32 -18.82
CA ARG H 86 -19.28 -20.39 -18.08
C ARG H 86 -17.90 -20.28 -18.73
N ASN H 87 -17.29 -21.44 -19.01
CA ASN H 87 -15.98 -21.44 -19.63
C ASN H 87 -15.99 -20.77 -21.01
N THR H 88 -17.11 -20.89 -21.71
CA THR H 88 -17.25 -20.24 -23.00
C THR H 88 -17.26 -18.72 -22.83
N GLN H 89 -17.96 -18.24 -21.81
CA GLN H 89 -17.95 -16.80 -21.56
C GLN H 89 -16.55 -16.31 -21.16
N ILE H 90 -15.83 -17.13 -20.40
CA ILE H 90 -14.45 -16.81 -20.04
C ILE H 90 -13.57 -16.67 -21.27
N TYR H 91 -13.66 -17.65 -22.17
CA TYR H 91 -12.91 -17.60 -23.43
C TYR H 91 -13.27 -16.38 -24.29
N LYS H 92 -14.55 -16.04 -24.36
CA LYS H 92 -14.97 -14.89 -25.16
C LYS H 92 -14.38 -13.59 -24.61
N ALA H 93 -14.46 -13.43 -23.30
CA ALA H 93 -13.95 -12.23 -22.66
C ALA H 93 -12.44 -12.16 -22.86
N GLN H 94 -11.78 -13.30 -22.69
CA GLN H 94 -10.34 -13.37 -22.88
C GLN H 94 -9.96 -12.99 -24.31
N ALA H 95 -10.78 -13.39 -25.27
CA ALA H 95 -10.56 -13.02 -26.67
C ALA H 95 -10.57 -11.51 -26.81
N GLN H 96 -11.56 -10.86 -26.19
CA GLN H 96 -11.63 -9.40 -26.22
C GLN H 96 -10.37 -8.74 -25.61
N THR H 97 -9.94 -9.30 -24.48
CA THR H 97 -8.81 -8.76 -23.76
C THR H 97 -7.55 -8.90 -24.61
N ASP H 98 -7.41 -10.06 -25.25
CA ASP H 98 -6.32 -10.31 -26.19
C ASP H 98 -6.36 -9.34 -27.37
N ARG H 99 -7.55 -8.93 -27.79
CA ARG H 99 -7.66 -7.94 -28.87
C ARG H 99 -7.01 -6.64 -28.41
N GLU H 100 -7.35 -6.23 -27.20
CA GLU H 100 -6.81 -4.98 -26.66
C GLU H 100 -5.31 -5.08 -26.43
N SER H 101 -4.87 -6.24 -25.99
CA SER H 101 -3.45 -6.51 -25.74
C SER H 101 -2.66 -6.42 -27.04
N LEU H 102 -3.20 -7.03 -28.09
CA LEU H 102 -2.55 -6.97 -29.40
C LEU H 102 -2.45 -5.53 -29.87
N ARG H 103 -3.49 -4.73 -29.62
CA ARG H 103 -3.41 -3.30 -29.94
C ARG H 103 -2.24 -2.63 -29.22
N ASN H 104 -2.20 -2.78 -27.90
CA ASN H 104 -1.16 -2.16 -27.10
C ASN H 104 0.23 -2.60 -27.52
N LEU H 105 0.38 -3.90 -27.79
CA LEU H 105 1.64 -4.46 -28.25
C LEU H 105 2.09 -3.85 -29.57
N ARG H 106 1.14 -3.73 -30.51
CA ARG H 106 1.44 -3.03 -31.76
C ARG H 106 1.98 -1.65 -31.47
N GLY H 107 1.35 -0.96 -30.52
CA GLY H 107 1.80 0.36 -30.10
C GLY H 107 3.21 0.40 -29.52
N TYR H 108 3.52 -0.52 -28.62
CA TYR H 108 4.81 -0.54 -27.93
C TYR H 108 6.00 -0.70 -28.87
N TYR H 109 5.80 -1.46 -29.95
CA TYR H 109 6.89 -1.80 -30.86
C TYR H 109 6.89 -0.94 -32.12
N ASN H 110 5.99 0.03 -32.18
CA ASN H 110 5.83 0.89 -33.36
C ASN H 110 5.55 0.11 -34.64
N GLN H 111 4.76 -0.95 -34.53
CA GLN H 111 4.37 -1.72 -35.71
C GLN H 111 3.13 -1.09 -36.36
N SER H 112 3.00 -1.27 -37.67
CA SER H 112 1.89 -0.67 -38.42
C SER H 112 0.59 -1.45 -38.23
N GLU H 113 -0.54 -0.78 -38.44
CA GLU H 113 -1.86 -1.37 -38.25
C GLU H 113 -2.20 -2.50 -39.22
N ALA H 114 -1.32 -2.75 -40.18
CA ALA H 114 -1.59 -3.72 -41.24
C ALA H 114 -0.95 -5.08 -40.98
N GLY H 115 0.10 -5.10 -40.17
CA GLY H 115 0.76 -6.35 -39.83
C GLY H 115 -0.16 -7.36 -39.14
N SER H 116 0.21 -8.64 -39.24
CA SER H 116 -0.50 -9.70 -38.53
C SER H 116 0.41 -10.23 -37.43
N HIS H 117 -0.07 -10.20 -36.19
CA HIS H 117 0.78 -10.59 -35.07
C HIS H 117 0.11 -11.60 -34.15
N THR H 118 0.95 -12.26 -33.35
CA THR H 118 0.50 -13.32 -32.47
C THR H 118 0.75 -13.01 -31.00
N LEU H 119 -0.27 -13.23 -30.17
CA LEU H 119 -0.10 -13.20 -28.74
C LEU H 119 -0.39 -14.59 -28.19
N GLN H 120 0.59 -15.17 -27.51
CA GLN H 120 0.42 -16.51 -26.95
C GLN H 120 0.47 -16.48 -25.43
N SER H 121 -0.43 -17.25 -24.81
CA SER H 121 -0.47 -17.37 -23.37
C SER H 121 -0.34 -18.83 -22.95
N MET H 122 0.33 -19.06 -21.84
CA MET H 122 0.64 -20.40 -21.38
C MET H 122 0.58 -20.40 -19.86
N TYR H 123 -0.42 -21.04 -19.27
CA TYR H 123 -0.47 -21.02 -17.81
C TYR H 123 -0.98 -22.32 -17.21
N GLY H 124 -0.75 -22.50 -15.91
CA GLY H 124 -1.30 -23.66 -15.23
C GLY H 124 -0.56 -24.11 -13.99
N CYS H 125 -1.00 -25.23 -13.41
CA CYS H 125 -0.41 -25.70 -12.16
C CYS H 125 0.14 -27.12 -12.24
N ASP H 126 1.23 -27.35 -11.50
CA ASP H 126 1.77 -28.68 -11.24
C ASP H 126 1.48 -29.10 -9.80
N VAL H 127 1.00 -30.32 -9.63
CA VAL H 127 0.83 -30.88 -8.30
C VAL H 127 1.56 -32.21 -8.18
N GLY H 128 1.87 -32.59 -6.94
CA GLY H 128 2.50 -33.88 -6.67
C GLY H 128 1.46 -34.94 -6.39
N PRO H 129 1.89 -36.12 -5.94
CA PRO H 129 0.97 -37.23 -5.64
C PRO H 129 0.01 -36.94 -4.49
N ASP H 130 0.39 -36.06 -3.58
CA ASP H 130 -0.48 -35.66 -2.49
C ASP H 130 -1.57 -34.71 -3.01
N GLY H 131 -1.40 -34.26 -4.25
CA GLY H 131 -2.37 -33.39 -4.88
C GLY H 131 -2.22 -31.94 -4.50
N ARG H 132 -1.13 -31.61 -3.83
CA ARG H 132 -0.86 -30.22 -3.46
C ARG H 132 0.11 -29.53 -4.43
N LEU H 133 0.01 -28.20 -4.48
CA LEU H 133 0.76 -27.38 -5.42
C LEU H 133 2.27 -27.57 -5.35
N LEU H 134 2.88 -27.75 -6.52
CA LEU H 134 4.34 -27.83 -6.63
C LEU H 134 4.92 -26.58 -7.29
N ARG H 135 4.36 -26.23 -8.44
CA ARG H 135 4.85 -25.11 -9.22
C ARG H 135 3.70 -24.49 -10.00
N GLY H 136 3.79 -23.19 -10.24
CA GLY H 136 2.80 -22.49 -11.05
C GLY H 136 3.44 -21.87 -12.27
N HIS H 137 2.63 -21.65 -13.30
CA HIS H 137 3.08 -21.02 -14.52
C HIS H 137 2.04 -20.04 -15.04
N ASP H 138 2.53 -18.98 -15.67
CA ASP H 138 1.69 -17.96 -16.30
C ASP H 138 2.60 -17.05 -17.12
N GLN H 139 2.68 -17.30 -18.42
CA GLN H 139 3.62 -16.54 -19.24
C GLN H 139 3.12 -16.28 -20.66
N TYR H 140 3.71 -15.26 -21.27
CA TYR H 140 3.25 -14.73 -22.55
C TYR H 140 4.40 -14.53 -23.51
N ALA H 141 4.07 -14.74 -24.79
CA ALA H 141 5.00 -14.51 -25.88
C ALA H 141 4.33 -13.69 -26.97
N TYR H 142 5.10 -12.76 -27.54
CA TYR H 142 4.59 -11.94 -28.64
C TYR H 142 5.40 -12.21 -29.90
N ASP H 143 4.69 -12.56 -30.97
CA ASP H 143 5.29 -12.94 -32.25
C ASP H 143 6.37 -14.02 -32.09
N GLY H 144 6.14 -14.94 -31.17
CA GLY H 144 6.98 -16.11 -31.01
C GLY H 144 8.15 -15.96 -30.07
N LYS H 145 8.36 -14.77 -29.52
CA LYS H 145 9.44 -14.56 -28.57
C LYS H 145 8.88 -14.24 -27.19
N ASP H 146 9.61 -14.69 -26.17
CA ASP H 146 9.28 -14.42 -24.78
C ASP H 146 8.96 -12.95 -24.55
N TYR H 147 7.80 -12.68 -23.96
CA TYR H 147 7.43 -11.31 -23.67
C TYR H 147 7.41 -11.09 -22.16
N ILE H 148 6.68 -11.92 -21.42
CA ILE H 148 6.65 -11.72 -19.97
C ILE H 148 6.20 -12.95 -19.18
N ALA H 149 6.91 -13.26 -18.10
CA ALA H 149 6.59 -14.48 -17.35
C ALA H 149 6.43 -14.24 -15.86
N LEU H 150 5.47 -14.94 -15.25
CA LEU H 150 5.31 -14.89 -13.81
C LEU H 150 6.43 -15.70 -13.16
N ASN H 151 7.10 -15.11 -12.17
CA ASN H 151 8.24 -15.78 -11.57
C ASN H 151 7.77 -16.93 -10.68
N GLU H 152 8.70 -17.83 -10.35
CA GLU H 152 8.37 -19.01 -9.54
C GLU H 152 7.73 -18.62 -8.20
N ASP H 153 8.14 -17.49 -7.64
CA ASP H 153 7.56 -17.03 -6.38
C ASP H 153 6.09 -16.67 -6.56
N LEU H 154 5.69 -16.48 -7.82
CA LEU H 154 4.32 -16.17 -8.20
C LEU H 154 3.90 -14.81 -7.66
N ARG H 155 4.87 -13.90 -7.55
CA ARG H 155 4.64 -12.60 -6.92
C ARG H 155 5.15 -11.45 -7.78
N SER H 156 6.04 -11.77 -8.72
CA SER H 156 6.63 -10.77 -9.58
C SER H 156 6.72 -11.27 -11.01
N TRP H 157 7.09 -10.37 -11.92
CA TRP H 157 7.19 -10.71 -13.33
C TRP H 157 8.61 -10.52 -13.82
N THR H 158 9.01 -11.37 -14.77
CA THR H 158 10.22 -11.16 -15.53
C THR H 158 9.82 -10.65 -16.90
N ALA H 159 10.22 -9.42 -17.18
CA ALA H 159 9.97 -8.79 -18.48
C ALA H 159 11.19 -8.97 -19.37
N ALA H 160 10.97 -9.51 -20.57
CA ALA H 160 12.07 -9.78 -21.49
C ALA H 160 12.48 -8.50 -22.22
N ASP H 161 11.60 -7.50 -22.21
CA ASP H 161 11.68 -6.40 -23.16
C ASP H 161 11.48 -5.04 -22.51
N THR H 162 11.84 -4.00 -23.26
CA THR H 162 11.55 -2.63 -22.88
C THR H 162 10.04 -2.37 -22.86
N ALA H 163 9.33 -3.02 -23.77
CA ALA H 163 7.87 -2.93 -23.84
C ALA H 163 7.21 -3.73 -22.72
N ALA H 164 7.73 -4.93 -22.53
CA ALA H 164 7.26 -5.81 -21.49
C ALA H 164 7.43 -5.14 -20.13
N GLN H 165 8.36 -4.19 -20.04
CA GLN H 165 8.51 -3.35 -18.85
C GLN H 165 7.30 -2.45 -18.63
N ILE H 166 6.75 -1.91 -19.73
CA ILE H 166 5.53 -1.13 -19.64
C ILE H 166 4.44 -2.01 -19.06
N THR H 167 4.36 -3.22 -19.60
CA THR H 167 3.37 -4.17 -19.10
C THR H 167 3.62 -4.49 -17.62
N GLN H 168 4.89 -4.62 -17.27
CA GLN H 168 5.32 -4.98 -15.92
C GLN H 168 4.90 -3.92 -14.91
N ARG H 169 5.10 -2.66 -15.26
CA ARG H 169 4.70 -1.55 -14.41
C ARG H 169 3.19 -1.54 -14.24
N LYS H 170 2.49 -1.76 -15.35
CA LYS H 170 1.03 -1.73 -15.33
C LYS H 170 0.45 -2.82 -14.40
N TRP H 171 0.97 -4.03 -14.53
CA TRP H 171 0.53 -5.14 -13.69
C TRP H 171 1.00 -5.03 -12.23
N GLU H 172 2.17 -4.46 -12.02
CA GLU H 172 2.67 -4.32 -10.65
C GLU H 172 1.80 -3.32 -9.90
N ALA H 173 1.36 -2.27 -10.61
CA ALA H 173 0.45 -1.31 -10.02
C ALA H 173 -0.89 -1.93 -9.68
N ALA H 174 -1.43 -2.73 -10.59
CA ALA H 174 -2.75 -3.34 -10.41
C ALA H 174 -2.71 -4.61 -9.59
N ARG H 175 -1.52 -4.98 -9.12
CA ARG H 175 -1.33 -6.16 -8.27
C ARG H 175 -1.92 -7.42 -8.91
N GLU H 176 -1.69 -7.56 -10.21
CA GLU H 176 -2.25 -8.66 -11.00
C GLU H 176 -1.66 -10.02 -10.61
N ALA H 177 -0.39 -10.02 -10.23
CA ALA H 177 0.30 -11.24 -9.82
C ALA H 177 -0.46 -11.93 -8.70
N GLU H 178 -1.09 -11.14 -7.84
CA GLU H 178 -1.85 -11.67 -6.72
C GLU H 178 -3.06 -12.48 -7.20
N GLN H 179 -3.67 -12.02 -8.29
CA GLN H 179 -4.84 -12.69 -8.85
C GLN H 179 -4.44 -13.94 -9.61
N ARG H 180 -3.31 -13.86 -10.32
CA ARG H 180 -2.78 -15.03 -11.01
C ARG H 180 -2.42 -16.11 -9.99
N ARG H 181 -1.84 -15.68 -8.87
CA ARG H 181 -1.50 -16.58 -7.78
C ARG H 181 -2.75 -17.18 -7.16
N ALA H 182 -3.78 -16.36 -7.01
CA ALA H 182 -5.05 -16.80 -6.46
C ALA H 182 -5.61 -17.93 -7.32
N TYR H 183 -5.61 -17.73 -8.64
CA TYR H 183 -6.04 -18.80 -9.53
C TYR H 183 -5.18 -20.05 -9.40
N LEU H 184 -3.86 -19.88 -9.46
CA LEU H 184 -2.95 -21.02 -9.53
C LEU H 184 -2.95 -21.84 -8.25
N GLU H 185 -3.22 -21.19 -7.12
CA GLU H 185 -3.29 -21.87 -5.83
C GLU H 185 -4.70 -22.35 -5.51
N GLY H 186 -5.69 -21.72 -6.13
CA GLY H 186 -7.09 -22.02 -5.87
C GLY H 186 -7.75 -22.96 -6.86
N GLU H 187 -8.52 -22.41 -7.79
CA GLU H 187 -9.33 -23.22 -8.71
C GLU H 187 -8.49 -24.16 -9.54
N CYS H 188 -7.27 -23.76 -9.88
CA CYS H 188 -6.43 -24.55 -10.76
C CYS H 188 -6.18 -25.92 -10.14
N VAL H 189 -5.74 -25.89 -8.88
CA VAL H 189 -5.46 -27.09 -8.12
C VAL H 189 -6.73 -27.93 -7.92
N GLU H 190 -7.84 -27.27 -7.63
CA GLU H 190 -9.11 -27.96 -7.39
C GLU H 190 -9.62 -28.69 -8.62
N TRP H 191 -9.66 -27.99 -9.75
CA TRP H 191 -10.09 -28.58 -11.01
C TRP H 191 -9.15 -29.69 -11.43
N LEU H 192 -7.84 -29.47 -11.34
CA LEU H 192 -6.88 -30.52 -11.69
C LEU H 192 -7.11 -31.77 -10.83
N ARG H 193 -7.39 -31.53 -9.56
CA ARG H 193 -7.70 -32.59 -8.60
C ARG H 193 -8.91 -33.38 -9.08
N ARG H 194 -9.95 -32.65 -9.48
CA ARG H 194 -11.19 -33.28 -9.91
C ARG H 194 -11.00 -34.08 -11.19
N TYR H 195 -10.17 -33.56 -12.09
CA TYR H 195 -9.93 -34.20 -13.38
C TYR H 195 -9.10 -35.47 -13.19
N LEU H 196 -8.11 -35.41 -12.30
CA LEU H 196 -7.31 -36.58 -11.99
C LEU H 196 -8.16 -37.64 -11.30
N GLU H 197 -9.14 -37.23 -10.53
CA GLU H 197 -10.03 -38.20 -9.91
C GLU H 197 -10.91 -38.85 -10.95
N ASN H 198 -11.53 -38.03 -11.79
CA ASN H 198 -12.50 -38.51 -12.77
C ASN H 198 -11.84 -39.30 -13.92
N GLY H 199 -10.62 -38.92 -14.28
CA GLY H 199 -9.92 -39.57 -15.37
C GLY H 199 -8.79 -40.47 -14.92
N LYS H 200 -8.86 -40.92 -13.68
CA LYS H 200 -7.81 -41.73 -13.06
C LYS H 200 -7.23 -42.85 -13.93
N ASP H 201 -8.11 -43.67 -14.51
CA ASP H 201 -7.67 -44.87 -15.19
C ASP H 201 -6.92 -44.61 -16.50
N LYS H 202 -7.00 -43.40 -17.02
CA LYS H 202 -6.26 -43.05 -18.22
C LYS H 202 -5.20 -41.97 -17.97
N LEU H 203 -5.36 -41.21 -16.88
CA LEU H 203 -4.40 -40.17 -16.54
C LEU H 203 -3.29 -40.68 -15.63
N GLU H 204 -3.58 -41.69 -14.81
CA GLU H 204 -2.55 -42.29 -13.97
C GLU H 204 -1.92 -43.47 -14.70
N ARG H 205 -2.16 -43.50 -16.00
CA ARG H 205 -1.56 -44.46 -16.93
C ARG H 205 -0.11 -44.12 -17.31
N ALA H 206 0.72 -45.16 -17.44
CA ALA H 206 2.05 -45.03 -18.03
C ALA H 206 2.31 -46.18 -19.00
N ASP H 207 2.15 -45.91 -20.29
CA ASP H 207 2.31 -46.92 -21.32
C ASP H 207 3.73 -46.98 -21.85
N PRO H 208 4.44 -48.08 -21.55
CA PRO H 208 5.79 -48.25 -22.08
C PRO H 208 5.78 -48.34 -23.60
N PRO H 209 6.85 -47.88 -24.25
CA PRO H 209 6.85 -47.95 -25.71
C PRO H 209 7.06 -49.37 -26.20
N LYS H 210 6.46 -49.73 -27.33
CA LYS H 210 6.80 -50.96 -28.01
C LYS H 210 7.90 -50.62 -28.99
N THR H 211 9.02 -51.33 -28.90
CA THR H 211 10.23 -50.91 -29.59
C THR H 211 10.75 -51.95 -30.57
N HIS H 212 11.39 -51.48 -31.65
CA HIS H 212 12.01 -52.40 -32.61
C HIS H 212 12.97 -51.67 -33.54
N VAL H 213 13.85 -52.43 -34.19
CA VAL H 213 14.83 -51.82 -35.08
C VAL H 213 14.64 -52.31 -36.52
N THR H 214 14.77 -51.40 -37.48
CA THR H 214 14.61 -51.77 -38.88
C THR H 214 15.89 -51.44 -39.62
N HIS H 215 16.10 -52.15 -40.73
CA HIS H 215 17.35 -52.03 -41.47
C HIS H 215 17.09 -51.94 -42.97
N HIS H 216 17.65 -50.90 -43.60
CA HIS H 216 17.49 -50.70 -45.03
C HIS H 216 18.80 -50.28 -45.69
N PRO H 217 19.35 -51.15 -46.56
CA PRO H 217 20.55 -50.71 -47.29
C PRO H 217 20.27 -49.49 -48.17
N ILE H 218 21.33 -48.74 -48.49
CA ILE H 218 21.20 -47.60 -49.38
C ILE H 218 22.09 -47.83 -50.57
N SER H 219 23.20 -48.52 -50.32
CA SER H 219 24.19 -48.75 -51.34
C SER H 219 24.86 -50.10 -51.23
N ASP H 220 25.99 -50.19 -51.90
CA ASP H 220 26.92 -51.30 -51.77
C ASP H 220 27.27 -51.57 -50.31
N HIS H 221 27.51 -50.51 -49.54
CA HIS H 221 28.19 -50.61 -48.26
C HIS H 221 27.56 -49.80 -47.14
N GLU H 222 26.43 -49.16 -47.43
CA GLU H 222 25.78 -48.30 -46.44
C GLU H 222 24.37 -48.79 -46.13
N ALA H 223 24.04 -48.87 -44.85
CA ALA H 223 22.69 -49.20 -44.47
C ALA H 223 22.17 -48.21 -43.43
N THR H 224 20.85 -48.20 -43.25
CA THR H 224 20.24 -47.33 -42.26
C THR H 224 19.61 -48.21 -41.19
N LEU H 225 19.90 -47.87 -39.95
CA LEU H 225 19.30 -48.52 -38.81
C LEU H 225 18.35 -47.53 -38.18
N ARG H 226 17.13 -48.00 -37.93
CA ARG H 226 16.08 -47.15 -37.37
C ARG H 226 15.56 -47.75 -36.08
N CYS H 227 15.69 -46.98 -35.00
CA CYS H 227 15.17 -47.39 -33.71
C CYS H 227 13.80 -46.76 -33.47
N TRP H 228 12.80 -47.63 -33.44
CA TRP H 228 11.40 -47.26 -33.31
C TRP H 228 10.86 -47.46 -31.91
N ALA H 229 10.17 -46.44 -31.41
CA ALA H 229 9.43 -46.51 -30.17
C ALA H 229 7.99 -46.02 -30.44
N LEU H 230 7.02 -46.91 -30.27
CA LEU H 230 5.64 -46.59 -30.62
C LEU H 230 4.66 -46.81 -29.47
N GLY H 231 3.54 -46.09 -29.53
CA GLY H 231 2.41 -46.33 -28.64
C GLY H 231 2.64 -46.03 -27.17
N PHE H 232 3.57 -45.14 -26.86
CA PHE H 232 3.88 -44.86 -25.46
C PHE H 232 3.15 -43.64 -24.93
N TYR H 233 2.96 -43.62 -23.61
CA TYR H 233 2.39 -42.48 -22.91
C TYR H 233 2.94 -42.46 -21.50
N PRO H 234 3.32 -41.28 -20.99
CA PRO H 234 3.27 -39.96 -21.64
C PRO H 234 4.34 -39.76 -22.71
N ALA H 235 4.46 -38.54 -23.21
CA ALA H 235 5.27 -38.25 -24.39
C ALA H 235 6.78 -38.19 -24.11
N GLU H 236 7.16 -37.90 -22.87
CA GLU H 236 8.58 -37.77 -22.55
C GLU H 236 9.29 -39.09 -22.74
N ILE H 237 10.35 -39.08 -23.56
CA ILE H 237 11.09 -40.28 -23.88
C ILE H 237 12.49 -39.92 -24.34
N THR H 238 13.42 -40.86 -24.20
CA THR H 238 14.77 -40.67 -24.71
C THR H 238 15.14 -41.80 -25.66
N LEU H 239 15.55 -41.43 -26.86
CA LEU H 239 15.98 -42.38 -27.89
C LEU H 239 17.40 -42.07 -28.31
N THR H 240 18.34 -42.98 -28.02
CA THR H 240 19.73 -42.72 -28.38
C THR H 240 20.39 -43.84 -29.19
N TRP H 241 21.25 -43.45 -30.13
CA TRP H 241 22.10 -44.40 -30.83
C TRP H 241 23.55 -44.30 -30.36
N GLN H 242 24.12 -45.38 -29.84
CA GLN H 242 25.54 -45.40 -29.50
C GLN H 242 26.31 -46.42 -30.35
N ARG H 243 27.55 -46.10 -30.69
CA ARG H 243 28.43 -47.05 -31.36
C ARG H 243 29.52 -47.49 -30.39
N ASP H 244 29.47 -48.77 -30.02
CA ASP H 244 30.41 -49.37 -29.08
C ASP H 244 30.32 -48.77 -27.69
N GLY H 245 29.29 -48.00 -27.41
CA GLY H 245 29.16 -47.39 -26.11
C GLY H 245 29.45 -45.91 -26.16
N GLU H 246 29.75 -45.41 -27.35
CA GLU H 246 29.99 -43.99 -27.52
C GLU H 246 28.78 -43.38 -28.20
N ASP H 247 28.24 -42.33 -27.60
CA ASP H 247 26.92 -41.90 -28.00
C ASP H 247 27.02 -41.10 -29.32
N GLN H 248 26.13 -41.35 -30.29
CA GLN H 248 26.19 -40.59 -31.56
C GLN H 248 25.21 -39.39 -31.53
N THR H 249 25.51 -38.37 -30.74
CA THR H 249 24.59 -37.22 -30.64
C THR H 249 24.38 -36.54 -32.00
N GLN H 250 25.48 -36.19 -32.66
CA GLN H 250 25.47 -35.86 -34.08
C GLN H 250 25.47 -37.18 -34.86
N ASP H 251 25.19 -37.13 -36.17
CA ASP H 251 25.15 -38.29 -37.07
C ASP H 251 23.90 -39.13 -36.85
N THR H 252 23.02 -38.67 -35.96
CA THR H 252 21.73 -39.32 -35.75
C THR H 252 20.56 -38.43 -36.14
N GLU H 253 19.65 -38.95 -36.97
CA GLU H 253 18.48 -38.18 -37.32
C GLU H 253 17.37 -38.55 -36.35
N LEU H 254 17.00 -37.60 -35.52
CA LEU H 254 16.06 -37.83 -34.44
C LEU H 254 14.84 -36.95 -34.66
N VAL H 255 13.72 -37.58 -35.01
CA VAL H 255 12.50 -36.84 -35.32
C VAL H 255 11.81 -36.39 -34.04
N GLU H 256 11.00 -35.35 -34.16
CA GLU H 256 10.23 -34.87 -33.02
C GLU H 256 9.27 -35.96 -32.58
N THR H 257 9.03 -36.04 -31.28
CA THR H 257 7.98 -36.92 -30.79
C THR H 257 6.66 -36.49 -31.41
N ARG H 258 5.92 -37.45 -31.94
CA ARG H 258 4.71 -37.13 -32.70
C ARG H 258 3.49 -37.87 -32.17
N PRO H 259 2.30 -37.25 -32.32
CA PRO H 259 1.03 -37.88 -31.95
C PRO H 259 0.61 -38.94 -32.96
N ALA H 260 0.19 -40.10 -32.48
CA ALA H 260 -0.27 -41.16 -33.35
C ALA H 260 -1.71 -40.92 -33.77
N GLY H 261 -2.40 -40.06 -33.03
CA GLY H 261 -3.81 -39.79 -33.28
C GLY H 261 -4.76 -40.56 -32.37
N ASP H 262 -4.22 -41.43 -31.53
CA ASP H 262 -5.04 -42.17 -30.58
C ASP H 262 -4.60 -41.90 -29.14
N ARG H 263 -3.99 -40.74 -28.94
CA ARG H 263 -3.52 -40.25 -27.64
C ARG H 263 -2.28 -40.98 -27.14
N THR H 264 -1.62 -41.72 -28.03
CA THR H 264 -0.29 -42.25 -27.75
C THR H 264 0.71 -41.52 -28.62
N PHE H 265 2.00 -41.75 -28.38
CA PHE H 265 3.03 -41.06 -29.13
C PHE H 265 4.01 -42.01 -29.82
N GLN H 266 4.73 -41.47 -30.80
CA GLN H 266 5.73 -42.23 -31.55
C GLN H 266 7.02 -41.43 -31.67
N LYS H 267 8.14 -42.14 -31.78
CA LYS H 267 9.43 -41.49 -32.03
C LYS H 267 10.39 -42.50 -32.64
N TRP H 268 11.27 -42.03 -33.53
CA TRP H 268 12.36 -42.90 -33.98
C TRP H 268 13.66 -42.14 -34.18
N ALA H 269 14.77 -42.87 -34.02
CA ALA H 269 16.10 -42.31 -34.26
C ALA H 269 16.77 -43.11 -35.35
N ALA H 270 17.64 -42.47 -36.13
CA ALA H 270 18.23 -43.18 -37.27
C ALA H 270 19.71 -42.92 -37.44
N VAL H 271 20.46 -43.99 -37.69
CA VAL H 271 21.88 -43.88 -38.00
C VAL H 271 22.22 -44.55 -39.32
N VAL H 272 23.10 -43.91 -40.08
CA VAL H 272 23.62 -44.51 -41.31
C VAL H 272 24.96 -45.13 -40.95
N VAL H 273 25.03 -46.44 -41.08
CA VAL H 273 26.16 -47.24 -40.63
C VAL H 273 26.73 -48.10 -41.76
N PRO H 274 28.07 -48.25 -41.77
CA PRO H 274 28.72 -49.14 -42.75
C PRO H 274 28.11 -50.52 -42.68
N SER H 275 27.97 -51.14 -43.84
CA SER H 275 27.48 -52.49 -43.91
C SER H 275 28.47 -53.53 -43.39
N GLY H 276 28.20 -54.05 -42.19
CA GLY H 276 29.09 -55.01 -41.58
C GLY H 276 29.20 -54.80 -40.08
N GLU H 277 29.41 -53.54 -39.68
CA GLU H 277 29.50 -53.21 -38.27
C GLU H 277 28.17 -52.68 -37.73
N GLU H 278 27.08 -53.32 -38.13
CA GLU H 278 25.75 -52.90 -37.73
C GLU H 278 25.48 -53.36 -36.30
N GLN H 279 26.21 -54.40 -35.89
CA GLN H 279 26.15 -54.91 -34.53
C GLN H 279 27.21 -54.23 -33.67
N ARG H 280 27.55 -52.99 -34.02
CA ARG H 280 28.40 -52.18 -33.17
C ARG H 280 27.56 -50.97 -32.81
N TYR H 281 26.35 -50.94 -33.39
CA TYR H 281 25.33 -49.96 -33.06
C TYR H 281 24.25 -50.49 -32.11
N THR H 282 24.11 -49.78 -30.99
CA THR H 282 23.14 -50.13 -29.96
C THR H 282 22.16 -48.97 -29.78
N CYS H 283 20.89 -49.29 -29.57
CA CYS H 283 19.88 -48.25 -29.30
C CYS H 283 19.46 -48.27 -27.84
N HIS H 284 19.31 -47.10 -27.25
CA HIS H 284 18.95 -47.01 -25.84
C HIS H 284 17.66 -46.23 -25.67
N VAL H 285 16.67 -46.89 -25.04
CA VAL H 285 15.35 -46.30 -24.85
C VAL H 285 15.05 -46.06 -23.38
N GLN H 286 14.78 -44.81 -23.01
CA GLN H 286 14.34 -44.51 -21.65
C GLN H 286 12.94 -43.88 -21.61
N HIS H 287 12.04 -44.50 -20.86
CA HIS H 287 10.66 -44.03 -20.73
C HIS H 287 10.10 -44.52 -19.40
N GLU H 288 9.30 -43.69 -18.73
CA GLU H 288 8.86 -43.98 -17.37
C GLU H 288 7.96 -45.22 -17.27
N GLY H 289 7.52 -45.74 -18.41
CA GLY H 289 6.73 -46.96 -18.44
C GLY H 289 7.58 -48.21 -18.52
N LEU H 290 8.87 -48.01 -18.79
CA LEU H 290 9.81 -49.12 -18.83
C LEU H 290 10.37 -49.39 -17.43
N PRO H 291 10.31 -50.65 -16.99
CA PRO H 291 10.88 -51.01 -15.69
C PRO H 291 12.37 -50.71 -15.66
N LYS H 292 13.05 -51.01 -16.76
CA LYS H 292 14.46 -50.69 -16.92
C LYS H 292 14.68 -50.10 -18.31
N PRO H 293 15.68 -49.22 -18.46
CA PRO H 293 16.04 -48.72 -19.79
C PRO H 293 16.31 -49.87 -20.76
N LEU H 294 15.83 -49.74 -21.99
CA LEU H 294 16.02 -50.79 -22.98
C LEU H 294 17.27 -50.61 -23.82
N THR H 295 17.87 -51.74 -24.18
CA THR H 295 18.98 -51.80 -25.12
C THR H 295 18.57 -52.66 -26.31
N LEU H 296 18.58 -52.06 -27.49
CA LEU H 296 18.10 -52.69 -28.70
C LEU H 296 19.18 -52.84 -29.74
N ARG H 297 19.02 -53.85 -30.59
CA ARG H 297 19.95 -54.14 -31.68
C ARG H 297 19.19 -54.71 -32.87
N TRP H 298 19.75 -54.55 -34.06
CA TRP H 298 19.26 -55.28 -35.21
C TRP H 298 19.99 -56.63 -35.23
N GLU H 299 19.24 -57.73 -35.16
CA GLU H 299 17.79 -57.71 -35.28
C GLU H 299 17.10 -57.89 -33.92
N ALA I 1 -10.82 -25.99 -15.49
CA ALA I 1 -11.44 -24.77 -15.98
C ALA I 1 -10.40 -23.67 -16.17
N PRO I 2 -10.60 -22.79 -17.16
CA PRO I 2 -9.70 -21.67 -17.39
C PRO I 2 -9.91 -20.54 -16.39
N ARG I 3 -8.92 -19.66 -16.26
CA ARG I 3 -8.96 -18.57 -15.28
C ARG I 3 -9.94 -17.46 -15.61
N GLY I 4 -10.83 -17.16 -14.67
CA GLY I 4 -11.71 -16.01 -14.77
C GLY I 4 -11.16 -14.88 -13.90
N PRO I 5 -11.81 -13.71 -13.94
CA PRO I 5 -11.36 -12.46 -13.31
C PRO I 5 -11.65 -12.28 -11.80
N HIS I 6 -12.41 -13.17 -11.19
CA HIS I 6 -12.85 -13.04 -9.78
C HIS I 6 -13.58 -11.74 -9.45
N GLY I 7 -14.39 -11.23 -10.37
CA GLY I 7 -15.27 -10.13 -10.01
C GLY I 7 -15.05 -8.79 -10.67
N GLY I 8 -14.03 -8.70 -11.51
CA GLY I 8 -13.79 -7.50 -12.28
C GLY I 8 -13.54 -7.83 -13.74
N ALA I 9 -12.72 -7.02 -14.39
CA ALA I 9 -12.37 -7.25 -15.79
C ALA I 9 -10.86 -7.39 -15.91
N ALA I 10 -10.45 -8.19 -16.89
CA ALA I 10 -9.05 -8.60 -17.00
C ALA I 10 -8.07 -7.45 -17.17
N SER I 11 -6.83 -7.75 -16.81
CA SER I 11 -5.68 -6.85 -16.86
C SER I 11 -5.62 -5.89 -18.03
N GLY I 12 -5.70 -6.43 -19.24
CA GLY I 12 -5.18 -5.76 -20.40
C GLY I 12 -3.84 -6.42 -20.70
N LEU I 13 -2.84 -5.58 -21.03
CA LEU I 13 -1.45 -5.98 -21.23
C LEU I 13 -0.76 -4.85 -21.99
N ALA J 1 0.77 19.34 16.39
CA ALA J 1 1.75 18.33 16.82
C ALA J 1 3.16 18.92 16.84
N PRO J 2 3.99 18.46 17.80
CA PRO J 2 5.40 18.89 17.88
C PRO J 2 6.28 18.22 16.83
N ARG J 3 7.44 18.81 16.56
CA ARG J 3 8.36 18.34 15.53
C ARG J 3 9.09 17.03 15.88
N GLY J 4 8.95 16.04 14.99
CA GLY J 4 9.70 14.81 15.09
C GLY J 4 10.87 14.82 14.13
N PRO J 5 11.72 13.79 14.17
CA PRO J 5 12.98 13.73 13.41
C PRO J 5 12.87 13.32 11.93
N HIS J 6 11.69 12.89 11.48
CA HIS J 6 11.50 12.36 10.12
C HIS J 6 12.43 11.20 9.77
N GLY J 7 12.76 10.34 10.72
CA GLY J 7 13.45 9.11 10.35
C GLY J 7 14.86 8.92 10.87
N GLY J 8 15.38 9.90 11.60
CA GLY J 8 16.68 9.75 12.22
C GLY J 8 16.64 10.16 13.68
N ALA J 9 17.75 10.70 14.15
CA ALA J 9 17.81 11.16 15.54
C ALA J 9 18.18 12.64 15.56
N ALA J 10 17.67 13.33 16.59
CA ALA J 10 17.71 14.79 16.65
C ALA J 10 19.11 15.40 16.59
N SER J 11 19.13 16.67 16.22
CA SER J 11 20.33 17.49 16.04
C SER J 11 21.51 17.23 16.99
N GLY J 12 21.22 17.34 18.28
CA GLY J 12 22.23 17.66 19.27
C GLY J 12 22.02 19.14 19.52
N LEU J 13 23.12 19.88 19.69
CA LEU J 13 23.13 21.35 19.79
C LEU J 13 24.43 21.79 20.44
#